data_9CZ8
#
_entry.id   9CZ8
#
_cell.length_a   1.00
_cell.length_b   1.00
_cell.length_c   1.00
_cell.angle_alpha   90.00
_cell.angle_beta   90.00
_cell.angle_gamma   90.00
#
_symmetry.space_group_name_H-M   'P 1'
#
loop_
_entity.id
_entity.type
_entity.pdbx_description
1 polymer 'DNA protection during starvation protein'
2 non-polymer 'FE (III) ION'
3 non-polymer 'OXYGEN ATOM'
4 water water
#
_entity_poly.entity_id   1
_entity_poly.type   'polypeptide(L)'
_entity_poly.pdbx_seq_one_letter_code
;IDVEKLLELLIKAAAAEFTTYYYYTILRNHATGLEGEAIKEIIEDARLEDRNHFEALVPRIYELGGELPRDIREFADLAS
CRDAYLPEEPTIENILKVLLEAERCAVGVYTEICNYTFGKDPRTYDLALAILHEEIEHEAWFEELLTGKPSGHFRRGKPG
ESPYVSKFLK
;
_entity_poly.pdbx_strand_id   A,B,C,D,E,F,G,H,I,J,K,L
#
loop_
_chem_comp.id
_chem_comp.type
_chem_comp.name
_chem_comp.formula
FE non-polymer 'FE (III) ION' 'Fe 3'
O non-polymer 'OXYGEN ATOM' O
#
# COMPACT_ATOMS: atom_id res chain seq x y z
N ILE A 1 -18.28 42.89 -0.08
CA ILE A 1 -17.50 42.40 1.05
C ILE A 1 -16.27 43.29 1.29
N ASP A 2 -16.07 43.67 2.54
CA ASP A 2 -14.94 44.50 2.95
C ASP A 2 -13.75 43.57 3.18
N VAL A 3 -12.81 43.55 2.24
CA VAL A 3 -11.73 42.58 2.31
C VAL A 3 -10.81 42.85 3.49
N GLU A 4 -10.61 44.12 3.86
CA GLU A 4 -9.80 44.42 5.04
C GLU A 4 -10.43 43.85 6.29
N LYS A 5 -11.75 44.02 6.45
CA LYS A 5 -12.44 43.43 7.58
C LYS A 5 -12.33 41.91 7.56
N LEU A 6 -12.51 41.29 6.40
CA LEU A 6 -12.38 39.84 6.29
C LEU A 6 -10.96 39.39 6.63
N LEU A 7 -9.95 40.09 6.13
CA LEU A 7 -8.57 39.74 6.43
C LEU A 7 -8.31 39.79 7.93
N GLU A 8 -8.85 40.79 8.61
CA GLU A 8 -8.68 40.88 10.05
C GLU A 8 -9.28 39.66 10.75
N LEU A 9 -10.49 39.25 10.35
CA LEU A 9 -11.09 38.06 10.94
C LEU A 9 -10.24 36.82 10.69
N LEU A 10 -9.73 36.64 9.48
CA LEU A 10 -8.97 35.44 9.17
C LEU A 10 -7.64 35.41 9.91
N ILE A 11 -6.98 36.55 10.03
CA ILE A 11 -5.70 36.58 10.74
C ILE A 11 -5.91 36.29 12.23
N LYS A 12 -6.97 36.85 12.81
CA LYS A 12 -7.29 36.56 14.20
C LYS A 12 -7.66 35.09 14.40
N ALA A 13 -8.38 34.51 13.44
CA ALA A 13 -8.66 33.08 13.49
C ALA A 13 -7.38 32.27 13.40
N ALA A 14 -6.47 32.64 12.50
CA ALA A 14 -5.20 31.93 12.36
C ALA A 14 -4.38 32.00 13.63
N ALA A 15 -4.36 33.17 14.28
CA ALA A 15 -3.64 33.33 15.53
C ALA A 15 -4.21 32.42 16.63
N ALA A 16 -5.53 32.31 16.71
CA ALA A 16 -6.15 31.40 17.66
C ALA A 16 -5.74 29.95 17.40
N GLU A 17 -5.72 29.54 16.12
CA GLU A 17 -5.29 28.18 15.79
C GLU A 17 -3.84 27.94 16.22
N PHE A 18 -2.97 28.88 15.91
CA PHE A 18 -1.55 28.72 16.17
C PHE A 18 -1.27 28.61 17.67
N THR A 19 -1.84 29.51 18.47
CA THR A 19 -1.63 29.45 19.91
C THR A 19 -2.30 28.22 20.53
N THR A 20 -3.42 27.78 19.98
CA THR A 20 -4.04 26.54 20.46
C THR A 20 -3.10 25.37 20.32
N TYR A 21 -2.38 25.31 19.21
CA TYR A 21 -1.37 24.29 19.02
C TYR A 21 -0.37 24.25 20.17
N TYR A 22 0.07 25.43 20.63
CA TYR A 22 0.96 25.46 21.78
C TYR A 22 0.25 25.07 23.07
N TYR A 23 -0.87 25.72 23.39
CA TYR A 23 -1.50 25.51 24.69
C TYR A 23 -2.07 24.09 24.85
N TYR A 24 -2.55 23.47 23.77
CA TYR A 24 -3.04 22.10 23.89
C TYR A 24 -1.91 21.11 24.13
N THR A 25 -0.70 21.44 23.69
CA THR A 25 0.46 20.62 24.01
C THR A 25 0.62 20.50 25.52
N ILE A 26 0.56 21.64 26.21
CA ILE A 26 0.65 21.65 27.67
C ILE A 26 -0.51 20.88 28.29
N LEU A 27 -1.74 21.14 27.83
CA LEU A 27 -2.89 20.48 28.40
C LEU A 27 -2.82 18.97 28.22
N ARG A 28 -2.39 18.52 27.05
CA ARG A 28 -2.23 17.09 26.80
C ARG A 28 -1.25 16.46 27.79
N ASN A 29 -0.11 17.13 28.02
CA ASN A 29 0.88 16.59 28.92
C ASN A 29 0.40 16.50 30.36
N HIS A 30 -0.62 17.25 30.75
CA HIS A 30 -1.14 17.18 32.11
C HIS A 30 -2.39 16.33 32.24
N ALA A 31 -2.80 15.63 31.19
CA ALA A 31 -3.91 14.69 31.26
C ALA A 31 -3.38 13.32 31.71
N THR A 32 -3.05 13.24 33.00
CA THR A 32 -2.32 12.11 33.56
C THR A 32 -3.25 11.20 34.35
N GLY A 33 -2.68 10.09 34.81
CA GLY A 33 -3.44 9.14 35.60
C GLY A 33 -4.40 8.32 34.76
N LEU A 34 -5.18 7.52 35.46
CA LEU A 34 -6.11 6.62 34.77
C LEU A 34 -7.22 7.40 34.06
N GLU A 35 -7.75 8.44 34.70
CA GLU A 35 -8.80 9.21 34.02
C GLU A 35 -8.23 10.16 32.98
N GLY A 36 -7.00 10.62 33.16
CA GLY A 36 -6.33 11.38 32.11
C GLY A 36 -6.16 10.57 30.83
N GLU A 37 -5.91 9.27 30.97
CA GLU A 37 -5.71 8.42 29.81
C GLU A 37 -6.95 8.40 28.91
N ALA A 38 -8.12 8.64 29.48
CA ALA A 38 -9.35 8.68 28.68
C ALA A 38 -9.36 9.84 27.69
N ILE A 39 -8.66 10.94 27.97
CA ILE A 39 -8.79 12.14 27.15
C ILE A 39 -7.52 12.50 26.38
N LYS A 40 -6.38 11.89 26.70
CA LYS A 40 -5.12 12.30 26.09
C LYS A 40 -5.17 12.22 24.57
N GLU A 41 -5.67 11.12 24.02
CA GLU A 41 -5.75 10.97 22.57
C GLU A 41 -6.75 11.95 21.96
N ILE A 42 -7.79 12.31 22.69
CA ILE A 42 -8.77 13.26 22.17
C ILE A 42 -8.17 14.66 22.08
N ILE A 43 -7.42 15.07 23.11
CA ILE A 43 -6.71 16.34 23.04
C ILE A 43 -5.73 16.34 21.88
N GLU A 44 -5.02 15.24 21.68
CA GLU A 44 -4.04 15.17 20.60
C GLU A 44 -4.70 15.27 19.23
N ASP A 45 -5.84 14.60 19.03
CA ASP A 45 -6.61 14.77 17.81
C ASP A 45 -6.94 16.24 17.56
N ALA A 46 -7.50 16.92 18.56
CA ALA A 46 -7.88 18.31 18.40
C ALA A 46 -6.66 19.19 18.13
N ARG A 47 -5.57 18.96 18.86
CA ARG A 47 -4.37 19.77 18.69
C ARG A 47 -3.83 19.69 17.27
N LEU A 48 -3.73 18.49 16.71
CA LEU A 48 -3.18 18.35 15.37
C LEU A 48 -4.12 18.92 14.32
N GLU A 49 -5.43 18.79 14.51
CA GLU A 49 -6.37 19.37 13.56
C GLU A 49 -6.35 20.89 13.62
N ASP A 50 -6.14 21.47 14.80
CA ASP A 50 -6.04 22.92 14.89
C ASP A 50 -4.76 23.43 14.26
N ARG A 51 -3.67 22.66 14.34
CA ARG A 51 -2.48 22.98 13.56
C ARG A 51 -2.80 22.96 12.06
N ASN A 52 -3.56 21.95 11.59
CA ASN A 52 -4.00 21.93 10.20
C ASN A 52 -4.84 23.15 9.84
N HIS A 53 -5.64 23.66 10.78
CA HIS A 53 -6.47 24.82 10.47
C HIS A 53 -5.61 26.04 10.22
N PHE A 54 -4.57 26.25 11.03
CA PHE A 54 -3.59 27.29 10.76
C PHE A 54 -2.99 27.13 9.37
N GLU A 55 -2.57 25.92 9.01
CA GLU A 55 -1.99 25.67 7.69
C GLU A 55 -2.98 25.98 6.58
N ALA A 56 -4.26 25.68 6.79
CA ALA A 56 -5.26 25.95 5.76
C ALA A 56 -5.56 27.43 5.64
N LEU A 57 -5.51 28.19 6.74
CA LEU A 57 -5.88 29.60 6.69
C LEU A 57 -4.82 30.47 6.04
N VAL A 58 -3.53 30.14 6.20
CA VAL A 58 -2.47 31.03 5.72
C VAL A 58 -2.53 31.24 4.21
N PRO A 59 -2.68 30.21 3.36
CA PRO A 59 -2.79 30.48 1.92
C PRO A 59 -3.95 31.40 1.56
N ARG A 60 -5.11 31.26 2.21
CA ARG A 60 -6.22 32.14 1.90
C ARG A 60 -5.93 33.58 2.29
N ILE A 61 -5.27 33.79 3.43
CA ILE A 61 -4.89 35.14 3.84
C ILE A 61 -4.01 35.79 2.77
N TYR A 62 -3.05 35.03 2.22
CA TYR A 62 -2.18 35.61 1.20
C TYR A 62 -2.90 35.77 -0.13
N GLU A 63 -3.77 34.82 -0.51
CA GLU A 63 -4.60 34.98 -1.70
C GLU A 63 -5.38 36.28 -1.67
N LEU A 64 -5.92 36.63 -0.51
CA LEU A 64 -6.70 37.85 -0.37
C LEU A 64 -5.86 39.09 -0.21
N GLY A 65 -4.54 38.99 -0.31
CA GLY A 65 -3.67 40.14 -0.20
C GLY A 65 -3.28 40.53 1.21
N GLY A 66 -3.55 39.69 2.20
CA GLY A 66 -3.10 39.95 3.55
C GLY A 66 -1.76 39.31 3.81
N GLU A 67 -1.27 39.51 5.03
CA GLU A 67 -0.01 38.91 5.43
C GLU A 67 -0.03 38.64 6.92
N LEU A 68 0.78 37.67 7.33
CA LEU A 68 0.98 37.44 8.75
C LEU A 68 1.77 38.59 9.37
N PRO A 69 1.53 38.89 10.64
CA PRO A 69 2.32 39.93 11.32
C PRO A 69 3.80 39.58 11.32
N ARG A 70 4.63 40.61 11.30
CA ARG A 70 6.07 40.44 11.22
C ARG A 70 6.64 39.67 12.42
N ASP A 71 6.15 39.97 13.62
CA ASP A 71 6.63 39.37 14.84
C ASP A 71 5.63 38.34 15.37
N ILE A 72 6.15 37.23 15.87
CA ILE A 72 5.30 36.17 16.40
C ILE A 72 4.52 36.63 17.64
N ARG A 73 5.07 37.57 18.42
CA ARG A 73 4.35 38.03 19.61
C ARG A 73 3.15 38.87 19.23
N GLU A 74 3.28 39.73 18.21
CA GLU A 74 2.11 40.44 17.71
C GLU A 74 1.07 39.48 17.16
N PHE A 75 1.49 38.42 16.47
CA PHE A 75 0.55 37.42 15.99
C PHE A 75 -0.24 36.82 17.13
N ALA A 76 0.45 36.35 18.17
CA ALA A 76 -0.21 35.71 19.30
C ALA A 76 -1.21 36.65 19.97
N ASP A 77 -0.87 37.94 20.08
CA ASP A 77 -1.76 38.93 20.66
C ASP A 77 -3.06 39.11 19.88
N LEU A 78 -3.09 38.74 18.61
CA LEU A 78 -4.28 38.88 17.79
C LEU A 78 -5.30 37.76 17.96
N ALA A 79 -5.00 36.70 18.71
CA ALA A 79 -5.86 35.52 18.72
C ALA A 79 -7.29 35.88 19.15
N SER A 80 -8.26 35.43 18.39
CA SER A 80 -9.65 35.74 18.67
C SER A 80 -10.24 34.94 19.82
N CYS A 81 -9.46 34.07 20.44
CA CYS A 81 -9.84 33.34 21.64
C CYS A 81 -8.89 33.70 22.77
N ARG A 82 -9.37 33.57 24.01
CA ARG A 82 -8.48 33.65 25.15
C ARG A 82 -7.53 32.45 25.15
N ASP A 83 -6.33 32.68 25.65
CA ASP A 83 -5.34 31.61 25.75
C ASP A 83 -5.86 30.49 26.65
N ALA A 84 -5.74 29.25 26.17
CA ALA A 84 -6.19 28.07 26.92
C ALA A 84 -5.13 27.65 27.95
N TYR A 85 -4.95 28.51 28.95
CA TYR A 85 -3.98 28.27 30.01
C TYR A 85 -4.30 27.01 30.81
N LEU A 86 -3.27 26.32 31.22
CA LEU A 86 -3.41 25.26 32.20
C LEU A 86 -4.08 25.82 33.45
N PRO A 87 -5.12 25.16 33.97
CA PRO A 87 -5.78 25.67 35.18
C PRO A 87 -4.85 25.67 36.38
N GLU A 88 -5.11 26.58 37.31
CA GLU A 88 -4.33 26.63 38.55
C GLU A 88 -4.43 25.31 39.32
N GLU A 89 -5.60 24.67 39.30
CA GLU A 89 -5.77 23.32 39.84
C GLU A 89 -5.99 22.38 38.65
N PRO A 90 -4.94 21.80 38.08
CA PRO A 90 -5.08 21.08 36.80
C PRO A 90 -5.62 19.67 36.93
N THR A 91 -6.79 19.53 37.53
CA THR A 91 -7.53 18.27 37.49
C THR A 91 -8.07 18.01 36.08
N ILE A 92 -8.42 16.76 35.81
CA ILE A 92 -8.98 16.41 34.52
C ILE A 92 -10.25 17.21 34.25
N GLU A 93 -11.08 17.37 35.26
CA GLU A 93 -12.31 18.14 35.14
C GLU A 93 -12.03 19.59 34.76
N ASN A 94 -11.06 20.23 35.44
CA ASN A 94 -10.73 21.60 35.11
C ASN A 94 -10.09 21.72 33.74
N ILE A 95 -9.30 20.73 33.33
CA ILE A 95 -8.71 20.77 32.01
C ILE A 95 -9.79 20.69 30.94
N LEU A 96 -10.79 19.83 31.15
CA LEU A 96 -11.88 19.71 30.19
C LEU A 96 -12.65 21.02 30.08
N LYS A 97 -12.84 21.73 31.20
CA LYS A 97 -13.51 23.02 31.13
C LYS A 97 -12.76 24.01 30.25
N VAL A 98 -11.43 24.04 30.35
CA VAL A 98 -10.63 24.91 29.49
C VAL A 98 -10.79 24.50 28.03
N LEU A 99 -10.71 23.21 27.75
CA LEU A 99 -10.84 22.74 26.37
C LEU A 99 -12.20 23.10 25.80
N LEU A 100 -13.27 22.81 26.54
CA LEU A 100 -14.62 23.10 26.05
C LEU A 100 -14.80 24.59 25.77
N GLU A 101 -14.34 25.43 26.68
CA GLU A 101 -14.43 26.88 26.48
C GLU A 101 -13.67 27.31 25.23
N ALA A 102 -12.46 26.80 25.03
CA ALA A 102 -11.70 27.13 23.83
C ALA A 102 -12.42 26.70 22.56
N GLU A 103 -12.99 25.49 22.56
CA GLU A 103 -13.66 25.01 21.35
C GLU A 103 -14.94 25.78 21.08
N ARG A 104 -15.68 26.16 22.12
CA ARG A 104 -16.88 26.96 21.90
C ARG A 104 -16.55 28.31 21.31
N CYS A 105 -15.45 28.93 21.74
CA CYS A 105 -15.03 30.18 21.12
C CYS A 105 -14.65 29.96 19.66
N ALA A 106 -13.96 28.86 19.35
CA ALA A 106 -13.60 28.57 17.96
C ALA A 106 -14.85 28.42 17.09
N VAL A 107 -15.85 27.68 17.57
CA VAL A 107 -17.10 27.54 16.83
C VAL A 107 -17.70 28.91 16.55
N GLY A 108 -17.68 29.80 17.54
CA GLY A 108 -18.15 31.15 17.32
C GLY A 108 -17.37 31.91 16.26
N VAL A 109 -16.05 31.77 16.25
CA VAL A 109 -15.19 32.48 15.31
C VAL A 109 -15.54 32.10 13.86
N TYR A 110 -15.65 30.82 13.58
CA TYR A 110 -15.89 30.42 12.21
C TYR A 110 -17.35 30.60 11.80
N THR A 111 -18.28 30.53 12.75
CA THR A 111 -19.65 30.93 12.48
C THR A 111 -19.72 32.38 12.05
N GLU A 112 -18.97 33.26 12.72
CA GLU A 112 -18.92 34.66 12.32
C GLU A 112 -18.37 34.82 10.91
N ILE A 113 -17.31 34.10 10.56
CA ILE A 113 -16.73 34.25 9.23
C ILE A 113 -17.68 33.71 8.17
N CYS A 114 -18.30 32.55 8.42
CA CYS A 114 -19.30 32.01 7.50
C CYS A 114 -20.44 33.00 7.28
N ASN A 115 -20.96 33.60 8.36
CA ASN A 115 -22.04 34.57 8.20
C ASN A 115 -21.61 35.76 7.38
N TYR A 116 -20.38 36.22 7.56
CA TYR A 116 -19.89 37.38 6.83
C TYR A 116 -19.67 37.09 5.35
N THR A 117 -19.28 35.88 4.99
CA THR A 117 -18.94 35.57 3.62
C THR A 117 -20.04 34.86 2.84
N PHE A 118 -21.13 34.46 3.49
CA PHE A 118 -22.17 33.66 2.84
C PHE A 118 -22.74 34.39 1.63
N GLY A 119 -22.65 33.75 0.47
CA GLY A 119 -23.09 34.34 -0.78
C GLY A 119 -22.28 35.52 -1.28
N LYS A 120 -21.05 35.68 -0.82
CA LYS A 120 -20.21 36.80 -1.24
C LYS A 120 -18.81 36.35 -1.63
N ASP A 121 -18.15 35.56 -0.78
CA ASP A 121 -16.80 35.03 -1.03
C ASP A 121 -16.88 33.52 -0.93
N PRO A 122 -17.22 32.82 -2.02
CA PRO A 122 -17.48 31.37 -1.90
C PRO A 122 -16.27 30.56 -1.46
N ARG A 123 -15.07 30.87 -1.94
CA ARG A 123 -13.90 30.11 -1.51
C ARG A 123 -13.67 30.28 -0.01
N THR A 124 -13.71 31.52 0.49
CA THR A 124 -13.49 31.75 1.92
C THR A 124 -14.60 31.10 2.75
N TYR A 125 -15.86 31.23 2.31
CA TYR A 125 -16.96 30.60 3.01
C TYR A 125 -16.74 29.09 3.13
N ASP A 126 -16.35 28.44 2.03
CA ASP A 126 -16.15 27.01 2.04
C ASP A 126 -14.99 26.60 2.97
N LEU A 127 -13.95 27.41 3.02
CA LEU A 127 -12.86 27.16 3.95
C LEU A 127 -13.31 27.34 5.39
N ALA A 128 -13.99 28.45 5.69
CA ALA A 128 -14.55 28.65 7.02
C ALA A 128 -15.48 27.51 7.40
N LEU A 129 -16.32 27.06 6.48
CA LEU A 129 -17.22 25.95 6.75
C LEU A 129 -16.46 24.67 7.06
N ALA A 130 -15.43 24.36 6.27
CA ALA A 130 -14.65 23.15 6.51
C ALA A 130 -14.05 23.16 7.92
N ILE A 131 -13.48 24.29 8.33
CA ILE A 131 -12.94 24.37 9.68
C ILE A 131 -14.06 24.29 10.71
N LEU A 132 -15.20 24.94 10.44
CA LEU A 132 -16.34 24.89 11.35
C LEU A 132 -16.79 23.46 11.60
N HIS A 133 -16.84 22.62 10.56
CA HIS A 133 -17.15 21.19 10.77
C HIS A 133 -16.27 20.60 11.85
N GLU A 134 -14.96 20.82 11.76
CA GLU A 134 -14.04 20.21 12.70
C GLU A 134 -14.15 20.82 14.09
N GLU A 135 -14.43 22.12 14.19
CA GLU A 135 -14.59 22.72 15.51
C GLU A 135 -15.86 22.23 16.19
N ILE A 136 -16.96 22.07 15.44
CA ILE A 136 -18.18 21.53 16.03
C ILE A 136 -17.94 20.11 16.54
N GLU A 137 -17.16 19.32 15.80
CA GLU A 137 -16.80 18.00 16.28
C GLU A 137 -15.92 18.06 17.52
N HIS A 138 -14.93 18.95 17.54
CA HIS A 138 -14.09 19.12 18.73
C HIS A 138 -14.94 19.49 19.94
N GLU A 139 -15.85 20.45 19.77
CA GLU A 139 -16.73 20.84 20.86
C GLU A 139 -17.56 19.65 21.33
N ALA A 140 -18.06 18.84 20.41
CA ALA A 140 -18.84 17.67 20.76
C ALA A 140 -18.02 16.67 21.59
N TRP A 141 -16.79 16.37 21.17
CA TRP A 141 -15.92 15.48 21.94
C TRP A 141 -15.82 15.92 23.39
N PHE A 142 -15.49 17.18 23.62
CA PHE A 142 -15.24 17.64 24.97
C PHE A 142 -16.53 17.80 25.77
N GLU A 143 -17.62 18.24 25.15
CA GLU A 143 -18.89 18.32 25.87
C GLU A 143 -19.37 16.94 26.31
N GLU A 144 -19.15 15.92 25.48
CA GLU A 144 -19.50 14.57 25.88
C GLU A 144 -18.67 14.11 27.08
N LEU A 145 -17.36 14.34 27.03
CA LEU A 145 -16.49 13.91 28.13
C LEU A 145 -16.83 14.63 29.43
N LEU A 146 -17.20 15.90 29.35
CA LEU A 146 -17.37 16.72 30.54
C LEU A 146 -18.78 16.64 31.10
N THR A 147 -19.80 16.85 30.29
CA THR A 147 -21.17 16.94 30.75
C THR A 147 -21.98 15.67 30.53
N GLY A 148 -21.47 14.71 29.77
CA GLY A 148 -22.23 13.52 29.45
C GLY A 148 -23.32 13.68 28.40
N LYS A 149 -23.32 14.78 27.64
CA LYS A 149 -24.26 14.91 26.54
C LYS A 149 -24.00 13.83 25.50
N PRO A 150 -25.01 13.06 25.11
CA PRO A 150 -24.80 12.02 24.09
C PRO A 150 -24.30 12.62 22.79
N SER A 151 -23.50 11.84 22.09
CA SER A 151 -22.99 12.24 20.79
C SER A 151 -22.65 11.00 20.00
N GLY A 152 -22.65 11.14 18.68
CA GLY A 152 -22.31 10.02 17.84
C GLY A 152 -20.92 10.09 17.26
N HIS A 153 -19.96 10.67 17.97
CA HIS A 153 -18.62 10.79 17.43
C HIS A 153 -17.64 9.79 18.03
N PHE A 154 -16.62 9.47 17.25
CA PHE A 154 -15.54 8.55 17.62
C PHE A 154 -14.25 9.35 17.62
N ARG A 155 -13.18 8.66 17.99
CA ARG A 155 -11.86 9.15 17.67
C ARG A 155 -11.67 9.13 16.17
N ARG A 156 -10.77 9.98 15.70
CA ARG A 156 -10.37 10.00 14.30
C ARG A 156 -9.72 8.67 13.94
N GLY A 157 -9.52 8.42 12.65
CA GLY A 157 -8.67 7.31 12.25
C GLY A 157 -7.28 7.53 12.79
N LYS A 158 -6.55 8.34 12.15
CA LYS A 158 -5.26 8.81 12.62
C LYS A 158 -5.41 10.18 13.25
N PRO A 159 -4.57 10.53 14.23
CA PRO A 159 -4.59 11.88 14.77
C PRO A 159 -4.23 12.90 13.71
N GLY A 160 -4.95 14.02 13.72
CA GLY A 160 -4.76 15.04 12.71
C GLY A 160 -5.28 14.68 11.34
N GLU A 161 -6.23 13.76 11.26
CA GLU A 161 -6.78 13.36 9.97
C GLU A 161 -7.40 14.55 9.24
N SER A 162 -8.10 15.42 9.95
CA SER A 162 -8.83 16.56 9.38
C SER A 162 -9.64 16.17 8.15
N PRO A 163 -10.67 15.34 8.29
CA PRO A 163 -11.39 14.88 7.09
C PRO A 163 -12.06 16.00 6.31
N TYR A 164 -12.45 17.10 6.95
CA TYR A 164 -13.13 18.16 6.23
C TYR A 164 -12.18 19.18 5.61
N VAL A 165 -11.05 19.47 6.25
CA VAL A 165 -10.19 20.53 5.75
CA VAL A 165 -10.15 20.52 5.81
C VAL A 165 -9.05 19.99 4.88
N SER A 166 -8.88 18.66 4.80
CA SER A 166 -7.73 18.10 4.08
C SER A 166 -7.67 18.53 2.62
N LYS A 167 -8.81 18.74 1.96
CA LYS A 167 -8.81 19.24 0.59
C LYS A 167 -8.12 20.61 0.47
N PHE A 168 -8.03 21.38 1.55
CA PHE A 168 -7.28 22.63 1.54
C PHE A 168 -5.82 22.45 1.93
N LEU A 169 -5.38 21.27 2.30
CA LEU A 169 -4.04 21.07 2.83
C LEU A 169 -3.10 20.51 1.77
N LYS A 170 -1.86 20.95 1.81
CA LYS A 170 -0.84 20.46 0.88
C LYS A 170 -0.14 19.22 1.42
N ILE B 1 -31.54 -33.45 7.73
CA ILE B 1 -31.75 -32.10 8.22
C ILE B 1 -33.03 -31.49 7.63
N ASP B 2 -33.84 -30.90 8.50
CA ASP B 2 -35.10 -30.25 8.11
C ASP B 2 -34.76 -28.83 7.67
N VAL B 3 -34.75 -28.59 6.36
CA VAL B 3 -34.29 -27.32 5.84
C VAL B 3 -35.23 -26.18 6.24
N GLU B 4 -36.53 -26.44 6.34
CA GLU B 4 -37.46 -25.41 6.80
C GLU B 4 -37.15 -24.99 8.22
N LYS B 5 -36.89 -25.96 9.11
CA LYS B 5 -36.49 -25.63 10.47
C LYS B 5 -35.18 -24.86 10.49
N LEU B 6 -34.20 -25.28 9.70
CA LEU B 6 -32.94 -24.57 9.64
C LEU B 6 -33.13 -23.15 9.11
N LEU B 7 -33.94 -22.97 8.06
CA LEU B 7 -34.20 -21.65 7.52
C LEU B 7 -34.81 -20.74 8.58
N GLU B 8 -35.73 -21.26 9.38
CA GLU B 8 -36.33 -20.47 10.44
C GLU B 8 -35.28 -19.99 11.43
N LEU B 9 -34.37 -20.88 11.85
CA LEU B 9 -33.29 -20.49 12.76
C LEU B 9 -32.42 -19.41 12.14
N LEU B 10 -32.05 -19.55 10.87
CA LEU B 10 -31.15 -18.59 10.26
C LEU B 10 -31.81 -17.23 10.09
N ILE B 11 -33.09 -17.21 9.71
CA ILE B 11 -33.78 -15.94 9.55
C ILE B 11 -33.93 -15.22 10.89
N LYS B 12 -34.25 -15.97 11.94
CA LYS B 12 -34.33 -15.38 13.27
C LYS B 12 -32.98 -14.88 13.74
N ALA B 13 -31.90 -15.61 13.44
CA ALA B 13 -30.56 -15.12 13.74
C ALA B 13 -30.26 -13.85 12.96
N ALA B 14 -30.60 -13.81 11.68
CA ALA B 14 -30.37 -12.61 10.87
C ALA B 14 -31.13 -11.41 11.41
N ALA B 15 -32.36 -11.63 11.85
CA ALA B 15 -33.16 -10.55 12.43
C ALA B 15 -32.52 -10.01 13.71
N ALA B 16 -31.99 -10.89 14.56
CA ALA B 16 -31.28 -10.44 15.75
C ALA B 16 -30.06 -9.60 15.40
N GLU B 17 -29.29 -10.02 14.38
CA GLU B 17 -28.14 -9.23 13.96
C GLU B 17 -28.55 -7.86 13.47
N PHE B 18 -29.59 -7.79 12.64
CA PHE B 18 -30.02 -6.54 12.03
C PHE B 18 -30.50 -5.55 13.09
N THR B 19 -31.35 -6.00 14.01
CA THR B 19 -31.83 -5.11 15.06
C THR B 19 -30.72 -4.72 16.03
N THR B 20 -29.76 -5.61 16.27
CA THR B 20 -28.63 -5.27 17.12
C THR B 20 -27.87 -4.08 16.53
N TYR B 21 -27.69 -4.07 15.21
CA TYR B 21 -27.09 -2.95 14.53
C TYR B 21 -27.78 -1.64 14.89
N TYR B 22 -29.10 -1.62 14.91
CA TYR B 22 -29.81 -0.42 15.32
C TYR B 22 -29.63 -0.13 16.81
N TYR B 23 -29.92 -1.10 17.68
CA TYR B 23 -29.93 -0.83 19.11
C TYR B 23 -28.54 -0.51 19.67
N TYR B 24 -27.48 -1.09 19.13
CA TYR B 24 -26.14 -0.76 19.60
C TYR B 24 -25.74 0.64 19.20
N THR B 25 -26.30 1.17 18.11
CA THR B 25 -26.07 2.56 17.75
C THR B 25 -26.52 3.48 18.88
N ILE B 26 -27.72 3.25 19.40
CA ILE B 26 -28.23 4.04 20.52
C ILE B 26 -27.35 3.83 21.75
N LEU B 27 -27.02 2.59 22.08
CA LEU B 27 -26.22 2.33 23.27
C LEU B 27 -24.85 3.00 23.17
N ARG B 28 -24.22 2.95 22.01
CA ARG B 28 -22.94 3.60 21.81
C ARG B 28 -23.05 5.10 22.08
N ASN B 29 -24.08 5.74 21.56
CA ASN B 29 -24.25 7.17 21.74
C ASN B 29 -24.46 7.56 23.20
N HIS B 30 -24.90 6.66 24.05
CA HIS B 30 -25.11 6.98 25.46
C HIS B 30 -23.96 6.53 26.36
N ALA B 31 -22.87 6.03 25.79
CA ALA B 31 -21.68 5.69 26.57
C ALA B 31 -20.79 6.93 26.71
N THR B 32 -21.26 7.84 27.56
CA THR B 32 -20.70 9.18 27.67
C THR B 32 -19.82 9.32 28.91
N GLY B 33 -19.19 10.48 29.03
CA GLY B 33 -18.35 10.75 30.16
C GLY B 33 -17.03 10.02 30.11
N LEU B 34 -16.26 10.16 31.19
CA LEU B 34 -14.94 9.55 31.23
C LEU B 34 -15.03 8.03 31.26
N GLU B 35 -15.95 7.46 32.02
CA GLU B 35 -16.06 6.00 32.03
C GLU B 35 -16.76 5.47 30.78
N GLY B 36 -17.65 6.25 30.18
CA GLY B 36 -18.19 5.87 28.89
C GLY B 36 -17.14 5.74 27.81
N GLU B 37 -16.12 6.59 27.86
CA GLU B 37 -15.07 6.55 26.87
C GLU B 37 -14.34 5.22 26.86
N ALA B 38 -14.33 4.52 28.00
CA ALA B 38 -13.69 3.22 28.07
C ALA B 38 -14.39 2.18 27.19
N ILE B 39 -15.69 2.31 26.94
CA ILE B 39 -16.44 1.26 26.26
C ILE B 39 -16.95 1.65 24.88
N LYS B 40 -16.90 2.92 24.51
CA LYS B 40 -17.49 3.36 23.26
C LYS B 40 -16.92 2.60 22.06
N GLU B 41 -15.59 2.49 21.98
CA GLU B 41 -14.98 1.78 20.87
C GLU B 41 -15.29 0.29 20.89
N ILE B 42 -15.49 -0.29 22.07
CA ILE B 42 -15.83 -1.70 22.15
C ILE B 42 -17.24 -1.95 21.65
N ILE B 43 -18.19 -1.08 22.00
CA ILE B 43 -19.54 -1.19 21.45
C ILE B 43 -19.50 -1.05 19.94
N GLU B 44 -18.69 -0.11 19.43
CA GLU B 44 -18.63 0.11 17.99
C GLU B 44 -18.05 -1.10 17.27
N ASP B 45 -17.01 -1.71 17.81
CA ASP B 45 -16.50 -2.97 17.26
C ASP B 45 -17.60 -4.02 17.16
N ALA B 46 -18.33 -4.24 18.25
CA ALA B 46 -19.38 -5.27 18.24
C ALA B 46 -20.49 -4.91 17.26
N ARG B 47 -20.89 -3.64 17.22
CA ARG B 47 -21.97 -3.21 16.33
C ARG B 47 -21.62 -3.48 14.86
N LEU B 48 -20.41 -3.12 14.44
CA LEU B 48 -20.04 -3.31 13.05
C LEU B 48 -19.89 -4.79 12.71
N GLU B 49 -19.39 -5.60 13.64
CA GLU B 49 -19.27 -7.02 13.37
C GLU B 49 -20.64 -7.69 13.31
N ASP B 50 -21.60 -7.23 14.11
CA ASP B 50 -22.95 -7.78 14.02
C ASP B 50 -23.63 -7.39 12.72
N ARG B 51 -23.35 -6.19 12.21
CA ARG B 51 -23.78 -5.86 10.86
C ARG B 51 -23.17 -6.82 9.84
N ASN B 52 -21.88 -7.14 9.98
CA ASN B 52 -21.26 -8.13 9.11
C ASN B 52 -21.93 -9.50 9.22
N HIS B 53 -22.41 -9.86 10.41
CA HIS B 53 -23.05 -11.16 10.57
C HIS B 53 -24.35 -11.23 9.78
N PHE B 54 -25.14 -10.16 9.82
CA PHE B 54 -26.31 -10.05 8.95
C PHE B 54 -25.93 -10.22 7.48
N GLU B 55 -24.89 -9.53 7.04
CA GLU B 55 -24.44 -9.63 5.64
C GLU B 55 -24.01 -11.05 5.31
N ALA B 56 -23.38 -11.75 6.25
CA ALA B 56 -22.94 -13.12 5.98
C ALA B 56 -24.11 -14.09 5.96
N LEU B 57 -25.15 -13.86 6.76
CA LEU B 57 -26.25 -14.81 6.84
C LEU B 57 -27.18 -14.77 5.64
N VAL B 58 -27.38 -13.59 5.05
CA VAL B 58 -28.37 -13.45 3.97
C VAL B 58 -28.06 -14.35 2.77
N PRO B 59 -26.82 -14.40 2.24
CA PRO B 59 -26.56 -15.32 1.12
C PRO B 59 -26.86 -16.77 1.45
N ARG B 60 -26.54 -17.23 2.66
CA ARG B 60 -26.83 -18.62 3.00
C ARG B 60 -28.34 -18.88 3.05
N ILE B 61 -29.11 -17.93 3.58
CA ILE B 61 -30.56 -18.07 3.59
C ILE B 61 -31.09 -18.25 2.17
N TYR B 62 -30.59 -17.47 1.21
CA TYR B 62 -31.06 -17.60 -0.16
C TYR B 62 -30.52 -18.87 -0.82
N GLU B 63 -29.27 -19.23 -0.56
CA GLU B 63 -28.73 -20.51 -1.04
C GLU B 63 -29.63 -21.68 -0.65
N LEU B 64 -30.13 -21.67 0.57
CA LEU B 64 -30.97 -22.74 1.07
C LEU B 64 -32.42 -22.63 0.61
N GLY B 65 -32.74 -21.65 -0.23
CA GLY B 65 -34.09 -21.49 -0.73
C GLY B 65 -35.02 -20.70 0.16
N GLY B 66 -34.51 -20.02 1.18
CA GLY B 66 -35.33 -19.14 1.98
C GLY B 66 -35.31 -17.73 1.45
N GLU B 67 -36.04 -16.86 2.14
CA GLU B 67 -36.07 -15.46 1.77
C GLU B 67 -36.31 -14.60 3.00
N LEU B 68 -35.86 -13.36 2.93
CA LEU B 68 -36.19 -12.40 3.96
C LEU B 68 -37.67 -12.06 3.94
N PRO B 69 -38.27 -11.75 5.08
CA PRO B 69 -39.67 -11.31 5.09
C PRO B 69 -39.88 -10.06 4.25
N ARG B 70 -41.06 -9.94 3.68
CA ARG B 70 -41.38 -8.84 2.78
C ARG B 70 -41.28 -7.49 3.48
N ASP B 71 -41.75 -7.39 4.71
CA ASP B 71 -41.79 -6.14 5.46
C ASP B 71 -40.71 -6.15 6.54
N ILE B 72 -40.07 -5.00 6.71
CA ILE B 72 -39.01 -4.87 7.71
C ILE B 72 -39.55 -5.05 9.14
N ARG B 73 -40.81 -4.69 9.38
CA ARG B 73 -41.36 -4.84 10.73
C ARG B 73 -41.57 -6.32 11.08
N GLU B 74 -42.04 -7.12 10.11
CA GLU B 74 -42.11 -8.56 10.34
C GLU B 74 -40.73 -9.15 10.59
N PHE B 75 -39.72 -8.68 9.84
CA PHE B 75 -38.35 -9.15 10.07
C PHE B 75 -37.91 -8.88 11.50
N ALA B 76 -38.08 -7.64 11.96
CA ALA B 76 -37.65 -7.29 13.31
C ALA B 76 -38.35 -8.12 14.37
N ASP B 77 -39.64 -8.42 14.17
CA ASP B 77 -40.40 -9.24 15.09
C ASP B 77 -39.85 -10.66 15.23
N LEU B 78 -39.11 -11.14 14.23
CA LEU B 78 -38.56 -12.49 14.26
C LEU B 78 -37.28 -12.63 15.07
N ALA B 79 -36.69 -11.55 15.57
CA ALA B 79 -35.36 -11.63 16.16
C ALA B 79 -35.33 -12.63 17.32
N SER B 80 -34.35 -13.51 17.30
CA SER B 80 -34.25 -14.55 18.32
C SER B 80 -33.70 -14.03 19.65
N CYS B 81 -33.39 -12.75 19.75
CA CYS B 81 -33.01 -12.09 20.99
C CYS B 81 -34.03 -11.01 21.33
N ARG B 82 -34.14 -10.69 22.62
CA ARG B 82 -34.88 -9.50 23.01
C ARG B 82 -34.15 -8.26 22.55
N ASP B 83 -34.92 -7.23 22.22
CA ASP B 83 -34.35 -5.96 21.80
C ASP B 83 -33.46 -5.38 22.91
N ALA B 84 -32.27 -4.94 22.54
CA ALA B 84 -31.31 -4.36 23.48
C ALA B 84 -31.64 -2.87 23.73
N TYR B 85 -32.78 -2.65 24.37
CA TYR B 85 -33.24 -1.30 24.67
C TYR B 85 -32.28 -0.57 25.59
N LEU B 86 -32.15 0.73 25.37
CA LEU B 86 -31.49 1.59 26.32
C LEU B 86 -32.15 1.46 27.68
N PRO B 87 -31.39 1.26 28.75
CA PRO B 87 -31.99 1.12 30.08
C PRO B 87 -32.69 2.41 30.51
N GLU B 88 -33.71 2.25 31.35
CA GLU B 88 -34.42 3.41 31.89
C GLU B 88 -33.48 4.33 32.66
N GLU B 89 -32.51 3.77 33.38
CA GLU B 89 -31.42 4.52 34.00
C GLU B 89 -30.14 4.22 33.24
N PRO B 90 -29.80 4.98 32.21
CA PRO B 90 -28.71 4.58 31.29
C PRO B 90 -27.31 4.90 31.81
N THR B 91 -26.98 4.40 32.99
CA THR B 91 -25.61 4.43 33.47
C THR B 91 -24.74 3.45 32.67
N ILE B 92 -23.43 3.65 32.74
CA ILE B 92 -22.51 2.76 32.05
C ILE B 92 -22.70 1.33 32.51
N GLU B 93 -22.87 1.14 33.82
CA GLU B 93 -23.09 -0.18 34.38
C GLU B 93 -24.35 -0.84 33.81
N ASN B 94 -25.46 -0.09 33.76
CA ASN B 94 -26.68 -0.66 33.20
C ASN B 94 -26.58 -0.90 31.70
N ILE B 95 -25.83 -0.06 30.98
CA ILE B 95 -25.64 -0.30 29.56
C ILE B 95 -24.85 -1.58 29.34
N LEU B 96 -23.82 -1.82 30.15
CA LEU B 96 -23.05 -3.04 30.02
C LEU B 96 -23.91 -4.28 30.30
N LYS B 97 -24.82 -4.20 31.26
CA LYS B 97 -25.71 -5.31 31.52
C LYS B 97 -26.55 -5.66 30.29
N VAL B 98 -27.06 -4.64 29.59
CA VAL B 98 -27.83 -4.88 28.37
C VAL B 98 -26.95 -5.53 27.31
N LEU B 99 -25.75 -5.01 27.13
CA LEU B 99 -24.84 -5.56 26.13
C LEU B 99 -24.50 -7.01 26.43
N LEU B 100 -24.12 -7.30 27.67
CA LEU B 100 -23.76 -8.67 28.04
C LEU B 100 -24.92 -9.63 27.83
N GLU B 101 -26.11 -9.23 28.24
CA GLU B 101 -27.29 -10.07 28.03
C GLU B 101 -27.54 -10.34 26.54
N ALA B 102 -27.43 -9.30 25.70
CA ALA B 102 -27.60 -9.50 24.27
C ALA B 102 -26.56 -10.45 23.70
N GLU B 103 -25.31 -10.32 24.11
CA GLU B 103 -24.26 -11.16 23.56
C GLU B 103 -24.40 -12.61 24.03
N ARG B 104 -24.83 -12.81 25.28
CA ARG B 104 -25.05 -14.17 25.76
C ARG B 104 -26.17 -14.86 24.99
N CYS B 105 -27.23 -14.12 24.66
CA CYS B 105 -28.28 -14.70 23.83
C CYS B 105 -27.74 -15.03 22.44
N ALA B 106 -26.91 -14.17 21.86
CA ALA B 106 -26.33 -14.47 20.54
C ALA B 106 -25.49 -15.73 20.58
N VAL B 107 -24.65 -15.88 21.60
CA VAL B 107 -23.86 -17.11 21.74
C VAL B 107 -24.76 -18.32 21.78
N GLY B 108 -25.88 -18.24 22.50
CA GLY B 108 -26.84 -19.32 22.52
C GLY B 108 -27.43 -19.62 21.15
N VAL B 109 -27.76 -18.58 20.38
CA VAL B 109 -28.38 -18.76 19.07
C VAL B 109 -27.46 -19.54 18.13
N TYR B 110 -26.20 -19.17 18.05
CA TYR B 110 -25.32 -19.84 17.11
C TYR B 110 -24.85 -21.20 17.62
N THR B 111 -24.78 -21.38 18.94
CA THR B 111 -24.57 -22.71 19.49
C THR B 111 -25.69 -23.65 19.09
N GLU B 112 -26.94 -23.18 19.13
CA GLU B 112 -28.07 -23.99 18.69
C GLU B 112 -27.94 -24.36 17.21
N ILE B 113 -27.55 -23.41 16.36
CA ILE B 113 -27.45 -23.70 14.93
C ILE B 113 -26.31 -24.67 14.67
N CYS B 114 -25.16 -24.48 15.31
CA CYS B 114 -24.04 -25.40 15.19
C CYS B 114 -24.45 -26.81 15.61
N ASN B 115 -25.16 -26.94 16.74
CA ASN B 115 -25.58 -28.26 17.19
C ASN B 115 -26.52 -28.91 16.19
N TYR B 116 -27.40 -28.13 15.58
CA TYR B 116 -28.37 -28.67 14.63
C TYR B 116 -27.70 -29.10 13.32
N THR B 117 -26.65 -28.43 12.89
CA THR B 117 -26.05 -28.71 11.60
C THR B 117 -24.80 -29.58 11.66
N PHE B 118 -24.28 -29.87 12.86
CA PHE B 118 -23.01 -30.58 12.99
C PHE B 118 -23.07 -31.94 12.29
N GLY B 119 -22.16 -32.15 11.36
CA GLY B 119 -22.14 -33.36 10.56
C GLY B 119 -23.29 -33.55 9.60
N LYS B 120 -24.00 -32.50 9.24
CA LYS B 120 -25.14 -32.61 8.34
C LYS B 120 -25.10 -31.57 7.23
N ASP B 121 -24.90 -30.29 7.58
CA ASP B 121 -24.81 -29.18 6.63
C ASP B 121 -23.48 -28.48 6.86
N PRO B 122 -22.40 -28.95 6.23
CA PRO B 122 -21.08 -28.40 6.57
C PRO B 122 -20.91 -26.92 6.27
N ARG B 123 -21.44 -26.42 5.16
CA ARG B 123 -21.32 -24.99 4.88
C ARG B 123 -22.03 -24.15 5.95
N THR B 124 -23.27 -24.51 6.29
CA THR B 124 -24.00 -23.77 7.30
C THR B 124 -23.33 -23.88 8.67
N TYR B 125 -22.87 -25.07 9.03
CA TYR B 125 -22.14 -25.24 10.28
C TYR B 125 -20.94 -24.32 10.35
N ASP B 126 -20.14 -24.27 9.28
CA ASP B 126 -18.95 -23.44 9.27
C ASP B 126 -19.28 -21.96 9.37
N LEU B 127 -20.38 -21.54 8.74
CA LEU B 127 -20.83 -20.16 8.88
C LEU B 127 -21.30 -19.86 10.30
N ALA B 128 -22.14 -20.73 10.86
CA ALA B 128 -22.55 -20.59 12.24
C ALA B 128 -21.35 -20.55 13.19
N LEU B 129 -20.37 -21.42 12.96
CA LEU B 129 -19.16 -21.43 13.78
C LEU B 129 -18.39 -20.12 13.67
N ALA B 130 -18.22 -19.60 12.45
CA ALA B 130 -17.50 -18.35 12.27
C ALA B 130 -18.17 -17.22 13.06
N ILE B 131 -19.49 -17.12 12.98
CA ILE B 131 -20.18 -16.10 13.75
C ILE B 131 -20.06 -16.38 15.24
N LEU B 132 -20.15 -17.65 15.64
CA LEU B 132 -20.01 -18.02 17.05
C LEU B 132 -18.68 -17.56 17.62
N HIS B 133 -17.58 -17.71 16.87
CA HIS B 133 -16.28 -17.18 17.30
C HIS B 133 -16.42 -15.72 17.70
N GLU B 134 -17.03 -14.91 16.85
CA GLU B 134 -17.10 -13.48 17.11
C GLU B 134 -18.06 -13.17 18.26
N GLU B 135 -19.14 -13.91 18.41
CA GLU B 135 -20.04 -13.68 19.54
C GLU B 135 -19.39 -14.04 20.87
N ILE B 136 -18.63 -15.14 20.91
CA ILE B 136 -17.92 -15.50 22.14
C ILE B 136 -16.92 -14.42 22.50
N GLU B 137 -16.25 -13.83 21.50
CA GLU B 137 -15.35 -12.73 21.77
C GLU B 137 -16.11 -11.49 22.25
N HIS B 138 -17.25 -11.16 21.63
CA HIS B 138 -18.07 -10.05 22.09
C HIS B 138 -18.49 -10.24 23.54
N GLU B 139 -18.98 -11.43 23.87
CA GLU B 139 -19.36 -11.72 25.24
C GLU B 139 -18.18 -11.55 26.19
N ALA B 140 -17.00 -12.00 25.79
CA ALA B 140 -15.81 -11.85 26.62
C ALA B 140 -15.48 -10.38 26.87
N TRP B 141 -15.51 -9.55 25.83
CA TRP B 141 -15.25 -8.11 26.01
C TRP B 141 -16.15 -7.51 27.08
N PHE B 142 -17.45 -7.77 27.00
CA PHE B 142 -18.37 -7.12 27.91
C PHE B 142 -18.34 -7.74 29.30
N GLU B 143 -18.14 -9.06 29.41
CA GLU B 143 -18.01 -9.67 30.72
C GLU B 143 -16.78 -9.17 31.45
N GLU B 144 -15.68 -8.94 30.72
CA GLU B 144 -14.49 -8.37 31.34
C GLU B 144 -14.77 -6.95 31.85
N LEU B 145 -15.40 -6.12 31.04
CA LEU B 145 -15.68 -4.75 31.44
C LEU B 145 -16.61 -4.69 32.65
N LEU B 146 -17.58 -5.59 32.71
CA LEU B 146 -18.63 -5.51 33.72
C LEU B 146 -18.26 -6.22 35.01
N THR B 147 -17.82 -7.48 34.93
CA THR B 147 -17.58 -8.31 36.10
C THR B 147 -16.11 -8.41 36.48
N GLY B 148 -15.19 -7.96 35.63
CA GLY B 148 -13.79 -8.13 35.90
C GLY B 148 -13.23 -9.52 35.67
N LYS B 149 -13.94 -10.41 34.99
CA LYS B 149 -13.39 -11.70 34.63
C LYS B 149 -12.18 -11.53 33.72
N PRO B 150 -11.03 -12.10 34.05
CA PRO B 150 -9.86 -11.96 33.17
C PRO B 150 -10.13 -12.52 31.78
N SER B 151 -9.49 -11.91 30.80
CA SER B 151 -9.62 -12.37 29.42
C SER B 151 -8.38 -11.93 28.68
N GLY B 152 -8.08 -12.64 27.60
CA GLY B 152 -6.94 -12.29 26.80
C GLY B 152 -7.28 -11.57 25.51
N HIS B 153 -8.35 -10.79 25.48
CA HIS B 153 -8.74 -10.13 24.25
C HIS B 153 -8.39 -8.65 24.23
N PHE B 154 -8.19 -8.13 23.03
CA PHE B 154 -7.89 -6.73 22.75
C PHE B 154 -9.03 -6.15 21.94
N ARG B 155 -8.91 -4.86 21.67
CA ARG B 155 -9.69 -4.28 20.61
C ARG B 155 -9.26 -4.87 19.28
N ARG B 156 -10.16 -4.84 18.32
CA ARG B 156 -9.87 -5.24 16.95
C ARG B 156 -8.81 -4.33 16.37
N GLY B 157 -8.24 -4.70 15.22
CA GLY B 157 -7.42 -3.76 14.49
C GLY B 157 -8.26 -2.57 14.09
N LYS B 158 -9.02 -2.72 13.09
CA LYS B 158 -10.03 -1.76 12.68
C LYS B 158 -11.40 -2.19 13.19
N PRO B 159 -12.29 -1.26 13.46
CA PRO B 159 -13.66 -1.63 13.82
C PRO B 159 -14.35 -2.38 12.69
N GLY B 160 -15.08 -3.43 13.04
CA GLY B 160 -15.73 -4.25 12.04
C GLY B 160 -14.80 -5.14 11.27
N GLU B 161 -13.63 -5.45 11.82
CA GLU B 161 -12.67 -6.30 11.12
C GLU B 161 -13.26 -7.67 10.82
N SER B 162 -14.03 -8.24 11.75
CA SER B 162 -14.60 -9.59 11.63
C SER B 162 -13.58 -10.61 11.13
N PRO B 163 -12.54 -10.91 11.91
CA PRO B 163 -11.49 -11.82 11.40
C PRO B 163 -12.01 -13.22 11.07
N TYR B 164 -13.04 -13.70 11.75
CA TYR B 164 -13.53 -15.05 11.50
C TYR B 164 -14.54 -15.13 10.36
N VAL B 165 -15.40 -14.13 10.21
CA VAL B 165 -16.46 -14.23 9.22
CA VAL B 165 -16.49 -14.16 9.24
C VAL B 165 -16.10 -13.56 7.90
N SER B 166 -14.96 -12.86 7.82
CA SER B 166 -14.63 -12.12 6.60
C SER B 166 -14.56 -12.99 5.35
N LYS B 167 -14.14 -14.26 5.48
CA LYS B 167 -14.15 -15.15 4.33
C LYS B 167 -15.55 -15.34 3.74
N PHE B 168 -16.61 -15.10 4.51
CA PHE B 168 -17.96 -15.14 3.98
C PHE B 168 -18.44 -13.80 3.44
N LEU B 169 -17.66 -12.73 3.57
CA LEU B 169 -18.12 -11.40 3.23
C LEU B 169 -17.60 -10.97 1.86
N LYS B 170 -18.42 -10.24 1.14
CA LYS B 170 -18.05 -9.72 -0.18
C LYS B 170 -17.36 -8.37 -0.06
N ILE C 1 37.86 -3.83 26.97
CA ILE C 1 36.57 -4.37 27.40
C ILE C 1 36.67 -5.88 27.63
N ASP C 2 36.15 -6.32 28.76
CA ASP C 2 36.13 -7.74 29.14
C ASP C 2 34.90 -8.37 28.48
N VAL C 3 35.11 -9.12 27.42
CA VAL C 3 33.99 -9.64 26.63
C VAL C 3 33.19 -10.65 27.44
N GLU C 4 33.83 -11.44 28.29
CA GLU C 4 33.09 -12.37 29.14
C GLU C 4 32.15 -11.64 30.08
N LYS C 5 32.63 -10.56 30.70
CA LYS C 5 31.77 -9.75 31.55
C LYS C 5 30.63 -9.13 30.75
N LEU C 6 30.92 -8.61 29.56
CA LEU C 6 29.87 -8.04 28.72
C LEU C 6 28.85 -9.11 28.32
N LEU C 7 29.32 -10.30 27.93
CA LEU C 7 28.41 -11.37 27.56
C LEU C 7 27.48 -11.73 28.71
N GLU C 8 28.00 -11.76 29.92
CA GLU C 8 27.16 -12.04 31.08
C GLU C 8 26.07 -11.00 31.24
N LEU C 9 26.41 -9.72 31.10
CA LEU C 9 25.40 -8.67 31.18
C LEU C 9 24.34 -8.82 30.09
N LEU C 10 24.76 -9.11 28.87
CA LEU C 10 23.79 -9.20 27.78
C LEU C 10 22.88 -10.41 27.92
N ILE C 11 23.41 -11.54 28.38
CA ILE C 11 22.58 -12.72 28.55
C ILE C 11 21.57 -12.51 29.69
N LYS C 12 22.01 -11.87 30.77
CA LYS C 12 21.08 -11.55 31.85
C LYS C 12 20.02 -10.55 31.41
N ALA C 13 20.40 -9.58 30.58
CA ALA C 13 19.42 -8.68 30.01
C ALA C 13 18.43 -9.43 29.12
N ALA C 14 18.92 -10.33 28.29
CA ALA C 14 18.05 -11.10 27.41
C ALA C 14 17.07 -11.97 28.21
N ALA C 15 17.55 -12.56 29.31
CA ALA C 15 16.68 -13.36 30.16
C ALA C 15 15.57 -12.50 30.79
N ALA C 16 15.90 -11.29 31.22
CA ALA C 16 14.87 -10.39 31.74
C ALA C 16 13.83 -10.06 30.68
N GLU C 17 14.26 -9.80 29.44
CA GLU C 17 13.31 -9.52 28.36
C GLU C 17 12.39 -10.71 28.13
N PHE C 18 12.97 -11.91 28.05
CA PHE C 18 12.21 -13.10 27.74
C PHE C 18 11.15 -13.40 28.80
N THR C 19 11.54 -13.36 30.08
CA THR C 19 10.59 -13.62 31.15
C THR C 19 9.55 -12.51 31.25
N THR C 20 9.92 -11.27 30.95
CA THR C 20 8.96 -10.17 30.93
C THR C 20 7.85 -10.46 29.94
N TYR C 21 8.21 -10.98 28.78
CA TYR C 21 7.22 -11.39 27.80
C TYR C 21 6.18 -12.33 28.39
N TYR C 22 6.62 -13.30 29.19
CA TYR C 22 5.66 -14.18 29.85
C TYR C 22 4.87 -13.45 30.93
N TYR C 23 5.54 -12.79 31.87
CA TYR C 23 4.84 -12.22 33.02
C TYR C 23 3.91 -11.07 32.64
N TYR C 24 4.24 -10.28 31.62
CA TYR C 24 3.33 -9.22 31.19
C TYR C 24 2.08 -9.78 30.53
N THR C 25 2.16 -10.97 29.94
CA THR C 25 0.97 -11.63 29.43
C THR C 25 -0.04 -11.83 30.53
N ILE C 26 0.40 -12.34 31.68
CA ILE C 26 -0.48 -12.53 32.83
C ILE C 26 -1.00 -11.18 33.33
N LEU C 27 -0.12 -10.19 33.47
CA LEU C 27 -0.54 -8.90 33.99
C LEU C 27 -1.57 -8.25 33.07
N ARG C 28 -1.37 -8.35 31.77
CA ARG C 28 -2.33 -7.80 30.81
C ARG C 28 -3.70 -8.45 30.97
N ASN C 29 -3.74 -9.77 31.13
CA ASN C 29 -5.01 -10.47 31.28
C ASN C 29 -5.75 -10.08 32.54
N HIS C 30 -5.07 -9.56 33.56
CA HIS C 30 -5.73 -9.16 34.80
C HIS C 30 -6.02 -7.67 34.87
N ALA C 31 -5.78 -6.92 33.82
CA ALA C 31 -6.13 -5.50 33.78
C ALA C 31 -7.58 -5.36 33.29
N THR C 32 -8.50 -5.71 34.19
CA THR C 32 -9.91 -5.87 33.84
C THR C 32 -10.73 -4.68 34.34
N GLY C 33 -12.00 -4.69 33.98
CA GLY C 33 -12.91 -3.64 34.39
C GLY C 33 -12.69 -2.35 33.63
N LEU C 34 -13.42 -1.33 34.04
CA LEU C 34 -13.36 -0.05 33.34
C LEU C 34 -11.99 0.61 33.51
N GLU C 35 -11.41 0.56 34.71
CA GLU C 35 -10.10 1.17 34.88
C GLU C 35 -8.99 0.30 34.32
N GLY C 36 -9.18 -1.03 34.29
CA GLY C 36 -8.23 -1.88 33.60
C GLY C 36 -8.13 -1.58 32.12
N GLU C 37 -9.25 -1.21 31.50
CA GLU C 37 -9.27 -0.90 30.09
C GLU C 37 -8.33 0.26 29.75
N ALA C 38 -8.09 1.15 30.71
CA ALA C 38 -7.17 2.26 30.48
C ALA C 38 -5.73 1.80 30.25
N ILE C 39 -5.33 0.66 30.79
CA ILE C 39 -3.92 0.26 30.77
C ILE C 39 -3.65 -0.98 29.92
N LYS C 40 -4.67 -1.71 29.50
CA LYS C 40 -4.45 -2.97 28.81
C LYS C 40 -3.59 -2.79 27.55
N GLU C 41 -3.91 -1.80 26.73
CA GLU C 41 -3.15 -1.57 25.51
C GLU C 41 -1.73 -1.09 25.82
N ILE C 42 -1.53 -0.39 26.93
CA ILE C 42 -0.19 0.06 27.28
C ILE C 42 0.68 -1.12 27.71
N ILE C 43 0.12 -2.04 28.50
CA ILE C 43 0.85 -3.25 28.85
C ILE C 43 1.20 -4.03 27.60
N GLU C 44 0.26 -4.13 26.66
CA GLU C 44 0.51 -4.89 25.44
C GLU C 44 1.61 -4.27 24.60
N ASP C 45 1.62 -2.94 24.47
CA ASP C 45 2.72 -2.25 23.81
C ASP C 45 4.07 -2.62 24.44
N ALA C 46 4.16 -2.51 25.76
CA ALA C 46 5.43 -2.82 26.45
C ALA C 46 5.81 -4.28 26.27
N ARG C 47 4.84 -5.19 26.39
CA ARG C 47 5.11 -6.62 26.27
C ARG C 47 5.71 -6.96 24.90
N LEU C 48 5.12 -6.44 23.83
CA LEU C 48 5.60 -6.78 22.50
C LEU C 48 6.96 -6.14 22.24
N GLU C 49 7.21 -4.93 22.75
CA GLU C 49 8.50 -4.32 22.56
C GLU C 49 9.59 -5.05 23.36
N ASP C 50 9.26 -5.57 24.54
CA ASP C 50 10.23 -6.34 25.29
C ASP C 50 10.53 -7.68 24.61
N ARG C 51 9.55 -8.28 23.95
CA ARG C 51 9.83 -9.41 23.09
C ARG C 51 10.80 -9.03 21.97
N ASN C 52 10.60 -7.87 21.35
CA ASN C 52 11.55 -7.37 20.35
C ASN C 52 12.95 -7.17 20.94
N HIS C 53 13.04 -6.76 22.20
CA HIS C 53 14.35 -6.55 22.79
C HIS C 53 15.12 -7.86 22.91
N PHE C 54 14.43 -8.93 23.33
CA PHE C 54 15.02 -10.27 23.31
C PHE C 54 15.51 -10.63 21.92
N GLU C 55 14.68 -10.40 20.90
CA GLU C 55 15.08 -10.71 19.52
C GLU C 55 16.29 -9.90 19.09
N ALA C 56 16.38 -8.65 19.53
CA ALA C 56 17.53 -7.83 19.15
C ALA C 56 18.80 -8.24 19.88
N LEU C 57 18.69 -8.72 21.12
CA LEU C 57 19.88 -9.05 21.90
C LEU C 57 20.54 -10.35 21.45
N VAL C 58 19.76 -11.33 21.01
CA VAL C 58 20.34 -12.65 20.72
C VAL C 58 21.40 -12.59 19.63
N PRO C 59 21.19 -11.92 18.48
CA PRO C 59 22.27 -11.86 17.49
C PRO C 59 23.55 -11.24 18.02
N ARG C 60 23.45 -10.19 18.85
CA ARG C 60 24.67 -9.59 19.39
C ARG C 60 25.39 -10.55 20.32
N ILE C 61 24.66 -11.31 21.14
CA ILE C 61 25.29 -12.31 22.01
C ILE C 61 26.08 -13.31 21.18
N TYR C 62 25.53 -13.76 20.06
CA TYR C 62 26.24 -14.73 19.24
C TYR C 62 27.39 -14.08 18.47
N GLU C 63 27.20 -12.85 17.97
CA GLU C 63 28.30 -12.11 17.36
C GLU C 63 29.51 -12.03 18.28
N LEU C 64 29.28 -11.80 19.57
CA LEU C 64 30.35 -11.67 20.53
C LEU C 64 30.89 -13.01 21.00
N GLY C 65 30.42 -14.12 20.45
CA GLY C 65 30.89 -15.43 20.81
C GLY C 65 30.23 -16.05 22.02
N GLY C 66 29.13 -15.50 22.50
CA GLY C 66 28.38 -16.11 23.56
C GLY C 66 27.29 -17.01 23.03
N GLU C 67 26.55 -17.61 23.95
CA GLU C 67 25.45 -18.47 23.57
C GLU C 67 24.38 -18.43 24.66
N LEU C 68 23.16 -18.72 24.25
CA LEU C 68 22.08 -18.89 25.22
C LEU C 68 22.31 -20.15 26.03
N PRO C 69 21.86 -20.18 27.29
CA PRO C 69 21.96 -21.40 28.09
C PRO C 69 21.18 -22.55 27.45
N ARG C 70 21.68 -23.76 27.68
CA ARG C 70 21.10 -24.95 27.06
C ARG C 70 19.64 -25.16 27.47
N ASP C 71 19.33 -24.95 28.74
CA ASP C 71 18.00 -25.19 29.28
C ASP C 71 17.29 -23.87 29.52
N ILE C 72 15.99 -23.83 29.21
CA ILE C 72 15.20 -22.62 29.39
C ILE C 72 15.09 -22.24 30.86
N ARG C 73 15.13 -23.21 31.77
CA ARG C 73 15.01 -22.87 33.19
C ARG C 73 16.26 -22.18 33.70
N GLU C 74 17.45 -22.62 33.25
CA GLU C 74 18.67 -21.89 33.58
C GLU C 74 18.63 -20.48 32.99
N PHE C 75 18.12 -20.32 31.78
CA PHE C 75 17.99 -18.98 31.20
C PHE C 75 17.15 -18.09 32.08
N ALA C 76 15.96 -18.55 32.47
CA ALA C 76 15.06 -17.74 33.28
C ALA C 76 15.70 -17.35 34.60
N ASP C 77 16.47 -18.26 35.21
CA ASP C 77 17.16 -17.97 36.47
C ASP C 77 18.18 -16.85 36.34
N LEU C 78 18.67 -16.57 35.14
CA LEU C 78 19.67 -15.52 34.94
C LEU C 78 19.09 -14.11 34.85
N ALA C 79 17.77 -13.94 34.84
CA ALA C 79 17.19 -12.63 34.54
C ALA C 79 17.69 -11.57 35.52
N SER C 80 18.14 -10.44 34.99
CA SER C 80 18.69 -9.39 35.83
C SER C 80 17.62 -8.58 36.54
N CYS C 81 16.35 -8.90 36.37
CA CYS C 81 15.25 -8.31 37.10
C CYS C 81 14.52 -9.38 37.89
N ARG C 82 13.87 -8.98 38.97
CA ARG C 82 12.95 -9.88 39.66
C ARG C 82 11.75 -10.17 38.76
N ASP C 83 11.20 -11.37 38.88
CA ASP C 83 10.02 -11.75 38.12
C ASP C 83 8.86 -10.82 38.47
N ALA C 84 8.17 -10.32 37.43
CA ALA C 84 7.03 -9.42 37.59
C ALA C 84 5.76 -10.24 37.88
N TYR C 85 5.74 -10.86 39.06
CA TYR C 85 4.61 -11.69 39.48
C TYR C 85 3.34 -10.86 39.61
N LEU C 86 2.23 -11.49 39.26
CA LEU C 86 0.93 -10.93 39.58
C LEU C 86 0.83 -10.68 41.09
N PRO C 87 0.41 -9.50 41.52
CA PRO C 87 0.30 -9.23 42.96
C PRO C 87 -0.73 -10.13 43.62
N GLU C 88 -0.51 -10.40 44.91
CA GLU C 88 -1.47 -11.18 45.67
C GLU C 88 -2.86 -10.54 45.69
N GLU C 89 -2.92 -9.21 45.74
CA GLU C 89 -4.16 -8.46 45.55
C GLU C 89 -4.08 -7.76 44.21
N PRO C 90 -4.53 -8.36 43.13
CA PRO C 90 -4.26 -7.82 41.78
C PRO C 90 -5.20 -6.69 41.36
N THR C 91 -5.24 -5.63 42.16
CA THR C 91 -5.89 -4.40 41.74
C THR C 91 -5.07 -3.70 40.65
N ILE C 92 -5.72 -2.80 39.92
CA ILE C 92 -5.03 -2.05 38.89
C ILE C 92 -3.84 -1.29 39.47
N GLU C 93 -4.04 -0.70 40.64
CA GLU C 93 -2.98 0.04 41.31
C GLU C 93 -1.79 -0.87 41.64
N ASN C 94 -2.04 -2.05 42.18
CA ASN C 94 -0.96 -2.96 42.49
C ASN C 94 -0.29 -3.50 41.23
N ILE C 95 -1.05 -3.71 40.16
CA ILE C 95 -0.45 -4.16 38.92
C ILE C 95 0.48 -3.09 38.36
N LEU C 96 0.07 -1.83 38.43
CA LEU C 96 0.93 -0.74 37.96
C LEU C 96 2.22 -0.66 38.76
N LYS C 97 2.16 -0.90 40.08
CA LYS C 97 3.37 -0.90 40.87
C LYS C 97 4.36 -1.97 40.40
N VAL C 98 3.85 -3.16 40.07
CA VAL C 98 4.72 -4.22 39.55
C VAL C 98 5.34 -3.78 38.22
N LEU C 99 4.52 -3.23 37.32
CA LEU C 99 5.03 -2.81 36.03
C LEU C 99 6.09 -1.73 36.17
N LEU C 100 5.82 -0.70 36.98
CA LEU C 100 6.77 0.38 37.15
C LEU C 100 8.09 -0.13 37.72
N GLU C 101 8.03 -1.00 38.73
CA GLU C 101 9.23 -1.57 39.31
C GLU C 101 10.03 -2.36 38.27
N ALA C 102 9.35 -3.17 37.45
CA ALA C 102 10.04 -3.93 36.41
C ALA C 102 10.70 -2.99 35.40
N GLU C 103 10.02 -1.93 34.99
CA GLU C 103 10.59 -1.04 34.00
C GLU C 103 11.76 -0.24 34.56
N ARG C 104 11.68 0.16 35.83
CA ARG C 104 12.82 0.87 36.44
C ARG C 104 14.04 -0.02 36.52
N CYS C 105 13.86 -1.30 36.82
CA CYS C 105 15.01 -2.22 36.80
C CYS C 105 15.57 -2.35 35.39
N ALA C 106 14.70 -2.43 34.37
CA ALA C 106 15.19 -2.52 32.99
C ALA C 106 16.01 -1.29 32.62
N VAL C 107 15.52 -0.08 32.96
CA VAL C 107 16.28 1.13 32.69
C VAL C 107 17.66 1.04 33.32
N GLY C 108 17.73 0.54 34.57
CA GLY C 108 19.02 0.34 35.21
C GLY C 108 19.92 -0.63 34.47
N VAL C 109 19.36 -1.72 33.97
CA VAL C 109 20.15 -2.76 33.29
C VAL C 109 20.84 -2.18 32.05
N TYR C 110 20.10 -1.45 31.22
CA TYR C 110 20.69 -0.96 29.99
C TYR C 110 21.56 0.27 30.22
N THR C 111 21.27 1.05 31.25
CA THR C 111 22.20 2.10 31.67
C THR C 111 23.54 1.51 32.06
N GLU C 112 23.54 0.40 32.80
CA GLU C 112 24.79 -0.28 33.15
C GLU C 112 25.55 -0.73 31.90
N ILE C 113 24.85 -1.32 30.93
CA ILE C 113 25.53 -1.80 29.74
C ILE C 113 26.09 -0.64 28.93
N CYS C 114 25.30 0.43 28.75
CA CYS C 114 25.78 1.61 28.06
C CYS C 114 27.03 2.18 28.74
N ASN C 115 27.02 2.28 30.07
CA ASN C 115 28.18 2.81 30.77
C ASN C 115 29.40 1.92 30.56
N TYR C 116 29.21 0.61 30.53
CA TYR C 116 30.32 -0.31 30.36
C TYR C 116 30.90 -0.26 28.95
N THR C 117 30.08 -0.01 27.94
CA THR C 117 30.55 -0.09 26.56
C THR C 117 30.86 1.27 25.94
N PHE C 118 30.55 2.38 26.62
CA PHE C 118 30.70 3.70 26.04
C PHE C 118 32.15 3.95 25.60
N GLY C 119 32.32 4.25 24.32
CA GLY C 119 33.64 4.44 23.75
C GLY C 119 34.51 3.22 23.66
N LYS C 120 33.95 2.02 23.72
CA LYS C 120 34.73 0.79 23.66
C LYS C 120 34.14 -0.22 22.67
N ASP C 121 32.84 -0.48 22.75
CA ASP C 121 32.13 -1.41 21.85
C ASP C 121 30.99 -0.64 21.21
N PRO C 122 31.23 0.06 20.10
CA PRO C 122 30.18 0.95 19.56
C PRO C 122 28.92 0.23 19.13
N ARG C 123 29.01 -0.93 18.51
CA ARG C 123 27.81 -1.65 18.11
C ARG C 123 26.96 -2.03 19.33
N THR C 124 27.60 -2.61 20.36
CA THR C 124 26.87 -3.00 21.56
C THR C 124 26.28 -1.78 22.26
N TYR C 125 27.06 -0.71 22.37
CA TYR C 125 26.57 0.52 22.97
C TYR C 125 25.32 1.01 22.27
N ASP C 126 25.35 1.05 20.93
CA ASP C 126 24.21 1.54 20.17
C ASP C 126 22.98 0.65 20.35
N LEU C 127 23.19 -0.67 20.45
CA LEU C 127 22.08 -1.57 20.73
C LEU C 127 21.52 -1.35 22.13
N ALA C 128 22.40 -1.29 23.14
CA ALA C 128 21.97 -0.98 24.49
C ALA C 128 21.22 0.35 24.54
N LEU C 129 21.72 1.37 23.84
CA LEU C 129 21.06 2.66 23.80
C LEU C 129 19.66 2.56 23.17
N ALA C 130 19.55 1.86 22.06
CA ALA C 130 18.25 1.70 21.40
C ALA C 130 17.23 1.08 22.34
N ILE C 131 17.62 0.02 23.06
CA ILE C 131 16.71 -0.59 24.02
C ILE C 131 16.43 0.38 25.17
N LEU C 132 17.45 1.09 25.63
CA LEU C 132 17.28 2.06 26.71
C LEU C 132 16.23 3.12 26.36
N HIS C 133 16.24 3.62 25.12
CA HIS C 133 15.18 4.54 24.68
C HIS C 133 13.82 3.96 24.99
N GLU C 134 13.58 2.71 24.59
CA GLU C 134 12.26 2.12 24.76
C GLU C 134 11.94 1.84 26.22
N GLU C 135 12.92 1.47 27.03
CA GLU C 135 12.65 1.25 28.45
C GLU C 135 12.33 2.55 29.16
N ILE C 136 13.02 3.64 28.83
CA ILE C 136 12.71 4.94 29.43
C ILE C 136 11.28 5.35 29.06
N GLU C 137 10.87 5.07 27.83
CA GLU C 137 9.49 5.35 27.45
C GLU C 137 8.51 4.46 28.20
N HIS C 138 8.82 3.16 28.33
CA HIS C 138 7.96 2.26 29.11
C HIS C 138 7.81 2.76 30.54
N GLU C 139 8.92 3.12 31.18
CA GLU C 139 8.87 3.65 32.53
C GLU C 139 8.01 4.91 32.59
N ALA C 140 8.12 5.78 31.60
CA ALA C 140 7.32 7.00 31.57
C ALA C 140 5.82 6.69 31.48
N TRP C 141 5.43 5.76 30.60
CA TRP C 141 4.02 5.36 30.49
C TRP C 141 3.45 4.97 31.85
N PHE C 142 4.15 4.08 32.56
CA PHE C 142 3.61 3.55 33.80
C PHE C 142 3.70 4.54 34.94
N GLU C 143 4.75 5.35 35.00
CA GLU C 143 4.83 6.39 36.03
C GLU C 143 3.72 7.42 35.85
N GLU C 144 3.38 7.76 34.62
CA GLU C 144 2.28 8.68 34.39
C GLU C 144 0.95 8.07 34.86
N LEU C 145 0.70 6.81 34.52
CA LEU C 145 -0.55 6.17 34.91
C LEU C 145 -0.67 6.04 36.43
N LEU C 146 0.43 5.79 37.11
CA LEU C 146 0.40 5.48 38.53
C LEU C 146 0.49 6.72 39.39
N THR C 147 1.47 7.58 39.17
CA THR C 147 1.74 8.72 40.03
C THR C 147 1.21 10.04 39.48
N GLY C 148 0.78 10.08 38.23
CA GLY C 148 0.36 11.33 37.63
C GLY C 148 1.46 12.28 37.22
N LYS C 149 2.71 11.83 37.14
CA LYS C 149 3.78 12.67 36.62
C LYS C 149 3.50 13.02 35.16
N PRO C 150 3.51 14.29 34.79
CA PRO C 150 3.26 14.66 33.39
C PRO C 150 4.30 14.04 32.47
N SER C 151 3.86 13.73 31.25
CA SER C 151 4.75 13.18 30.25
C SER C 151 4.18 13.51 28.89
N GLY C 152 5.05 13.53 27.90
CA GLY C 152 4.60 13.81 26.55
C GLY C 152 4.51 12.59 25.67
N HIS C 153 4.19 11.43 26.22
CA HIS C 153 4.14 10.23 25.41
C HIS C 153 2.72 9.79 25.09
N PHE C 154 2.58 9.09 23.96
CA PHE C 154 1.33 8.53 23.47
C PHE C 154 1.47 7.03 23.44
N ARG C 155 0.38 6.38 23.06
CA ARG C 155 0.48 5.01 22.62
C ARG C 155 1.28 4.95 21.33
N ARG C 156 1.86 3.80 21.08
CA ARG C 156 2.56 3.52 19.84
C ARG C 156 1.57 3.60 18.68
N GLY C 157 2.08 3.62 17.45
CA GLY C 157 1.21 3.42 16.31
C GLY C 157 0.57 2.06 16.40
N LYS C 158 1.29 1.07 16.05
CA LYS C 158 0.92 -0.31 16.24
C LYS C 158 1.61 -0.87 17.47
N PRO C 159 1.00 -1.83 18.16
CA PRO C 159 1.69 -2.48 19.28
C PRO C 159 2.94 -3.20 18.81
N GLY C 160 4.00 -3.08 19.60
CA GLY C 160 5.26 -3.67 19.22
C GLY C 160 5.99 -2.95 18.12
N GLU C 161 5.68 -1.67 17.90
CA GLU C 161 6.34 -0.91 16.84
C GLU C 161 7.85 -0.87 17.02
N SER C 162 8.32 -0.70 18.26
CA SER C 162 9.73 -0.56 18.60
C SER C 162 10.44 0.43 17.67
N PRO C 163 10.11 1.72 17.70
CA PRO C 163 10.71 2.66 16.74
C PRO C 163 12.23 2.76 16.88
N TYR C 164 12.79 2.56 18.06
CA TYR C 164 14.23 2.71 18.22
C TYR C 164 15.01 1.44 17.92
N VAL C 165 14.46 0.27 18.22
CA VAL C 165 15.25 -0.95 18.04
CA VAL C 165 15.19 -0.99 18.09
C VAL C 165 14.96 -1.65 16.72
N SER C 166 13.98 -1.18 15.95
CA SER C 166 13.59 -1.88 14.72
C SER C 166 14.74 -2.04 13.73
N LYS C 167 15.67 -1.08 13.67
CA LYS C 167 16.84 -1.23 12.81
C LYS C 167 17.68 -2.47 13.16
N PHE C 168 17.58 -2.97 14.38
CA PHE C 168 18.25 -4.20 14.75
C PHE C 168 17.40 -5.45 14.51
N LEU C 169 16.14 -5.31 14.09
CA LEU C 169 15.24 -6.44 13.99
C LEU C 169 15.13 -6.93 12.54
N LYS C 170 15.00 -8.23 12.40
CA LYS C 170 14.84 -8.85 11.08
C LYS C 170 13.37 -8.92 10.68
N ILE D 1 25.66 15.60 35.68
CA ILE D 1 24.93 16.51 34.81
C ILE D 1 23.91 17.35 35.61
N ASP D 2 23.92 18.65 35.38
CA ASP D 2 23.01 19.57 36.05
C ASP D 2 21.71 19.59 35.26
N VAL D 3 20.68 18.91 35.78
CA VAL D 3 19.45 18.74 35.03
C VAL D 3 18.73 20.07 34.81
N GLU D 4 18.81 21.00 35.78
CA GLU D 4 18.20 22.31 35.58
C GLU D 4 18.86 23.05 34.42
N LYS D 5 20.19 23.02 34.36
CA LYS D 5 20.89 23.63 33.22
C LYS D 5 20.51 22.95 31.92
N LEU D 6 20.44 21.63 31.90
CA LEU D 6 20.04 20.92 30.69
C LEU D 6 18.61 21.28 30.29
N LEU D 7 17.69 21.33 31.26
CA LEU D 7 16.31 21.68 30.96
C LEU D 7 16.22 23.07 30.34
N GLU D 8 17.01 24.01 30.83
CA GLU D 8 17.02 25.34 30.27
C GLU D 8 17.46 25.31 28.80
N LEU D 9 18.53 24.57 28.49
CA LEU D 9 18.97 24.44 27.10
C LEU D 9 17.87 23.83 26.23
N LEU D 10 17.22 22.78 26.70
CA LEU D 10 16.22 22.11 25.87
C LEU D 10 15.00 22.98 25.64
N ILE D 11 14.56 23.72 26.66
CA ILE D 11 13.41 24.58 26.49
C ILE D 11 13.73 25.73 25.53
N LYS D 12 14.93 26.30 25.63
CA LYS D 12 15.34 27.33 24.69
C LYS D 12 15.45 26.79 23.28
N ALA D 13 15.95 25.57 23.12
CA ALA D 13 15.97 24.93 21.81
C ALA D 13 14.56 24.73 21.28
N ALA D 14 13.64 24.25 22.13
CA ALA D 14 12.26 24.04 21.71
C ALA D 14 11.60 25.35 21.28
N ALA D 15 11.87 26.43 22.00
CA ALA D 15 11.33 27.74 21.64
C ALA D 15 11.84 28.19 20.28
N ALA D 16 13.13 27.97 19.99
CA ALA D 16 13.66 28.30 18.67
C ALA D 16 12.98 27.50 17.57
N GLU D 17 12.74 26.20 17.80
CA GLU D 17 12.03 25.39 16.81
C GLU D 17 10.62 25.91 16.56
N PHE D 18 9.90 26.22 17.63
CA PHE D 18 8.52 26.64 17.52
C PHE D 18 8.39 27.95 16.76
N THR D 19 9.20 28.95 17.12
CA THR D 19 9.15 30.23 16.42
C THR D 19 9.64 30.11 14.98
N THR D 20 10.60 29.23 14.72
CA THR D 20 11.04 28.99 13.35
C THR D 20 9.89 28.53 12.48
N TYR D 21 9.05 27.66 13.02
CA TYR D 21 7.86 27.22 12.33
C TYR D 21 7.01 28.40 11.88
N TYR D 22 6.83 29.39 12.73
CA TYR D 22 6.09 30.58 12.34
C TYR D 22 6.86 31.41 11.30
N TYR D 23 8.11 31.77 11.60
CA TYR D 23 8.83 32.70 10.75
C TYR D 23 9.15 32.12 9.37
N TYR D 24 9.39 30.81 9.27
CA TYR D 24 9.63 30.22 7.96
C TYR D 24 8.38 30.20 7.10
N THR D 25 7.20 30.16 7.72
CA THR D 25 5.95 30.30 6.98
C THR D 25 5.93 31.60 6.21
N ILE D 26 6.28 32.71 6.86
CA ILE D 26 6.35 34.01 6.21
C ILE D 26 7.43 34.00 5.11
N LEU D 27 8.62 33.50 5.44
CA LEU D 27 9.70 33.50 4.45
C LEU D 27 9.33 32.67 3.22
N ARG D 28 8.68 31.53 3.41
CA ARG D 28 8.25 30.71 2.29
C ARG D 28 7.28 31.47 1.39
N ASN D 29 6.32 32.18 1.99
CA ASN D 29 5.35 32.92 1.21
C ASN D 29 5.97 34.05 0.40
N HIS D 30 7.15 34.54 0.77
CA HIS D 30 7.79 35.61 0.03
C HIS D 30 8.86 35.11 -0.93
N ALA D 31 9.02 33.82 -1.09
CA ALA D 31 9.95 33.26 -2.08
C ALA D 31 9.23 33.15 -3.44
N THR D 32 9.04 34.30 -4.06
CA THR D 32 8.18 34.43 -5.23
C THR D 32 9.00 34.55 -6.51
N GLY D 33 8.31 34.56 -7.63
CA GLY D 33 8.95 34.71 -8.92
C GLY D 33 9.66 33.44 -9.35
N LEU D 34 10.36 33.55 -10.48
CA LEU D 34 11.02 32.38 -11.04
C LEU D 34 12.16 31.90 -10.14
N GLU D 35 12.96 32.83 -9.59
CA GLU D 35 14.03 32.38 -8.72
C GLU D 35 13.53 31.98 -7.34
N GLY D 36 12.43 32.57 -6.87
CA GLY D 36 11.81 32.09 -5.65
C GLY D 36 11.36 30.66 -5.74
N GLU D 37 10.88 30.25 -6.91
CA GLU D 37 10.41 28.88 -7.10
C GLU D 37 11.52 27.86 -6.84
N ALA D 38 12.77 28.27 -7.03
CA ALA D 38 13.89 27.36 -6.76
C ALA D 38 14.00 27.00 -5.28
N ILE D 39 13.55 27.85 -4.37
CA ILE D 39 13.80 27.65 -2.94
C ILE D 39 12.54 27.36 -2.13
N LYS D 40 11.35 27.58 -2.69
CA LYS D 40 10.13 27.45 -1.91
C LYS D 40 9.99 26.06 -1.27
N GLU D 41 10.22 25.01 -2.05
CA GLU D 41 10.12 23.66 -1.50
C GLU D 41 11.20 23.36 -0.48
N ILE D 42 12.37 23.98 -0.61
CA ILE D 42 13.43 23.76 0.36
C ILE D 42 13.09 24.42 1.68
N ILE D 43 12.55 25.63 1.65
CA ILE D 43 12.08 26.27 2.89
C ILE D 43 10.99 25.42 3.54
N GLU D 44 10.08 24.88 2.74
CA GLU D 44 8.99 24.09 3.29
C GLU D 44 9.50 22.81 3.94
N ASP D 45 10.47 22.13 3.31
CA ASP D 45 11.11 20.99 3.96
C ASP D 45 11.69 21.37 5.31
N ALA D 46 12.47 22.44 5.39
CA ALA D 46 13.07 22.85 6.65
C ALA D 46 12.01 23.22 7.68
N ARG D 47 10.99 23.96 7.26
CA ARG D 47 9.93 24.39 8.18
C ARG D 47 9.23 23.20 8.82
N LEU D 48 8.86 22.19 8.04
CA LEU D 48 8.15 21.05 8.59
C LEU D 48 9.06 20.21 9.49
N GLU D 49 10.34 20.09 9.13
CA GLU D 49 11.25 19.34 9.99
C GLU D 49 11.51 20.07 11.30
N ASP D 50 11.55 21.40 11.28
CA ASP D 50 11.73 22.13 12.53
C ASP D 50 10.49 22.03 13.41
N ARG D 51 9.30 21.97 12.82
CA ARG D 51 8.11 21.62 13.58
C ARG D 51 8.25 20.25 14.23
N ASN D 52 8.76 19.26 13.49
CA ASN D 52 9.03 17.95 14.06
C ASN D 52 10.04 18.02 15.21
N HIS D 53 11.01 18.91 15.14
CA HIS D 53 11.99 19.02 16.20
C HIS D 53 11.36 19.49 17.50
N PHE D 54 10.47 20.48 17.41
CA PHE D 54 9.66 20.88 18.56
C PHE D 54 8.89 19.70 19.14
N GLU D 55 8.22 18.92 18.28
CA GLU D 55 7.48 17.76 18.75
C GLU D 55 8.38 16.74 19.41
N ALA D 56 9.59 16.56 18.92
CA ALA D 56 10.50 15.59 19.51
C ALA D 56 11.06 16.09 20.85
N LEU D 57 11.26 17.39 21.01
CA LEU D 57 11.87 17.91 22.23
C LEU D 57 10.92 17.92 23.42
N VAL D 58 9.63 18.15 23.19
CA VAL D 58 8.69 18.30 24.30
C VAL D 58 8.62 17.06 25.20
N PRO D 59 8.49 15.84 24.67
CA PRO D 59 8.49 14.67 25.56
C PRO D 59 9.75 14.55 26.41
N ARG D 60 10.93 14.84 25.86
CA ARG D 60 12.15 14.76 26.65
C ARG D 60 12.15 15.80 27.76
N ILE D 61 11.68 17.01 27.49
CA ILE D 61 11.59 18.04 28.53
C ILE D 61 10.73 17.55 29.68
N TYR D 62 9.60 16.90 29.39
CA TYR D 62 8.75 16.42 30.47
C TYR D 62 9.33 15.18 31.15
N GLU D 63 9.96 14.28 30.39
CA GLU D 63 10.67 13.15 30.99
C GLU D 63 11.68 13.62 32.03
N LEU D 64 12.39 14.70 31.75
CA LEU D 64 13.40 15.21 32.66
C LEU D 64 12.81 16.05 33.79
N GLY D 65 11.49 16.16 33.88
CA GLY D 65 10.86 16.92 34.93
C GLY D 65 10.71 18.40 34.66
N GLY D 66 10.93 18.86 33.44
CA GLY D 66 10.68 20.23 33.09
C GLY D 66 9.28 20.42 32.56
N GLU D 67 8.97 21.66 32.21
CA GLU D 67 7.68 21.98 31.63
C GLU D 67 7.82 23.17 30.71
N LEU D 68 6.90 23.25 29.75
CA LEU D 68 6.81 24.42 28.91
C LEU D 68 6.33 25.62 29.73
N PRO D 69 6.74 26.83 29.37
CA PRO D 69 6.24 28.02 30.05
C PRO D 69 4.72 28.14 29.91
N ARG D 70 4.11 28.74 30.92
CA ARG D 70 2.65 28.85 30.97
C ARG D 70 2.10 29.66 29.80
N ASP D 71 2.75 30.75 29.44
CA ASP D 71 2.30 31.65 28.40
C ASP D 71 3.16 31.48 27.15
N ILE D 72 2.51 31.53 25.99
CA ILE D 72 3.21 31.37 24.71
C ILE D 72 4.18 32.52 24.47
N ARG D 73 3.91 33.71 24.98
CA ARG D 73 4.81 34.84 24.76
C ARG D 73 6.11 34.66 25.54
N GLU D 74 6.02 34.16 26.78
CA GLU D 74 7.24 33.82 27.51
C GLU D 74 8.03 32.74 26.80
N PHE D 75 7.34 31.74 26.24
CA PHE D 75 8.03 30.69 25.49
C PHE D 75 8.81 31.29 24.33
N ALA D 76 8.17 32.13 23.52
CA ALA D 76 8.83 32.72 22.36
C ALA D 76 10.05 33.54 22.77
N ASP D 77 9.96 34.27 23.88
CA ASP D 77 11.07 35.05 24.39
C ASP D 77 12.29 34.21 24.75
N LEU D 78 12.11 32.93 25.02
CA LEU D 78 13.21 32.05 25.40
C LEU D 78 14.03 31.53 24.22
N ALA D 79 13.61 31.77 22.98
CA ALA D 79 14.25 31.10 21.84
C ALA D 79 15.76 31.39 21.79
N SER D 80 16.54 30.33 21.64
CA SER D 80 17.99 30.47 21.64
C SER D 80 18.54 31.03 20.33
N CYS D 81 17.69 31.31 19.37
CA CYS D 81 18.06 31.99 18.13
C CYS D 81 17.33 33.31 18.02
N ARG D 82 17.91 34.25 17.28
CA ARG D 82 17.17 35.45 16.92
C ARG D 82 16.03 35.10 15.96
N ASP D 83 14.94 35.85 16.07
CA ASP D 83 13.80 35.65 15.19
C ASP D 83 14.21 35.84 13.73
N ALA D 84 13.81 34.91 12.88
CA ALA D 84 14.12 34.95 11.44
C ALA D 84 13.13 35.87 10.72
N TYR D 85 13.23 37.16 11.02
CA TYR D 85 12.33 38.16 10.43
C TYR D 85 12.52 38.24 8.92
N LEU D 86 11.42 38.49 8.23
CA LEU D 86 11.48 38.86 6.83
C LEU D 86 12.37 40.07 6.67
N PRO D 87 13.32 40.06 5.73
CA PRO D 87 14.20 41.23 5.55
C PRO D 87 13.41 42.45 5.09
N GLU D 88 13.94 43.61 5.42
CA GLU D 88 13.32 44.86 4.97
C GLU D 88 13.26 44.94 3.45
N GLU D 89 14.29 44.44 2.76
CA GLU D 89 14.27 44.28 1.31
C GLU D 89 14.19 42.78 1.01
N PRO D 90 12.99 42.22 0.88
CA PRO D 90 12.86 40.74 0.84
C PRO D 90 13.14 40.13 -0.53
N THR D 91 14.33 40.39 -1.06
CA THR D 91 14.82 39.66 -2.23
C THR D 91 15.15 38.22 -1.86
N ILE D 92 15.23 37.37 -2.87
CA ILE D 92 15.57 35.97 -2.64
C ILE D 92 16.92 35.85 -1.95
N GLU D 93 17.88 36.67 -2.38
CA GLU D 93 19.20 36.67 -1.77
C GLU D 93 19.15 37.04 -0.29
N ASN D 94 18.40 38.08 0.05
CA ASN D 94 18.29 38.47 1.46
C ASN D 94 17.52 37.44 2.27
N ILE D 95 16.53 36.78 1.67
CA ILE D 95 15.81 35.74 2.38
C ILE D 95 16.74 34.57 2.69
N LEU D 96 17.58 34.19 1.73
CA LEU D 96 18.53 33.11 1.95
C LEU D 96 19.51 33.45 3.07
N LYS D 97 19.95 34.71 3.16
CA LYS D 97 20.83 35.11 4.25
C LYS D 97 20.17 34.90 5.61
N VAL D 98 18.89 35.23 5.73
CA VAL D 98 18.16 35.01 6.98
C VAL D 98 18.10 33.53 7.29
N LEU D 99 17.75 32.72 6.29
CA LEU D 99 17.64 31.28 6.49
C LEU D 99 18.98 30.68 6.93
N LEU D 100 20.05 31.02 6.22
CA LEU D 100 21.36 30.46 6.55
C LEU D 100 21.77 30.85 7.96
N GLU D 101 21.58 32.11 8.33
CA GLU D 101 21.91 32.55 9.68
C GLU D 101 21.10 31.78 10.74
N ALA D 102 19.81 31.59 10.51
CA ALA D 102 19.00 30.84 11.45
C ALA D 102 19.48 29.39 11.57
N GLU D 103 19.82 28.75 10.46
CA GLU D 103 20.26 27.37 10.51
C GLU D 103 21.62 27.22 11.18
N ARG D 104 22.53 28.18 10.95
CA ARG D 104 23.81 28.12 11.62
C ARG D 104 23.67 28.25 13.12
N CYS D 105 22.77 29.12 13.58
CA CYS D 105 22.51 29.19 15.01
C CYS D 105 21.93 27.89 15.55
N ALA D 106 21.03 27.25 14.80
CA ALA D 106 20.47 25.96 15.23
C ALA D 106 21.56 24.90 15.37
N VAL D 107 22.46 24.82 14.38
CA VAL D 107 23.58 23.88 14.46
C VAL D 107 24.38 24.13 15.73
N GLY D 108 24.63 25.39 16.05
CA GLY D 108 25.32 25.72 17.29
C GLY D 108 24.58 25.26 18.54
N VAL D 109 23.25 25.43 18.56
CA VAL D 109 22.44 25.08 19.71
C VAL D 109 22.56 23.59 20.03
N TYR D 110 22.40 22.74 19.01
CA TYR D 110 22.42 21.31 19.28
C TYR D 110 23.83 20.77 19.46
N THR D 111 24.83 21.41 18.86
CA THR D 111 26.21 21.09 19.18
C THR D 111 26.49 21.35 20.65
N GLU D 112 26.00 22.47 21.19
CA GLU D 112 26.16 22.75 22.61
C GLU D 112 25.50 21.67 23.48
N ILE D 113 24.29 21.24 23.12
CA ILE D 113 23.59 20.24 23.93
C ILE D 113 24.31 18.89 23.84
N CYS D 114 24.74 18.49 22.65
CA CYS D 114 25.51 17.27 22.48
C CYS D 114 26.79 17.31 23.33
N ASN D 115 27.51 18.42 23.30
CA ASN D 115 28.73 18.52 24.10
C ASN D 115 28.43 18.40 25.59
N TYR D 116 27.34 18.98 26.03
CA TYR D 116 26.99 18.95 27.45
C TYR D 116 26.56 17.55 27.90
N THR D 117 25.92 16.77 27.05
CA THR D 117 25.38 15.49 27.45
C THR D 117 26.24 14.29 27.07
N PHE D 118 27.31 14.49 26.29
CA PHE D 118 28.11 13.39 25.77
C PHE D 118 28.66 12.53 26.93
N GLY D 119 28.34 11.25 26.91
CA GLY D 119 28.73 10.34 27.96
C GLY D 119 28.10 10.57 29.31
N LYS D 120 26.97 11.26 29.39
CA LYS D 120 26.31 11.54 30.66
C LYS D 120 24.81 11.25 30.59
N ASP D 121 24.12 11.76 29.58
CA ASP D 121 22.68 11.55 29.37
C ASP D 121 22.49 10.96 27.99
N PRO D 122 22.58 9.64 27.85
CA PRO D 122 22.58 9.06 26.49
C PRO D 122 21.31 9.29 25.71
N ARG D 123 20.14 9.22 26.33
CA ARG D 123 18.90 9.49 25.60
C ARG D 123 18.87 10.93 25.07
N THR D 124 19.18 11.91 25.93
CA THR D 124 19.18 13.30 25.49
C THR D 124 20.23 13.55 24.42
N TYR D 125 21.43 12.98 24.59
CA TYR D 125 22.47 13.11 23.59
C TYR D 125 21.99 12.59 22.23
N ASP D 126 21.38 11.41 22.22
CA ASP D 126 20.92 10.82 20.97
C ASP D 126 19.82 11.67 20.31
N LEU D 127 18.95 12.26 21.12
CA LEU D 127 17.94 13.16 20.58
C LEU D 127 18.58 14.43 20.02
N ALA D 128 19.47 15.06 20.78
CA ALA D 128 20.21 16.22 20.28
C ALA D 128 20.95 15.89 18.99
N LEU D 129 21.60 14.72 18.94
CA LEU D 129 22.30 14.30 17.73
C LEU D 129 21.35 14.14 16.55
N ALA D 130 20.21 13.50 16.76
CA ALA D 130 19.25 13.31 15.68
C ALA D 130 18.82 14.67 15.10
N ILE D 131 18.52 15.63 15.96
CA ILE D 131 18.15 16.95 15.46
C ILE D 131 19.35 17.62 14.79
N LEU D 132 20.54 17.46 15.36
CA LEU D 132 21.75 18.03 14.77
C LEU D 132 21.96 17.54 13.34
N HIS D 133 21.75 16.25 13.07
CA HIS D 133 21.81 15.74 11.71
C HIS D 133 20.97 16.60 10.77
N GLU D 134 19.72 16.84 11.16
CA GLU D 134 18.81 17.56 10.28
C GLU D 134 19.18 19.04 10.16
N GLU D 135 19.69 19.65 11.23
CA GLU D 135 20.12 21.05 11.13
C GLU D 135 21.34 21.20 10.23
N ILE D 136 22.30 20.27 10.31
CA ILE D 136 23.46 20.32 9.44
C ILE D 136 23.02 20.18 7.98
N GLU D 137 22.03 19.33 7.71
CA GLU D 137 21.50 19.22 6.37
C GLU D 137 20.79 20.51 5.94
N HIS D 138 19.98 21.10 6.83
CA HIS D 138 19.32 22.37 6.52
C HIS D 138 20.35 23.44 6.18
N GLU D 139 21.40 23.56 7.01
CA GLU D 139 22.45 24.53 6.74
C GLU D 139 23.10 24.27 5.38
N ALA D 140 23.33 23.00 5.05
CA ALA D 140 23.92 22.66 3.77
C ALA D 140 23.04 23.09 2.60
N TRP D 141 21.73 22.82 2.67
CA TRP D 141 20.81 23.25 1.62
C TRP D 141 20.93 24.74 1.34
N PHE D 142 20.88 25.56 2.39
CA PHE D 142 20.86 27.00 2.18
C PHE D 142 22.24 27.54 1.82
N GLU D 143 23.32 26.98 2.36
CA GLU D 143 24.65 27.42 1.96
C GLU D 143 24.92 27.11 0.49
N GLU D 144 24.43 25.98 0.01
CA GLU D 144 24.57 25.67 -1.40
C GLU D 144 23.81 26.66 -2.28
N LEU D 145 22.56 26.96 -1.90
CA LEU D 145 21.75 27.89 -2.70
C LEU D 145 22.36 29.29 -2.70
N LEU D 146 22.95 29.72 -1.60
CA LEU D 146 23.39 31.10 -1.45
C LEU D 146 24.82 31.30 -1.94
N THR D 147 25.76 30.48 -1.48
CA THR D 147 27.17 30.68 -1.78
C THR D 147 27.71 29.78 -2.88
N GLY D 148 26.94 28.79 -3.31
CA GLY D 148 27.44 27.84 -4.28
C GLY D 148 28.41 26.80 -3.78
N LYS D 149 28.53 26.61 -2.46
CA LYS D 149 29.36 25.54 -1.94
C LYS D 149 28.80 24.19 -2.37
N PRO D 150 29.59 23.33 -2.99
CA PRO D 150 29.09 22.02 -3.40
C PRO D 150 28.57 21.21 -2.21
N SER D 151 27.57 20.40 -2.48
CA SER D 151 27.00 19.54 -1.46
C SER D 151 26.36 18.35 -2.15
N GLY D 152 26.24 17.26 -1.42
CA GLY D 152 25.61 16.09 -1.97
C GLY D 152 24.20 15.85 -1.50
N HIS D 153 23.44 16.91 -1.22
CA HIS D 153 22.10 16.73 -0.70
C HIS D 153 21.03 16.99 -1.75
N PHE D 154 19.89 16.34 -1.56
CA PHE D 154 18.70 16.46 -2.40
C PHE D 154 17.58 17.04 -1.58
N ARG D 155 16.46 17.27 -2.23
CA ARG D 155 15.22 17.44 -1.51
C ARG D 155 14.86 16.14 -0.80
N ARG D 156 14.09 16.27 0.26
CA ARG D 156 13.54 15.12 0.98
C ARG D 156 12.63 14.33 0.05
N GLY D 157 12.25 13.13 0.45
CA GLY D 157 11.18 12.44 -0.24
C GLY D 157 9.90 13.26 -0.15
N LYS D 158 9.27 13.19 0.94
CA LYS D 158 8.15 14.04 1.27
C LYS D 158 8.61 15.17 2.17
N PRO D 159 7.96 16.33 2.11
CA PRO D 159 8.29 17.41 3.04
C PRO D 159 8.01 16.99 4.48
N GLY D 160 8.92 17.36 5.37
CA GLY D 160 8.79 16.97 6.76
C GLY D 160 9.10 15.52 7.03
N GLU D 161 9.84 14.86 6.14
CA GLU D 161 10.17 13.45 6.33
C GLU D 161 10.91 13.21 7.66
N SER D 162 11.84 14.10 8.01
CA SER D 162 12.68 13.98 9.19
C SER D 162 13.27 12.57 9.34
N PRO D 163 14.14 12.14 8.42
CA PRO D 163 14.65 10.76 8.49
C PRO D 163 15.40 10.44 9.77
N TYR D 164 16.06 11.42 10.40
CA TYR D 164 16.84 11.14 11.60
C TYR D 164 16.02 11.22 12.88
N VAL D 165 15.05 12.12 12.96
CA VAL D 165 14.34 12.29 14.22
CA VAL D 165 14.30 12.35 14.19
C VAL D 165 13.03 11.51 14.27
N SER D 166 12.62 10.87 13.17
CA SER D 166 11.32 10.21 13.14
C SER D 166 11.17 9.12 14.20
N LYS D 167 12.25 8.43 14.56
CA LYS D 167 12.18 7.45 15.64
C LYS D 167 11.74 8.06 16.97
N PHE D 168 11.92 9.37 17.16
CA PHE D 168 11.42 10.05 18.33
C PHE D 168 9.99 10.58 18.17
N LEU D 169 9.40 10.47 17.00
CA LEU D 169 8.10 11.09 16.73
C LEU D 169 6.97 10.07 16.83
N LYS D 170 5.84 10.53 17.34
CA LYS D 170 4.66 9.69 17.45
C LYS D 170 3.82 9.73 16.19
N ILE E 1 25.75 -13.71 -36.40
CA ILE E 1 26.23 -12.72 -35.45
C ILE E 1 27.54 -13.19 -34.79
N ASP E 2 28.53 -12.31 -34.76
CA ASP E 2 29.82 -12.60 -34.14
C ASP E 2 29.70 -12.30 -32.66
N VAL E 3 29.59 -13.34 -31.84
CA VAL E 3 29.32 -13.15 -30.42
C VAL E 3 30.48 -12.46 -29.71
N GLU E 4 31.72 -12.72 -30.13
CA GLU E 4 32.86 -12.03 -29.54
C GLU E 4 32.78 -10.53 -29.80
N LYS E 5 32.46 -10.14 -31.03
CA LYS E 5 32.28 -8.73 -31.33
C LYS E 5 31.14 -8.13 -30.52
N LEU E 6 30.02 -8.84 -30.42
CA LEU E 6 28.91 -8.35 -29.62
C LEU E 6 29.28 -8.21 -28.15
N LEU E 7 29.99 -9.21 -27.61
CA LEU E 7 30.42 -9.13 -26.21
C LEU E 7 31.30 -7.92 -25.97
N GLU E 8 32.19 -7.61 -26.91
CA GLU E 8 33.03 -6.44 -26.77
C GLU E 8 32.20 -5.17 -26.70
N LEU E 9 31.20 -5.03 -27.57
CA LEU E 9 30.33 -3.87 -27.53
C LEU E 9 29.59 -3.77 -26.20
N LEU E 10 29.07 -4.88 -25.70
CA LEU E 10 28.28 -4.83 -24.48
C LEU E 10 29.15 -4.50 -23.26
N ILE E 11 30.37 -5.05 -23.21
CA ILE E 11 31.25 -4.76 -22.09
C ILE E 11 31.67 -3.29 -22.11
N LYS E 12 31.97 -2.76 -23.29
CA LYS E 12 32.30 -1.33 -23.41
C LYS E 12 31.11 -0.46 -23.03
N ALA E 13 29.91 -0.86 -23.41
CA ALA E 13 28.71 -0.14 -22.98
C ALA E 13 28.57 -0.20 -21.47
N ALA E 14 28.77 -1.36 -20.87
CA ALA E 14 28.65 -1.50 -19.42
C ALA E 14 29.67 -0.64 -18.70
N ALA E 15 30.90 -0.56 -19.22
CA ALA E 15 31.93 0.28 -18.63
C ALA E 15 31.54 1.75 -18.68
N ALA E 16 30.96 2.20 -19.80
CA ALA E 16 30.48 3.57 -19.88
C ALA E 16 29.40 3.85 -18.84
N GLU E 17 28.46 2.92 -18.66
CA GLU E 17 27.42 3.10 -17.65
C GLU E 17 28.02 3.21 -16.25
N PHE E 18 28.95 2.33 -15.93
CA PHE E 18 29.53 2.27 -14.60
C PHE E 18 30.29 3.55 -14.27
N THR E 19 31.15 4.00 -15.18
CA THR E 19 31.89 5.23 -14.93
C THR E 19 30.99 6.46 -14.92
N THR E 20 29.92 6.45 -15.72
CA THR E 20 28.96 7.54 -15.67
C THR E 20 28.36 7.69 -14.29
N TYR E 21 28.05 6.56 -13.65
CA TYR E 21 27.58 6.58 -12.28
C TYR E 21 28.53 7.35 -11.37
N TYR E 22 29.83 7.15 -11.51
CA TYR E 22 30.79 7.90 -10.72
C TYR E 22 30.82 9.38 -11.14
N TYR E 23 31.03 9.66 -12.42
CA TYR E 23 31.25 11.04 -12.84
C TYR E 23 30.01 11.92 -12.68
N TYR E 24 28.81 11.36 -12.83
CA TYR E 24 27.61 12.17 -12.62
C TYR E 24 27.42 12.51 -11.15
N THR E 25 27.93 11.68 -10.25
CA THR E 25 27.93 12.03 -8.82
C THR E 25 28.66 13.34 -8.59
N ILE E 26 29.85 13.49 -9.17
CA ILE E 26 30.60 14.72 -9.06
C ILE E 26 29.84 15.88 -9.71
N LEU E 27 29.33 15.67 -10.92
CA LEU E 27 28.64 16.75 -11.62
C LEU E 27 27.41 17.22 -10.84
N ARG E 28 26.66 16.27 -10.27
CA ARG E 28 25.50 16.63 -9.47
C ARG E 28 25.90 17.50 -8.29
N ASN E 29 26.97 17.15 -7.59
CA ASN E 29 27.42 17.91 -6.44
C ASN E 29 27.85 19.32 -6.79
N HIS E 30 28.21 19.59 -8.04
CA HIS E 30 28.63 20.94 -8.44
C HIS E 30 27.52 21.73 -9.12
N ALA E 31 26.30 21.21 -9.18
CA ALA E 31 25.16 21.95 -9.71
C ALA E 31 24.54 22.79 -8.59
N THR E 32 25.25 23.86 -8.24
CA THR E 32 24.95 24.64 -7.05
C THR E 32 24.27 25.95 -7.41
N GLY E 33 23.85 26.68 -6.38
CA GLY E 33 23.21 27.96 -6.57
C GLY E 33 21.78 27.82 -7.06
N LEU E 34 21.18 28.97 -7.34
CA LEU E 34 19.79 28.98 -7.75
C LEU E 34 19.59 28.30 -9.12
N GLU E 35 20.48 28.55 -10.08
CA GLU E 35 20.33 27.90 -11.37
C GLU E 35 20.78 26.44 -11.33
N GLY E 36 21.72 26.09 -10.46
CA GLY E 36 22.05 24.70 -10.27
C GLY E 36 20.88 23.89 -9.76
N GLU E 37 20.04 24.49 -8.92
CA GLU E 37 18.89 23.79 -8.37
C GLU E 37 17.94 23.33 -9.47
N ALA E 38 17.92 24.02 -10.60
CA ALA E 38 17.08 23.61 -11.72
C ALA E 38 17.48 22.26 -12.30
N ILE E 39 18.74 21.86 -12.21
CA ILE E 39 19.22 20.67 -12.90
C ILE E 39 19.63 19.53 -11.97
N LYS E 40 19.77 19.79 -10.67
CA LYS E 40 20.29 18.76 -9.76
C LYS E 40 19.47 17.48 -9.81
N GLU E 41 18.13 17.60 -9.73
CA GLU E 41 17.29 16.43 -9.77
C GLU E 41 17.33 15.73 -11.12
N ILE E 42 17.55 16.47 -12.20
CA ILE E 42 17.64 15.85 -13.52
C ILE E 42 18.92 15.04 -13.65
N ILE E 43 20.04 15.57 -13.16
CA ILE E 43 21.28 14.80 -13.15
C ILE E 43 21.09 13.54 -12.31
N GLU E 44 20.43 13.65 -11.16
CA GLU E 44 20.25 12.49 -10.30
C GLU E 44 19.38 11.43 -10.95
N ASP E 45 18.31 11.83 -11.64
CA ASP E 45 17.52 10.88 -12.43
C ASP E 45 18.41 10.12 -13.42
N ALA E 46 19.20 10.86 -14.21
CA ALA E 46 20.04 10.20 -15.21
C ALA E 46 21.08 9.30 -14.56
N ARG E 47 21.70 9.75 -13.47
CA ARG E 47 22.73 8.97 -12.80
C ARG E 47 22.18 7.63 -12.32
N LEU E 48 21.01 7.63 -11.68
CA LEU E 48 20.46 6.39 -11.15
C LEU E 48 20.01 5.46 -12.28
N GLU E 49 19.48 6.01 -13.36
CA GLU E 49 19.09 5.17 -14.48
C GLU E 49 20.29 4.57 -15.19
N ASP E 50 21.40 5.30 -15.25
CA ASP E 50 22.61 4.74 -15.84
C ASP E 50 23.21 3.65 -14.97
N ARG E 51 23.09 3.78 -13.65
CA ARG E 51 23.42 2.67 -12.77
C ARG E 51 22.55 1.45 -13.07
N ASN E 52 21.24 1.66 -13.28
CA ASN E 52 20.36 0.57 -13.69
C ASN E 52 20.79 -0.06 -15.01
N HIS E 53 21.32 0.74 -15.93
CA HIS E 53 21.74 0.19 -17.22
C HIS E 53 22.90 -0.77 -17.05
N PHE E 54 23.87 -0.40 -16.21
CA PHE E 54 24.94 -1.33 -15.84
C PHE E 54 24.37 -2.62 -15.27
N GLU E 55 23.42 -2.52 -14.33
CA GLU E 55 22.82 -3.71 -13.74
C GLU E 55 22.10 -4.56 -14.78
N ALA E 56 21.47 -3.92 -15.76
CA ALA E 56 20.78 -4.68 -16.79
C ALA E 56 21.73 -5.35 -17.76
N LEU E 57 22.88 -4.73 -18.05
CA LEU E 57 23.80 -5.27 -19.03
C LEU E 57 24.57 -6.48 -18.53
N VAL E 58 24.92 -6.52 -17.24
CA VAL E 58 25.79 -7.59 -16.73
C VAL E 58 25.20 -8.97 -16.93
N PRO E 59 23.92 -9.23 -16.59
CA PRO E 59 23.38 -10.57 -16.85
C PRO E 59 23.44 -10.99 -18.30
N ARG E 60 23.18 -10.07 -19.25
CA ARG E 60 23.26 -10.44 -20.65
C ARG E 60 24.69 -10.78 -21.06
N ILE E 61 25.67 -10.04 -20.56
CA ILE E 61 27.07 -10.36 -20.85
C ILE E 61 27.40 -11.78 -20.40
N TYR E 62 26.93 -12.18 -19.22
CA TYR E 62 27.22 -13.52 -18.74
C TYR E 62 26.40 -14.58 -19.49
N GLU E 63 25.14 -14.28 -19.80
CA GLU E 63 24.34 -15.18 -20.64
C GLU E 63 25.05 -15.51 -21.94
N LEU E 64 25.67 -14.52 -22.56
CA LEU E 64 26.37 -14.71 -23.82
C LEU E 64 27.74 -15.32 -23.67
N GLY E 65 28.15 -15.69 -22.45
CA GLY E 65 29.43 -16.29 -22.23
C GLY E 65 30.58 -15.34 -22.04
N GLY E 66 30.32 -14.06 -21.86
CA GLY E 66 31.36 -13.11 -21.55
C GLY E 66 31.55 -12.94 -20.06
N GLU E 67 32.48 -12.08 -19.69
CA GLU E 67 32.72 -11.79 -18.30
C GLU E 67 33.24 -10.36 -18.15
N LEU E 68 33.02 -9.81 -16.97
CA LEU E 68 33.62 -8.53 -16.65
C LEU E 68 35.14 -8.68 -16.50
N PRO E 69 35.89 -7.64 -16.81
CA PRO E 69 37.35 -7.69 -16.59
C PRO E 69 37.68 -7.90 -15.12
N ARG E 70 38.80 -8.56 -14.88
CA ARG E 70 39.20 -8.92 -13.53
C ARG E 70 39.42 -7.69 -12.65
N ASP E 71 40.05 -6.65 -13.18
CA ASP E 71 40.38 -5.45 -12.45
C ASP E 71 39.44 -4.31 -12.84
N ILE E 72 39.04 -3.53 -11.85
CA ILE E 72 38.14 -2.40 -12.08
C ILE E 72 38.80 -1.33 -12.96
N ARG E 73 40.12 -1.18 -12.90
CA ARG E 73 40.77 -0.17 -13.72
C ARG E 73 40.76 -0.56 -15.19
N GLU E 74 40.97 -1.83 -15.50
CA GLU E 74 40.80 -2.29 -16.88
C GLU E 74 39.37 -2.09 -17.36
N PHE E 75 38.39 -2.35 -16.50
CA PHE E 75 37.00 -2.12 -16.86
C PHE E 75 36.78 -0.66 -17.25
N ALA E 76 37.21 0.27 -16.40
CA ALA E 76 37.00 1.69 -16.66
C ALA E 76 37.65 2.11 -17.97
N ASP E 77 38.84 1.58 -18.27
CA ASP E 77 39.54 1.89 -19.51
C ASP E 77 38.77 1.47 -20.75
N LEU E 78 37.84 0.53 -20.64
CA LEU E 78 37.07 0.04 -21.77
C LEU E 78 35.88 0.93 -22.14
N ALA E 79 35.56 1.95 -21.35
CA ALA E 79 34.30 2.68 -21.56
C ALA E 79 34.22 3.25 -22.97
N SER E 80 33.10 3.03 -23.64
CA SER E 80 32.92 3.48 -25.01
C SER E 80 32.63 4.97 -25.11
N CYS E 81 32.58 5.69 -23.99
CA CYS E 81 32.46 7.13 -23.96
C CYS E 81 33.67 7.73 -23.27
N ARG E 82 33.99 8.98 -23.61
CA ARG E 82 34.97 9.72 -22.83
C ARG E 82 34.42 10.00 -21.44
N ASP E 83 35.33 10.03 -20.47
CA ASP E 83 34.95 10.32 -19.09
C ASP E 83 34.31 11.71 -19.00
N ALA E 84 33.17 11.80 -18.32
CA ALA E 84 32.45 13.06 -18.14
C ALA E 84 33.06 13.87 -16.99
N TYR E 85 34.29 14.33 -17.22
CA TYR E 85 35.01 15.11 -16.22
C TYR E 85 34.31 16.41 -15.89
N LEU E 86 34.39 16.81 -14.64
CA LEU E 86 34.00 18.15 -14.25
C LEU E 86 34.77 19.17 -15.08
N PRO E 87 34.11 20.16 -15.67
CA PRO E 87 34.82 21.16 -16.46
C PRO E 87 35.78 21.97 -15.61
N GLU E 88 36.84 22.46 -16.25
CA GLU E 88 37.80 23.32 -15.56
C GLU E 88 37.12 24.57 -15.01
N GLU E 89 36.16 25.13 -15.74
CA GLU E 89 35.30 26.21 -15.24
C GLU E 89 33.91 25.63 -15.01
N PRO E 90 33.60 25.12 -13.83
CA PRO E 90 32.36 24.35 -13.65
C PRO E 90 31.12 25.20 -13.45
N THR E 91 30.83 26.06 -14.40
CA THR E 91 29.55 26.75 -14.46
C THR E 91 28.44 25.77 -14.85
N ILE E 92 27.19 26.15 -14.56
CA ILE E 92 26.06 25.31 -14.92
C ILE E 92 26.04 25.06 -16.42
N GLU E 93 26.33 26.09 -17.20
CA GLU E 93 26.37 25.95 -18.66
C GLU E 93 27.41 24.94 -19.10
N ASN E 94 28.62 25.02 -18.55
CA ASN E 94 29.66 24.06 -18.91
C ASN E 94 29.35 22.66 -18.41
N ILE E 95 28.69 22.53 -17.26
CA ILE E 95 28.31 21.21 -16.79
C ILE E 95 27.28 20.59 -17.73
N LEU E 96 26.32 21.39 -18.20
CA LEU E 96 25.33 20.87 -19.13
C LEU E 96 25.97 20.41 -20.44
N LYS E 97 26.98 21.13 -20.91
CA LYS E 97 27.69 20.69 -22.12
C LYS E 97 28.31 19.31 -21.93
N VAL E 98 28.92 19.06 -20.77
CA VAL E 98 29.50 17.75 -20.50
C VAL E 98 28.39 16.69 -20.48
N LEU E 99 27.29 16.97 -19.81
CA LEU E 99 26.19 16.01 -19.73
C LEU E 99 25.64 15.70 -21.10
N LEU E 100 25.36 16.73 -21.91
CA LEU E 100 24.79 16.51 -23.23
C LEU E 100 25.74 15.68 -24.10
N GLU E 101 27.02 16.00 -24.08
CA GLU E 101 28.00 15.24 -24.84
C GLU E 101 28.03 13.77 -24.41
N ALA E 102 28.02 13.52 -23.10
CA ALA E 102 28.00 12.15 -22.62
C ALA E 102 26.74 11.40 -23.08
N GLU E 103 25.59 12.05 -23.02
CA GLU E 103 24.35 11.38 -23.40
C GLU E 103 24.28 11.13 -24.90
N ARG E 104 24.80 12.06 -25.71
CA ARG E 104 24.83 11.83 -27.14
C ARG E 104 25.72 10.65 -27.51
N CYS E 105 26.85 10.50 -26.82
CA CYS E 105 27.67 9.32 -27.05
C CYS E 105 26.94 8.05 -26.65
N ALA E 106 26.21 8.07 -25.53
CA ALA E 106 25.46 6.90 -25.11
C ALA E 106 24.40 6.52 -26.16
N VAL E 107 23.67 7.50 -26.68
CA VAL E 107 22.69 7.23 -27.72
C VAL E 107 23.36 6.54 -28.91
N GLY E 108 24.55 7.03 -29.28
CA GLY E 108 25.31 6.38 -30.35
C GLY E 108 25.67 4.95 -30.04
N VAL E 109 26.09 4.67 -28.80
CA VAL E 109 26.52 3.33 -28.42
C VAL E 109 25.39 2.32 -28.58
N TYR E 110 24.21 2.65 -28.08
CA TYR E 110 23.13 1.67 -28.13
C TYR E 110 22.48 1.61 -29.51
N THR E 111 22.52 2.71 -30.27
CA THR E 111 22.14 2.64 -31.67
C THR E 111 23.02 1.66 -32.44
N GLU E 112 24.34 1.69 -32.18
CA GLU E 112 25.25 0.73 -32.80
C GLU E 112 24.89 -0.71 -32.43
N ILE E 113 24.59 -0.96 -31.15
CA ILE E 113 24.28 -2.33 -30.74
C ILE E 113 22.96 -2.78 -31.36
N CYS E 114 21.94 -1.92 -31.35
CA CYS E 114 20.68 -2.25 -31.99
C CYS E 114 20.86 -2.57 -33.47
N ASN E 115 21.66 -1.77 -34.18
CA ASN E 115 21.89 -2.02 -35.60
C ASN E 115 22.57 -3.37 -35.80
N TYR E 116 23.52 -3.72 -34.93
CA TYR E 116 24.25 -4.96 -35.06
C TYR E 116 23.38 -6.18 -34.76
N THR E 117 22.42 -6.07 -33.86
CA THR E 117 21.65 -7.22 -33.43
C THR E 117 20.28 -7.32 -34.09
N PHE E 118 19.85 -6.31 -34.85
CA PHE E 118 18.50 -6.28 -35.41
C PHE E 118 18.24 -7.50 -36.27
N GLY E 119 17.20 -8.26 -35.92
CA GLY E 119 16.88 -9.49 -36.61
C GLY E 119 17.85 -10.63 -36.46
N LYS E 120 18.70 -10.61 -35.45
CA LYS E 120 19.69 -11.65 -35.24
C LYS E 120 19.72 -12.16 -33.80
N ASP E 121 19.80 -11.25 -32.83
CA ASP E 121 19.81 -11.57 -31.41
C ASP E 121 18.65 -10.82 -30.75
N PRO E 122 17.45 -11.39 -30.74
CA PRO E 122 16.28 -10.60 -30.29
C PRO E 122 16.35 -10.18 -28.83
N ARG E 123 16.84 -11.03 -27.93
CA ARG E 123 16.94 -10.62 -26.53
C ARG E 123 17.90 -9.44 -26.37
N THR E 124 19.08 -9.53 -26.98
CA THR E 124 20.05 -8.44 -26.87
C THR E 124 19.52 -7.17 -27.53
N TYR E 125 18.90 -7.30 -28.70
CA TYR E 125 18.30 -6.13 -29.35
C TYR E 125 17.29 -5.45 -28.44
N ASP E 126 16.41 -6.22 -27.82
CA ASP E 126 15.38 -5.65 -26.96
C ASP E 126 15.99 -4.97 -25.74
N LEU E 127 17.06 -5.52 -25.19
CA LEU E 127 17.77 -4.88 -24.09
C LEU E 127 18.43 -3.59 -24.54
N ALA E 128 19.16 -3.63 -25.66
CA ALA E 128 19.75 -2.42 -26.22
C ALA E 128 18.69 -1.36 -26.49
N LEU E 129 17.54 -1.77 -27.05
CA LEU E 129 16.45 -0.84 -27.31
C LEU E 129 15.92 -0.22 -26.02
N ALA E 130 15.71 -1.03 -24.99
CA ALA E 130 15.21 -0.50 -23.73
C ALA E 130 16.15 0.57 -23.17
N ILE E 131 17.45 0.31 -23.19
CA ILE E 131 18.40 1.31 -22.72
C ILE E 131 18.39 2.52 -23.65
N LEU E 132 18.30 2.29 -24.96
CA LEU E 132 18.25 3.39 -25.93
C LEU E 132 17.09 4.34 -25.65
N HIS E 133 15.91 3.80 -25.32
CA HIS E 133 14.79 4.65 -24.91
C HIS E 133 15.22 5.63 -23.83
N GLU E 134 15.86 5.13 -22.79
CA GLU E 134 16.22 5.98 -21.66
C GLU E 134 17.34 6.96 -22.02
N GLU E 135 18.28 6.57 -22.87
CA GLU E 135 19.33 7.50 -23.28
C GLU E 135 18.77 8.62 -24.15
N ILE E 136 17.84 8.31 -25.05
CA ILE E 136 17.23 9.36 -25.86
C ILE E 136 16.47 10.34 -24.96
N GLU E 137 15.82 9.84 -23.92
CA GLU E 137 15.17 10.73 -22.96
C GLU E 137 16.18 11.56 -22.19
N HIS E 138 17.28 10.95 -21.74
CA HIS E 138 18.33 11.70 -21.06
C HIS E 138 18.87 12.81 -21.96
N GLU E 139 19.16 12.48 -23.20
CA GLU E 139 19.65 13.49 -24.14
C GLU E 139 18.64 14.61 -24.31
N ALA E 140 17.35 14.27 -24.38
CA ALA E 140 16.31 15.28 -24.51
C ALA E 140 16.27 16.22 -23.30
N TRP E 141 16.33 15.67 -22.08
CA TRP E 141 16.36 16.50 -20.88
C TRP E 141 17.46 17.56 -20.96
N PHE E 142 18.68 17.13 -21.27
CA PHE E 142 19.80 18.05 -21.23
C PHE E 142 19.81 19.00 -22.42
N GLU E 143 19.39 18.55 -23.60
CA GLU E 143 19.30 19.45 -24.74
C GLU E 143 18.26 20.54 -24.51
N GLU E 144 17.15 20.20 -23.85
CA GLU E 144 16.17 21.21 -23.51
C GLU E 144 16.73 22.24 -22.53
N LEU E 145 17.42 21.78 -21.49
CA LEU E 145 17.97 22.70 -20.50
C LEU E 145 19.03 23.60 -21.12
N LEU E 146 19.82 23.09 -22.03
CA LEU E 146 20.97 23.82 -22.54
C LEU E 146 20.62 24.70 -23.74
N THR E 147 19.97 24.15 -24.74
CA THR E 147 19.72 24.86 -26.00
C THR E 147 18.30 25.41 -26.12
N GLY E 148 17.40 25.03 -25.22
CA GLY E 148 16.01 25.44 -25.34
C GLY E 148 15.19 24.73 -26.40
N LYS E 149 15.66 23.62 -26.93
CA LYS E 149 14.84 22.83 -27.86
C LYS E 149 13.59 22.31 -27.14
N PRO E 150 12.40 22.55 -27.67
CA PRO E 150 11.19 22.06 -27.01
C PRO E 150 11.20 20.55 -26.89
N SER E 151 10.58 20.07 -25.82
CA SER E 151 10.46 18.63 -25.60
C SER E 151 9.25 18.39 -24.73
N GLY E 152 8.71 17.20 -24.83
CA GLY E 152 7.57 16.84 -24.02
C GLY E 152 7.90 15.97 -22.84
N HIS E 153 9.07 16.11 -22.25
CA HIS E 153 9.44 15.23 -21.14
C HIS E 153 9.36 15.95 -19.80
N PHE E 154 9.12 15.15 -18.75
CA PHE E 154 9.05 15.58 -17.36
C PHE E 154 10.17 14.92 -16.60
N ARG E 155 10.26 15.28 -15.33
CA ARG E 155 11.01 14.46 -14.40
C ARG E 155 10.33 13.12 -14.26
N ARG E 156 11.12 12.12 -13.88
CA ARG E 156 10.61 10.79 -13.56
C ARG E 156 9.65 10.88 -12.37
N GLY E 157 8.92 9.81 -12.11
CA GLY E 157 8.21 9.73 -10.86
C GLY E 157 9.20 9.75 -9.70
N LYS E 158 9.80 8.67 -9.47
CA LYS E 158 10.91 8.56 -8.54
C LYS E 158 12.23 8.56 -9.29
N PRO E 159 13.30 9.05 -8.70
CA PRO E 159 14.61 8.96 -9.36
C PRO E 159 15.02 7.51 -9.54
N GLY E 160 15.60 7.22 -10.71
CA GLY E 160 15.97 5.87 -11.03
C GLY E 160 14.82 4.96 -11.37
N GLU E 161 13.67 5.52 -11.76
CA GLU E 161 12.51 4.70 -12.09
C GLU E 161 12.82 3.72 -13.21
N SER E 162 13.55 4.14 -14.23
CA SER E 162 13.86 3.34 -15.42
C SER E 162 12.64 2.63 -15.97
N PRO E 163 11.65 3.37 -16.49
CA PRO E 163 10.41 2.71 -16.94
C PRO E 163 10.63 1.72 -18.07
N TYR E 164 11.63 1.89 -18.91
CA TYR E 164 11.83 0.99 -20.03
C TYR E 164 12.69 -0.21 -19.69
N VAL E 165 13.68 -0.06 -18.82
CA VAL E 165 14.59 -1.16 -18.58
CA VAL E 165 14.64 -1.12 -18.52
C VAL E 165 14.22 -1.97 -17.33
N SER E 166 13.22 -1.52 -16.56
CA SER E 166 12.89 -2.20 -15.30
C SER E 166 12.53 -3.67 -15.49
N LYS E 167 11.91 -4.05 -16.60
CA LYS E 167 11.63 -5.45 -16.86
C LYS E 167 12.89 -6.31 -16.90
N PHE E 168 14.05 -5.72 -17.17
CA PHE E 168 15.32 -6.44 -17.10
C PHE E 168 15.96 -6.40 -15.72
N LEU E 169 15.41 -5.68 -14.75
CA LEU E 169 16.06 -5.47 -13.47
C LEU E 169 15.47 -6.39 -12.41
N LYS E 170 16.32 -6.86 -11.52
CA LYS E 170 15.92 -7.71 -10.41
C LYS E 170 15.49 -6.89 -9.21
N ILE F 1 -34.77 28.81 -11.67
CA ILE F 1 -33.56 28.70 -12.48
C ILE F 1 -33.91 28.26 -13.92
N ASP F 2 -33.35 28.97 -14.89
CA ASP F 2 -33.56 28.67 -16.30
C ASP F 2 -32.53 27.60 -16.69
N VAL F 3 -33.00 26.36 -16.82
CA VAL F 3 -32.09 25.25 -17.06
C VAL F 3 -31.39 25.36 -18.41
N GLU F 4 -32.08 25.87 -19.42
CA GLU F 4 -31.43 26.08 -20.71
C GLU F 4 -30.28 27.07 -20.61
N LYS F 5 -30.48 28.17 -19.91
CA LYS F 5 -29.40 29.12 -19.69
C LYS F 5 -28.26 28.48 -18.90
N LEU F 6 -28.59 27.73 -17.85
CA LEU F 6 -27.54 27.05 -17.08
C LEU F 6 -26.79 26.05 -17.95
N LEU F 7 -27.51 25.26 -18.76
CA LEU F 7 -26.85 24.30 -19.63
C LEU F 7 -25.87 24.98 -20.59
N GLU F 8 -26.27 26.13 -21.11
CA GLU F 8 -25.37 26.86 -21.99
C GLU F 8 -24.10 27.27 -21.27
N LEU F 9 -24.21 27.79 -20.05
CA LEU F 9 -23.03 28.13 -19.28
C LEU F 9 -22.13 26.93 -19.04
N LEU F 10 -22.72 25.78 -18.67
CA LEU F 10 -21.91 24.62 -18.34
C LEU F 10 -21.22 24.05 -19.58
N ILE F 11 -21.90 24.05 -20.73
CA ILE F 11 -21.28 23.53 -21.94
C ILE F 11 -20.14 24.44 -22.39
N LYS F 12 -20.33 25.75 -22.28
CA LYS F 12 -19.25 26.69 -22.60
C LYS F 12 -18.08 26.55 -21.65
N ALA F 13 -18.36 26.32 -20.36
CA ALA F 13 -17.30 26.04 -19.41
C ALA F 13 -16.57 24.75 -19.77
N ALA F 14 -17.30 23.70 -20.12
CA ALA F 14 -16.68 22.43 -20.50
C ALA F 14 -15.80 22.58 -21.73
N ALA F 15 -16.25 23.37 -22.71
CA ALA F 15 -15.46 23.62 -23.90
C ALA F 15 -14.16 24.34 -23.57
N ALA F 16 -14.21 25.31 -22.67
CA ALA F 16 -12.99 25.98 -22.24
C ALA F 16 -12.02 25.02 -21.56
N GLU F 17 -12.52 24.12 -20.71
CA GLU F 17 -11.66 23.12 -20.08
C GLU F 17 -11.00 22.22 -21.11
N PHE F 18 -11.79 21.73 -22.07
CA PHE F 18 -11.30 20.79 -23.05
C PHE F 18 -10.21 21.41 -23.94
N THR F 19 -10.44 22.62 -24.45
CA THR F 19 -9.44 23.27 -25.28
C THR F 19 -8.21 23.67 -24.47
N THR F 20 -8.39 24.02 -23.19
CA THR F 20 -7.25 24.32 -22.33
C THR F 20 -6.32 23.12 -22.24
N TYR F 21 -6.89 21.93 -22.13
CA TYR F 21 -6.11 20.71 -22.14
C TYR F 21 -5.20 20.64 -23.36
N TYR F 22 -5.72 20.99 -24.54
CA TYR F 22 -4.88 21.01 -25.73
C TYR F 22 -3.85 22.13 -25.67
N TYR F 23 -4.29 23.37 -25.44
CA TYR F 23 -3.38 24.52 -25.56
C TYR F 23 -2.30 24.52 -24.48
N TYR F 24 -2.59 24.02 -23.27
CA TYR F 24 -1.55 23.96 -22.25
C TYR F 24 -0.50 22.92 -22.57
N THR F 25 -0.86 21.88 -23.33
CA THR F 25 0.12 20.93 -23.81
C THR F 25 1.20 21.62 -24.62
N ILE F 26 0.80 22.48 -25.55
CA ILE F 26 1.75 23.25 -26.34
C ILE F 26 2.56 24.20 -25.45
N LEU F 27 1.88 24.92 -24.55
CA LEU F 27 2.60 25.87 -23.71
C LEU F 27 3.62 25.16 -22.82
N ARG F 28 3.26 24.01 -22.28
CA ARG F 28 4.20 23.24 -21.46
C ARG F 28 5.44 22.86 -22.26
N ASN F 29 5.25 22.40 -23.50
CA ASN F 29 6.38 21.99 -24.32
C ASN F 29 7.32 23.15 -24.65
N HIS F 30 6.85 24.39 -24.60
CA HIS F 30 7.71 25.53 -24.89
C HIS F 30 8.27 26.21 -23.65
N ALA F 31 8.06 25.65 -22.47
CA ALA F 31 8.65 26.18 -21.24
C ALA F 31 10.04 25.56 -21.06
N THR F 32 10.97 26.03 -21.88
CA THR F 32 12.28 25.41 -22.02
C THR F 32 13.36 26.22 -21.30
N GLY F 33 14.56 25.67 -21.29
CA GLY F 33 15.68 26.33 -20.65
C GLY F 33 15.61 26.27 -19.15
N LEU F 34 16.57 26.95 -18.52
CA LEU F 34 16.66 26.92 -17.07
C LEU F 34 15.46 27.60 -16.41
N GLU F 35 15.02 28.74 -16.94
CA GLU F 35 13.85 29.39 -16.34
C GLU F 35 12.56 28.71 -16.73
N GLY F 36 12.49 28.08 -17.90
CA GLY F 36 11.34 27.26 -18.22
C GLY F 36 11.14 26.11 -17.26
N GLU F 37 12.23 25.53 -16.77
CA GLU F 37 12.15 24.41 -15.85
C GLU F 37 11.41 24.79 -14.56
N ALA F 38 11.45 26.07 -14.20
CA ALA F 38 10.73 26.53 -13.01
C ALA F 38 9.21 26.38 -13.15
N ILE F 39 8.66 26.43 -14.36
CA ILE F 39 7.22 26.47 -14.53
C ILE F 39 6.63 25.23 -15.20
N LYS F 40 7.45 24.36 -15.77
CA LYS F 40 6.93 23.23 -16.53
C LYS F 40 6.00 22.36 -15.69
N GLU F 41 6.40 22.01 -14.47
CA GLU F 41 5.56 21.19 -13.61
C GLU F 41 4.29 21.92 -13.18
N ILE F 42 4.35 23.24 -13.06
CA ILE F 42 3.16 23.98 -12.67
C ILE F 42 2.15 24.01 -13.81
N ILE F 43 2.61 24.19 -15.05
CA ILE F 43 1.71 24.10 -16.19
C ILE F 43 1.08 22.71 -16.26
N GLU F 44 1.89 21.67 -16.02
CA GLU F 44 1.38 20.31 -16.10
C GLU F 44 0.33 20.03 -15.03
N ASP F 45 0.54 20.52 -13.80
CA ASP F 45 -0.49 20.43 -12.77
C ASP F 45 -1.80 21.07 -13.24
N ALA F 46 -1.73 22.30 -13.74
CA ALA F 46 -2.94 22.98 -14.19
C ALA F 46 -3.61 22.25 -15.35
N ARG F 47 -2.80 21.79 -16.31
CA ARG F 47 -3.35 21.10 -17.48
C ARG F 47 -4.14 19.86 -17.08
N LEU F 48 -3.57 19.03 -16.19
CA LEU F 48 -4.26 17.80 -15.80
C LEU F 48 -5.50 18.10 -14.98
N GLU F 49 -5.46 19.12 -14.13
CA GLU F 49 -6.65 19.46 -13.36
C GLU F 49 -7.75 20.03 -14.25
N ASP F 50 -7.39 20.77 -15.29
CA ASP F 50 -8.41 21.27 -16.21
C ASP F 50 -9.02 20.14 -17.03
N ARG F 51 -8.24 19.12 -17.36
CA ARG F 51 -8.81 17.91 -17.93
C ARG F 51 -9.81 17.27 -16.97
N ASN F 52 -9.47 17.21 -15.67
CA ASN F 52 -10.41 16.71 -14.68
C ASN F 52 -11.67 17.57 -14.61
N HIS F 53 -11.57 18.87 -14.83
CA HIS F 53 -12.75 19.72 -14.77
C HIS F 53 -13.71 19.38 -15.89
N PHE F 54 -13.20 19.16 -17.10
CA PHE F 54 -14.01 18.66 -18.20
C PHE F 54 -14.71 17.35 -17.81
N GLU F 55 -13.97 16.41 -17.24
CA GLU F 55 -14.55 15.14 -16.83
C GLU F 55 -15.64 15.34 -15.77
N ALA F 56 -15.46 16.29 -14.87
CA ALA F 56 -16.46 16.53 -13.84
C ALA F 56 -17.70 17.21 -14.40
N LEU F 57 -17.55 18.07 -15.40
CA LEU F 57 -18.69 18.82 -15.93
C LEU F 57 -19.63 17.98 -16.78
N VAL F 58 -19.09 17.01 -17.53
CA VAL F 58 -19.92 16.27 -18.49
C VAL F 58 -21.07 15.52 -17.82
N PRO F 59 -20.86 14.78 -16.72
CA PRO F 59 -22.01 14.13 -16.07
C PRO F 59 -23.08 15.10 -15.64
N ARG F 60 -22.73 16.27 -15.10
CA ARG F 60 -23.74 17.23 -14.70
C ARG F 60 -24.53 17.75 -15.89
N ILE F 61 -23.86 18.01 -17.02
CA ILE F 61 -24.55 18.44 -18.23
C ILE F 61 -25.60 17.41 -18.64
N TYR F 62 -25.26 16.13 -18.58
CA TYR F 62 -26.23 15.11 -18.96
C TYR F 62 -27.31 14.92 -17.91
N GLU F 63 -26.96 15.00 -16.62
CA GLU F 63 -27.97 14.99 -15.55
C GLU F 63 -29.04 16.04 -15.78
N LEU F 64 -28.63 17.23 -16.20
CA LEU F 64 -29.56 18.33 -16.41
C LEU F 64 -30.27 18.24 -17.75
N GLY F 65 -30.07 17.17 -18.52
CA GLY F 65 -30.73 17.01 -19.79
C GLY F 65 -30.07 17.68 -20.97
N GLY F 66 -28.85 18.16 -20.82
CA GLY F 66 -28.10 18.69 -21.94
C GLY F 66 -27.27 17.62 -22.61
N GLU F 67 -26.55 18.04 -23.64
CA GLU F 67 -25.66 17.13 -24.36
C GLU F 67 -24.50 17.91 -24.94
N LEU F 68 -23.39 17.21 -25.15
CA LEU F 68 -22.28 17.78 -25.86
C LEU F 68 -22.64 17.99 -27.34
N PRO F 69 -22.07 19.00 -27.97
CA PRO F 69 -22.30 19.18 -29.41
C PRO F 69 -21.83 17.96 -30.21
N ARG F 70 -22.50 17.73 -31.32
CA ARG F 70 -22.23 16.55 -32.15
C ARG F 70 -20.79 16.56 -32.69
N ASP F 71 -20.31 17.71 -33.13
CA ASP F 71 -19.00 17.84 -33.74
C ASP F 71 -18.03 18.52 -32.76
N ILE F 72 -16.79 18.03 -32.75
CA ILE F 72 -15.78 18.58 -31.85
C ILE F 72 -15.43 20.02 -32.21
N ARG F 73 -15.56 20.41 -33.48
CA ARG F 73 -15.23 21.78 -33.85
C ARG F 73 -16.27 22.75 -33.34
N GLU F 74 -17.56 22.38 -33.39
CA GLU F 74 -18.58 23.20 -32.76
C GLU F 74 -18.37 23.31 -31.26
N PHE F 75 -17.96 22.22 -30.61
CA PHE F 75 -17.66 22.27 -29.18
C PHE F 75 -16.57 23.29 -28.90
N ALA F 76 -15.45 23.21 -29.62
CA ALA F 76 -14.34 24.13 -29.38
C ALA F 76 -14.75 25.58 -29.58
N ASP F 77 -15.60 25.85 -30.57
CA ASP F 77 -16.08 27.20 -30.83
C ASP F 77 -16.90 27.78 -29.68
N LEU F 78 -17.45 26.93 -28.81
CA LEU F 78 -18.26 27.38 -27.68
C LEU F 78 -17.45 27.83 -26.47
N ALA F 79 -16.13 27.66 -26.47
CA ALA F 79 -15.36 27.87 -25.24
C ALA F 79 -15.55 29.30 -24.71
N SER F 80 -15.84 29.40 -23.42
CA SER F 80 -16.10 30.71 -22.82
C SER F 80 -14.82 31.50 -22.56
N CYS F 81 -13.66 30.97 -22.90
CA CYS F 81 -12.40 31.69 -22.85
C CYS F 81 -11.80 31.78 -24.24
N ARG F 82 -10.97 32.79 -24.47
CA ARG F 82 -10.17 32.83 -25.68
C ARG F 82 -9.13 31.70 -25.64
N ASP F 83 -8.81 31.18 -26.82
CA ASP F 83 -7.81 30.13 -26.93
C ASP F 83 -6.46 30.63 -26.41
N ALA F 84 -5.82 29.83 -25.57
CA ALA F 84 -4.51 30.16 -24.99
C ALA F 84 -3.38 29.83 -25.98
N TYR F 85 -3.35 30.58 -27.08
CA TYR F 85 -2.36 30.39 -28.11
C TYR F 85 -0.95 30.63 -27.60
N LEU F 86 -0.02 29.86 -28.11
CA LEU F 86 1.39 30.15 -27.92
C LEU F 86 1.69 31.56 -28.41
N PRO F 87 2.36 32.39 -27.62
CA PRO F 87 2.67 33.76 -28.06
C PRO F 87 3.58 33.77 -29.28
N GLU F 88 3.47 34.82 -30.08
CA GLU F 88 4.34 34.97 -31.24
C GLU F 88 5.80 35.02 -30.83
N GLU F 89 6.12 35.64 -29.70
CA GLU F 89 7.45 35.58 -29.09
C GLU F 89 7.37 34.73 -27.84
N PRO F 90 7.58 33.43 -27.92
CA PRO F 90 7.26 32.53 -26.80
C PRO F 90 8.34 32.49 -25.71
N THR F 91 8.67 33.65 -25.15
CA THR F 91 9.48 33.71 -23.94
C THR F 91 8.69 33.21 -22.74
N ILE F 92 9.40 32.85 -21.68
CA ILE F 92 8.75 32.40 -20.46
C ILE F 92 7.80 33.46 -19.93
N GLU F 93 8.22 34.71 -19.97
CA GLU F 93 7.39 35.81 -19.52
C GLU F 93 6.10 35.91 -20.33
N ASN F 94 6.19 35.83 -21.65
CA ASN F 94 4.99 35.89 -22.48
C ASN F 94 4.10 34.66 -22.30
N ILE F 95 4.70 33.49 -22.06
CA ILE F 95 3.90 32.31 -21.81
C ILE F 95 3.12 32.47 -20.51
N LEU F 96 3.76 33.01 -19.48
CA LEU F 96 3.06 33.22 -18.21
C LEU F 96 1.90 34.19 -18.37
N LYS F 97 2.07 35.23 -19.19
CA LYS F 97 0.96 36.16 -19.44
C LYS F 97 -0.24 35.44 -20.04
N VAL F 98 -0.01 34.53 -20.99
CA VAL F 98 -1.10 33.77 -21.57
C VAL F 98 -1.77 32.90 -20.51
N LEU F 99 -0.96 32.21 -19.70
CA LEU F 99 -1.51 31.34 -18.67
C LEU F 99 -2.34 32.14 -17.67
N LEU F 100 -1.81 33.26 -17.18
CA LEU F 100 -2.53 34.05 -16.20
C LEU F 100 -3.84 34.57 -16.76
N GLU F 101 -3.83 35.05 -18.00
CA GLU F 101 -5.05 35.52 -18.63
C GLU F 101 -6.08 34.40 -18.76
N ALA F 102 -5.66 33.21 -19.17
CA ALA F 102 -6.58 32.08 -19.26
C ALA F 102 -7.17 31.73 -17.91
N GLU F 103 -6.36 31.72 -16.86
CA GLU F 103 -6.86 31.33 -15.54
C GLU F 103 -7.80 32.40 -14.98
N ARG F 104 -7.52 33.68 -15.22
CA ARG F 104 -8.42 34.71 -14.76
C ARG F 104 -9.78 34.62 -15.44
N CYS F 105 -9.81 34.29 -16.72
CA CYS F 105 -11.09 34.06 -17.39
C CYS F 105 -11.81 32.86 -16.78
N ALA F 106 -11.09 31.79 -16.47
CA ALA F 106 -11.72 30.62 -15.86
C ALA F 106 -12.35 30.98 -14.51
N VAL F 107 -11.62 31.73 -13.68
CA VAL F 107 -12.16 32.16 -12.40
C VAL F 107 -13.46 32.93 -12.62
N GLY F 108 -13.49 33.80 -13.61
CA GLY F 108 -14.70 34.52 -13.95
C GLY F 108 -15.85 33.61 -14.36
N VAL F 109 -15.55 32.58 -15.15
CA VAL F 109 -16.58 31.66 -15.65
C VAL F 109 -17.29 30.95 -14.49
N TYR F 110 -16.52 30.42 -13.55
CA TYR F 110 -17.15 29.65 -12.48
C TYR F 110 -17.75 30.55 -11.42
N THR F 111 -17.22 31.76 -11.23
CA THR F 111 -17.88 32.75 -10.41
C THR F 111 -19.26 33.08 -10.95
N GLU F 112 -19.38 33.24 -12.28
CA GLU F 112 -20.68 33.47 -12.88
C GLU F 112 -21.64 32.30 -12.63
N ILE F 113 -21.17 31.06 -12.76
CA ILE F 113 -22.05 29.93 -12.56
C ILE F 113 -22.48 29.82 -11.11
N CYS F 114 -21.53 30.00 -10.18
CA CYS F 114 -21.86 30.01 -8.75
C CYS F 114 -22.91 31.08 -8.43
N ASN F 115 -22.73 32.29 -8.96
CA ASN F 115 -23.70 33.35 -8.70
C ASN F 115 -25.08 32.99 -9.23
N TYR F 116 -25.14 32.35 -10.39
CA TYR F 116 -26.40 31.99 -11.00
C TYR F 116 -27.11 30.87 -10.24
N THR F 117 -26.37 29.95 -9.65
CA THR F 117 -26.98 28.78 -9.02
C THR F 117 -27.11 28.90 -7.51
N PHE F 118 -26.54 29.92 -6.88
CA PHE F 118 -26.51 30.03 -5.43
C PHE F 118 -27.92 30.01 -4.84
N GLY F 119 -28.17 29.05 -3.97
CA GLY F 119 -29.49 28.86 -3.38
C GLY F 119 -30.58 28.40 -4.32
N LYS F 120 -30.23 27.81 -5.46
CA LYS F 120 -31.23 27.36 -6.43
C LYS F 120 -30.94 25.94 -6.91
N ASP F 121 -29.71 25.66 -7.34
CA ASP F 121 -29.29 24.35 -7.81
C ASP F 121 -28.09 23.91 -6.97
N PRO F 122 -28.32 23.29 -5.82
CA PRO F 122 -27.20 23.03 -4.90
C PRO F 122 -26.14 22.10 -5.46
N ARG F 123 -26.51 21.05 -6.20
CA ARG F 123 -25.49 20.17 -6.78
C ARG F 123 -24.61 20.93 -7.78
N THR F 124 -25.23 21.69 -8.68
CA THR F 124 -24.45 22.44 -9.67
C THR F 124 -23.59 23.49 -9.00
N TYR F 125 -24.14 24.21 -8.01
CA TYR F 125 -23.37 25.18 -7.27
C TYR F 125 -22.14 24.56 -6.64
N ASP F 126 -22.30 23.41 -6.00
CA ASP F 126 -21.18 22.75 -5.33
C ASP F 126 -20.13 22.29 -6.34
N LEU F 127 -20.55 21.84 -7.51
CA LEU F 127 -19.61 21.48 -8.56
C LEU F 127 -18.87 22.71 -9.08
N ALA F 128 -19.61 23.78 -9.40
CA ALA F 128 -18.98 25.04 -9.80
C ALA F 128 -18.00 25.53 -8.74
N LEU F 129 -18.39 25.46 -7.47
CA LEU F 129 -17.51 25.88 -6.39
C LEU F 129 -16.24 25.03 -6.33
N ALA F 130 -16.37 23.71 -6.46
CA ALA F 130 -15.20 22.84 -6.43
C ALA F 130 -14.21 23.22 -7.53
N ILE F 131 -14.70 23.45 -8.74
CA ILE F 131 -13.83 23.85 -9.82
C ILE F 131 -13.26 25.25 -9.55
N LEU F 132 -14.08 26.14 -9.02
CA LEU F 132 -13.62 27.49 -8.69
C LEU F 132 -12.43 27.46 -7.72
N HIS F 133 -12.49 26.61 -6.69
CA HIS F 133 -11.34 26.43 -5.80
C HIS F 133 -10.06 26.19 -6.61
N GLU F 134 -10.11 25.26 -7.54
CA GLU F 134 -8.91 24.90 -8.29
C GLU F 134 -8.49 26.01 -9.26
N GLU F 135 -9.43 26.73 -9.85
CA GLU F 135 -9.06 27.84 -10.73
C GLU F 135 -8.42 28.99 -9.95
N ILE F 136 -8.94 29.30 -8.76
CA ILE F 136 -8.32 30.34 -7.94
C ILE F 136 -6.90 29.94 -7.57
N GLU F 137 -6.68 28.67 -7.28
CA GLU F 137 -5.32 28.19 -7.01
C GLU F 137 -4.44 28.29 -8.27
N HIS F 138 -4.97 27.89 -9.42
CA HIS F 138 -4.21 28.03 -10.67
C HIS F 138 -3.81 29.47 -10.92
N GLU F 139 -4.77 30.39 -10.77
CA GLU F 139 -4.48 31.81 -10.94
C GLU F 139 -3.40 32.27 -9.97
N ALA F 140 -3.46 31.80 -8.72
CA ALA F 140 -2.46 32.17 -7.73
C ALA F 140 -1.07 31.68 -8.13
N TRP F 141 -0.94 30.43 -8.58
CA TRP F 141 0.35 29.91 -9.03
C TRP F 141 0.98 30.83 -10.08
N PHE F 142 0.21 31.18 -11.11
CA PHE F 142 0.78 31.93 -12.21
C PHE F 142 0.99 33.41 -11.86
N GLU F 143 0.12 34.00 -11.05
CA GLU F 143 0.34 35.38 -10.61
C GLU F 143 1.59 35.48 -9.74
N GLU F 144 1.85 34.48 -8.91
CA GLU F 144 3.08 34.48 -8.13
C GLU F 144 4.31 34.39 -9.03
N LEU F 145 4.29 33.49 -10.00
CA LEU F 145 5.44 33.33 -10.90
C LEU F 145 5.70 34.59 -11.72
N LEU F 146 4.65 35.27 -12.14
CA LEU F 146 4.77 36.37 -13.07
C LEU F 146 5.00 37.71 -12.37
N THR F 147 4.17 38.06 -11.40
CA THR F 147 4.21 39.37 -10.77
C THR F 147 4.91 39.38 -9.42
N GLY F 148 5.21 38.21 -8.84
CA GLY F 148 5.78 38.16 -7.51
C GLY F 148 4.83 38.41 -6.37
N LYS F 149 3.52 38.37 -6.60
CA LYS F 149 2.58 38.48 -5.49
C LYS F 149 2.76 37.30 -4.54
N PRO F 150 2.94 37.54 -3.25
CA PRO F 150 3.10 36.42 -2.31
C PRO F 150 1.87 35.52 -2.31
N SER F 151 2.11 34.25 -2.06
CA SER F 151 1.03 33.27 -1.97
C SER F 151 1.51 32.13 -1.11
N GLY F 152 0.55 31.42 -0.53
CA GLY F 152 0.89 30.28 0.28
C GLY F 152 0.67 28.95 -0.39
N HIS F 153 0.83 28.87 -1.70
CA HIS F 153 0.57 27.61 -2.39
C HIS F 153 1.84 26.88 -2.78
N PHE F 154 1.74 25.56 -2.89
CA PHE F 154 2.80 24.65 -3.29
C PHE F 154 2.40 23.99 -4.58
N ARG F 155 3.30 23.17 -5.10
CA ARG F 155 2.91 22.19 -6.10
C ARG F 155 1.98 21.19 -5.45
N ARG F 156 1.16 20.55 -6.29
CA ARG F 156 0.30 19.46 -5.87
C ARG F 156 1.15 18.30 -5.38
N GLY F 157 0.54 17.33 -4.73
CA GLY F 157 1.23 16.08 -4.48
C GLY F 157 1.61 15.43 -5.79
N LYS F 158 0.69 14.83 -6.41
CA LYS F 158 0.82 14.32 -7.76
C LYS F 158 0.18 15.28 -8.75
N PRO F 159 0.67 15.34 -9.98
CA PRO F 159 0.00 16.17 -10.99
C PRO F 159 -1.41 15.67 -11.26
N GLY F 160 -2.33 16.60 -11.40
CA GLY F 160 -3.72 16.23 -11.59
C GLY F 160 -4.42 15.71 -10.37
N GLU F 161 -3.91 16.02 -9.18
CA GLU F 161 -4.52 15.54 -7.94
C GLU F 161 -5.97 16.00 -7.83
N SER F 162 -6.26 17.25 -8.19
CA SER F 162 -7.58 17.85 -8.07
C SER F 162 -8.20 17.60 -6.70
N PRO F 163 -7.63 18.14 -5.62
CA PRO F 163 -8.16 17.82 -4.29
C PRO F 163 -9.61 18.26 -4.08
N TYR F 164 -10.06 19.30 -4.74
CA TYR F 164 -11.43 19.77 -4.53
C TYR F 164 -12.45 19.09 -5.41
N VAL F 165 -12.11 18.74 -6.64
CA VAL F 165 -13.10 18.18 -7.54
CA VAL F 165 -13.05 18.18 -7.61
C VAL F 165 -13.09 16.66 -7.58
N SER F 166 -12.13 16.01 -6.91
CA SER F 166 -12.01 14.55 -7.00
C SER F 166 -13.28 13.82 -6.55
N LYS F 167 -14.01 14.36 -5.57
CA LYS F 167 -15.27 13.74 -5.18
C LYS F 167 -16.28 13.65 -6.33
N PHE F 168 -16.15 14.48 -7.35
CA PHE F 168 -16.99 14.39 -8.54
C PHE F 168 -16.40 13.46 -9.61
N LEU F 169 -15.20 12.93 -9.43
CA LEU F 169 -14.53 12.18 -10.48
C LEU F 169 -14.66 10.69 -10.25
N LYS F 170 -14.79 9.95 -11.35
CA LYS F 170 -14.88 8.50 -11.29
C LYS F 170 -13.51 7.85 -11.33
N ILE G 1 -34.06 29.18 12.74
CA ILE G 1 -34.34 27.80 12.41
C ILE G 1 -34.98 27.06 13.59
N ASP G 2 -36.06 26.36 13.32
CA ASP G 2 -36.78 25.58 14.33
C ASP G 2 -36.09 24.23 14.45
N VAL G 3 -35.31 24.04 15.52
CA VAL G 3 -34.49 22.84 15.63
C VAL G 3 -35.36 21.59 15.79
N GLU G 4 -36.49 21.70 16.46
CA GLU G 4 -37.39 20.54 16.57
C GLU G 4 -37.90 20.11 15.20
N LYS G 5 -38.31 21.07 14.36
CA LYS G 5 -38.71 20.74 13.01
C LYS G 5 -37.56 20.13 12.21
N LEU G 6 -36.37 20.69 12.33
CA LEU G 6 -35.22 20.13 11.64
C LEU G 6 -34.92 18.71 12.13
N LEU G 7 -34.96 18.50 13.44
CA LEU G 7 -34.70 17.16 13.98
C LEU G 7 -35.68 16.15 13.44
N GLU G 8 -36.95 16.54 13.31
CA GLU G 8 -37.95 15.64 12.76
C GLU G 8 -37.60 15.25 11.32
N LEU G 9 -37.21 16.24 10.50
CA LEU G 9 -36.80 15.93 9.12
C LEU G 9 -35.61 14.98 9.09
N LEU G 10 -34.61 15.22 9.94
CA LEU G 10 -33.40 14.39 9.89
C LEU G 10 -33.69 12.97 10.36
N ILE G 11 -34.52 12.81 11.39
CA ILE G 11 -34.83 11.48 11.88
C ILE G 11 -35.63 10.70 10.84
N LYS G 12 -36.58 11.36 10.18
CA LYS G 12 -37.34 10.72 9.10
C LYS G 12 -36.43 10.36 7.93
N ALA G 13 -35.47 11.23 7.60
CA ALA G 13 -34.50 10.90 6.58
C ALA G 13 -33.66 9.69 6.99
N ALA G 14 -33.20 9.66 8.24
CA ALA G 14 -32.41 8.53 8.72
C ALA G 14 -33.20 7.22 8.67
N ALA G 15 -34.49 7.28 9.02
CA ALA G 15 -35.32 6.10 8.95
C ALA G 15 -35.47 5.58 7.52
N ALA G 16 -35.63 6.49 6.56
CA ALA G 16 -35.67 6.08 5.16
C ALA G 16 -34.37 5.41 4.73
N GLU G 17 -33.22 5.95 5.14
CA GLU G 17 -31.94 5.33 4.80
C GLU G 17 -31.85 3.93 5.38
N PHE G 18 -32.21 3.77 6.65
CA PHE G 18 -32.07 2.50 7.35
C PHE G 18 -32.94 1.43 6.71
N THR G 19 -34.21 1.74 6.47
CA THR G 19 -35.10 0.75 5.84
C THR G 19 -34.70 0.46 4.40
N THR G 20 -34.16 1.44 3.69
CA THR G 20 -33.66 1.20 2.34
C THR G 20 -32.58 0.15 2.35
N TYR G 21 -31.70 0.21 3.33
CA TYR G 21 -30.67 -0.80 3.51
C TYR G 21 -31.29 -2.21 3.55
N TYR G 22 -32.38 -2.38 4.28
CA TYR G 22 -33.04 -3.67 4.31
C TYR G 22 -33.70 -3.99 2.97
N TYR G 23 -34.55 -3.10 2.46
CA TYR G 23 -35.35 -3.42 1.27
C TYR G 23 -34.49 -3.60 0.02
N TYR G 24 -33.38 -2.87 -0.12
CA TYR G 24 -32.53 -3.06 -1.28
C TYR G 24 -31.80 -4.39 -1.23
N THR G 25 -31.57 -4.93 -0.03
CA THR G 25 -31.03 -6.28 0.09
C THR G 25 -31.91 -7.29 -0.62
N ILE G 26 -33.22 -7.21 -0.36
CA ILE G 26 -34.17 -8.10 -1.03
C ILE G 26 -34.19 -7.84 -2.53
N LEU G 27 -34.25 -6.57 -2.94
CA LEU G 27 -34.30 -6.27 -4.37
C LEU G 27 -33.06 -6.76 -5.10
N ARG G 28 -31.89 -6.60 -4.49
CA ARG G 28 -30.65 -7.10 -5.08
C ARG G 28 -30.71 -8.60 -5.29
N ASN G 29 -31.19 -9.34 -4.30
CA ASN G 29 -31.26 -10.79 -4.40
C ASN G 29 -32.21 -11.26 -5.50
N HIS G 30 -33.17 -10.44 -5.91
CA HIS G 30 -34.09 -10.83 -6.97
C HIS G 30 -33.72 -10.29 -8.34
N ALA G 31 -32.56 -9.64 -8.48
CA ALA G 31 -32.08 -9.19 -9.78
C ALA G 31 -31.29 -10.33 -10.45
N THR G 32 -32.05 -11.32 -10.92
CA THR G 32 -31.49 -12.58 -11.36
C THR G 32 -31.47 -12.67 -12.89
N GLY G 33 -30.88 -13.74 -13.39
CA GLY G 33 -30.80 -13.97 -14.82
C GLY G 33 -29.79 -13.07 -15.49
N LEU G 34 -29.76 -13.16 -16.82
CA LEU G 34 -28.78 -12.41 -17.58
C LEU G 34 -29.04 -10.91 -17.50
N GLU G 35 -30.30 -10.48 -17.58
CA GLU G 35 -30.56 -9.05 -17.47
C GLU G 35 -30.48 -8.55 -16.04
N GLY G 36 -30.78 -9.41 -15.06
CA GLY G 36 -30.54 -9.04 -13.68
C GLY G 36 -29.08 -8.76 -13.38
N GLU G 37 -28.18 -9.48 -14.03
CA GLU G 37 -26.75 -9.29 -13.81
C GLU G 37 -26.32 -7.87 -14.17
N ALA G 38 -27.04 -7.23 -15.09
CA ALA G 38 -26.71 -5.85 -15.46
C ALA G 38 -26.90 -4.87 -14.30
N ILE G 39 -27.81 -5.14 -13.36
CA ILE G 39 -28.16 -4.16 -12.35
C ILE G 39 -27.75 -4.56 -10.93
N LYS G 40 -27.35 -5.81 -10.71
CA LYS G 40 -27.06 -6.26 -9.35
C LYS G 40 -26.01 -5.41 -8.66
N GLU G 41 -24.90 -5.12 -9.35
CA GLU G 41 -23.85 -4.31 -8.76
C GLU G 41 -24.29 -2.87 -8.54
N ILE G 42 -25.19 -2.37 -9.37
CA ILE G 42 -25.68 -1.00 -9.20
C ILE G 42 -26.57 -0.90 -7.97
N ILE G 43 -27.44 -1.89 -7.76
CA ILE G 43 -28.24 -1.92 -6.54
C ILE G 43 -27.33 -2.00 -5.32
N GLU G 44 -26.28 -2.82 -5.39
CA GLU G 44 -25.40 -2.97 -4.25
C GLU G 44 -24.65 -1.69 -3.94
N ASP G 45 -24.18 -0.97 -4.97
CA ASP G 45 -23.60 0.36 -4.76
C ASP G 45 -24.57 1.27 -4.01
N ALA G 46 -25.81 1.38 -4.49
CA ALA G 46 -26.77 2.26 -3.84
C ALA G 46 -27.07 1.81 -2.42
N ARG G 47 -27.24 0.51 -2.20
CA ARG G 47 -27.55 -0.01 -0.87
C ARG G 47 -26.48 0.35 0.14
N LEU G 48 -25.21 0.15 -0.21
CA LEU G 48 -24.14 0.44 0.73
C LEU G 48 -24.00 1.94 0.98
N GLU G 49 -24.21 2.76 -0.04
CA GLU G 49 -24.13 4.19 0.17
C GLU G 49 -25.29 4.71 1.02
N ASP G 50 -26.47 4.09 0.89
CA ASP G 50 -27.58 4.49 1.75
C ASP G 50 -27.36 4.07 3.19
N ARG G 51 -26.70 2.94 3.41
CA ARG G 51 -26.24 2.60 4.75
C ARG G 51 -25.28 3.66 5.28
N ASN G 52 -24.34 4.13 4.45
CA ASN G 52 -23.46 5.23 4.84
C ASN G 52 -24.24 6.49 5.18
N HIS G 53 -25.34 6.76 4.49
CA HIS G 53 -26.11 7.96 4.77
C HIS G 53 -26.73 7.91 6.16
N PHE G 54 -27.26 6.75 6.53
CA PHE G 54 -27.71 6.54 7.91
C PHE G 54 -26.59 6.81 8.91
N GLU G 55 -25.41 6.26 8.66
CA GLU G 55 -24.27 6.47 9.56
C GLU G 55 -23.89 7.95 9.64
N ALA G 56 -23.99 8.67 8.53
CA ALA G 56 -23.65 10.08 8.55
C ALA G 56 -24.71 10.92 9.27
N LEU G 57 -25.97 10.54 9.19
CA LEU G 57 -27.03 11.35 9.79
C LEU G 57 -27.10 11.24 11.30
N VAL G 58 -26.78 10.07 11.86
CA VAL G 58 -26.97 9.86 13.31
C VAL G 58 -26.13 10.83 14.14
N PRO G 59 -24.84 11.04 13.88
CA PRO G 59 -24.10 12.03 14.67
C PRO G 59 -24.69 13.42 14.63
N ARG G 60 -25.18 13.87 13.47
CA ARG G 60 -25.77 15.20 13.41
C ARG G 60 -27.05 15.28 14.24
N ILE G 61 -27.88 14.22 14.21
CA ILE G 61 -29.08 14.19 15.03
C ILE G 61 -28.73 14.36 16.51
N TYR G 62 -27.68 13.69 16.97
CA TYR G 62 -27.30 13.81 18.37
C TYR G 62 -26.64 15.15 18.66
N GLU G 63 -25.81 15.66 17.74
CA GLU G 63 -25.26 17.01 17.90
C GLU G 63 -26.34 18.04 18.11
N LEU G 64 -27.45 17.93 17.39
CA LEU G 64 -28.54 18.87 17.51
C LEU G 64 -29.44 18.61 18.70
N GLY G 65 -29.12 17.63 19.54
CA GLY G 65 -29.91 17.33 20.71
C GLY G 65 -31.08 16.41 20.47
N GLY G 66 -31.16 15.75 19.33
CA GLY G 66 -32.17 14.75 19.10
C GLY G 66 -31.70 13.37 19.48
N GLU G 67 -32.58 12.40 19.29
CA GLU G 67 -32.22 11.01 19.56
C GLU G 67 -33.02 10.10 18.64
N LEU G 68 -32.48 8.92 18.41
CA LEU G 68 -33.20 7.89 17.71
C LEU G 68 -34.37 7.39 18.56
N PRO G 69 -35.45 6.96 17.94
CA PRO G 69 -36.56 6.36 18.72
C PRO G 69 -36.10 5.12 19.48
N ARG G 70 -36.73 4.89 20.62
CA ARG G 70 -36.35 3.79 21.50
C ARG G 70 -36.50 2.42 20.82
N ASP G 71 -37.58 2.23 20.07
CA ASP G 71 -37.88 0.97 19.43
C ASP G 71 -37.61 1.06 17.93
N ILE G 72 -37.06 -0.01 17.38
CA ILE G 72 -36.75 -0.05 15.95
C ILE G 72 -38.01 0.01 15.09
N ARG G 73 -39.14 -0.49 15.60
CA ARG G 73 -40.37 -0.46 14.80
C ARG G 73 -40.91 0.95 14.69
N GLU G 74 -40.85 1.73 15.77
CA GLU G 74 -41.20 3.14 15.68
C GLU G 74 -40.28 3.88 14.72
N PHE G 75 -38.98 3.57 14.74
CA PHE G 75 -38.06 4.18 13.80
C PHE G 75 -38.47 3.91 12.36
N ALA G 76 -38.73 2.64 12.03
CA ALA G 76 -39.10 2.29 10.66
C ALA G 76 -40.38 3.00 10.22
N ASP G 77 -41.34 3.15 11.13
CA ASP G 77 -42.59 3.85 10.83
C ASP G 77 -42.38 5.32 10.47
N LEU G 78 -41.27 5.91 10.87
CA LEU G 78 -41.00 7.31 10.60
C LEU G 78 -40.43 7.58 9.20
N ALA G 79 -40.11 6.55 8.42
CA ALA G 79 -39.36 6.77 7.18
C ALA G 79 -40.12 7.71 6.24
N SER G 80 -39.41 8.72 5.73
CA SER G 80 -40.02 9.71 4.87
C SER G 80 -40.27 9.21 3.45
N CYS G 81 -39.94 7.97 3.15
CA CYS G 81 -40.26 7.33 1.89
C CYS G 81 -41.13 6.11 2.14
N ARG G 82 -41.93 5.74 1.14
CA ARG G 82 -42.62 4.46 1.19
C ARG G 82 -41.61 3.32 1.11
N ASP G 83 -41.93 2.22 1.78
CA ASP G 83 -41.07 1.05 1.75
C ASP G 83 -40.92 0.54 0.33
N ALA G 84 -39.67 0.26 -0.07
CA ALA G 84 -39.36 -0.24 -1.41
C ALA G 84 -39.60 -1.76 -1.48
N TYR G 85 -40.87 -2.15 -1.37
CA TYR G 85 -41.25 -3.55 -1.40
C TYR G 85 -40.90 -4.20 -2.73
N LEU G 86 -40.52 -5.46 -2.66
CA LEU G 86 -40.41 -6.28 -3.85
C LEU G 86 -41.75 -6.27 -4.60
N PRO G 87 -41.75 -6.02 -5.90
CA PRO G 87 -43.02 -6.02 -6.65
C PRO G 87 -43.67 -7.38 -6.64
N GLU G 88 -45.01 -7.38 -6.75
CA GLU G 88 -45.75 -8.63 -6.84
C GLU G 88 -45.31 -9.47 -8.04
N GLU G 89 -45.00 -8.81 -9.16
CA GLU G 89 -44.37 -9.46 -10.32
C GLU G 89 -42.93 -8.98 -10.41
N PRO G 90 -41.98 -9.66 -9.78
CA PRO G 90 -40.62 -9.09 -9.64
C PRO G 90 -39.74 -9.28 -10.86
N THR G 91 -40.20 -8.78 -12.00
CA THR G 91 -39.35 -8.66 -13.18
C THR G 91 -38.31 -7.57 -12.98
N ILE G 92 -37.25 -7.61 -13.79
CA ILE G 92 -36.21 -6.59 -13.70
C ILE G 92 -36.80 -5.20 -13.93
N GLU G 93 -37.71 -5.09 -14.90
CA GLU G 93 -38.35 -3.83 -15.19
C GLU G 93 -39.14 -3.31 -13.98
N ASN G 94 -39.92 -4.17 -13.33
CA ASN G 94 -40.67 -3.74 -12.16
C ASN G 94 -39.75 -3.42 -10.98
N ILE G 95 -38.65 -4.14 -10.84
CA ILE G 95 -37.72 -3.83 -9.77
C ILE G 95 -37.10 -2.45 -9.99
N LEU G 96 -36.74 -2.14 -11.23
CA LEU G 96 -36.18 -0.82 -11.53
C LEU G 96 -37.18 0.29 -11.22
N LYS G 97 -38.47 0.07 -11.49
CA LYS G 97 -39.47 1.07 -11.16
C LYS G 97 -39.51 1.35 -9.66
N VAL G 98 -39.40 0.31 -8.83
CA VAL G 98 -39.37 0.50 -7.39
C VAL G 98 -38.13 1.30 -6.99
N LEU G 99 -36.98 0.92 -7.55
CA LEU G 99 -35.73 1.61 -7.22
C LEU G 99 -35.80 3.09 -7.61
N LEU G 100 -36.23 3.38 -8.83
CA LEU G 100 -36.30 4.75 -9.28
C LEU G 100 -37.24 5.58 -8.42
N GLU G 101 -38.41 5.03 -8.09
CA GLU G 101 -39.35 5.74 -7.22
C GLU G 101 -38.74 6.02 -5.85
N ALA G 102 -38.05 5.05 -5.27
CA ALA G 102 -37.40 5.27 -3.98
C ALA G 102 -36.34 6.35 -4.05
N GLU G 103 -35.53 6.35 -5.12
CA GLU G 103 -34.46 7.35 -5.23
C GLU G 103 -35.03 8.73 -5.49
N ARG G 104 -36.10 8.85 -6.26
CA ARG G 104 -36.72 10.15 -6.47
C ARG G 104 -37.27 10.72 -5.18
N CYS G 105 -37.86 9.88 -4.34
CA CYS G 105 -38.30 10.37 -3.04
C CYS G 105 -37.13 10.82 -2.18
N ALA G 106 -36.01 10.08 -2.21
CA ALA G 106 -34.83 10.48 -1.45
C ALA G 106 -34.32 11.85 -1.91
N VAL G 107 -34.23 12.05 -3.23
CA VAL G 107 -33.81 13.35 -3.75
C VAL G 107 -34.70 14.45 -3.21
N GLY G 108 -36.02 14.20 -3.17
CA GLY G 108 -36.94 15.17 -2.60
C GLY G 108 -36.68 15.45 -1.13
N VAL G 109 -36.39 14.40 -0.36
CA VAL G 109 -36.17 14.55 1.08
C VAL G 109 -34.99 15.48 1.36
N TYR G 110 -33.87 15.26 0.70
CA TYR G 110 -32.70 16.06 1.00
C TYR G 110 -32.77 17.45 0.36
N THR G 111 -33.48 17.58 -0.76
CA THR G 111 -33.77 18.91 -1.28
C THR G 111 -34.57 19.73 -0.28
N GLU G 112 -35.56 19.11 0.36
CA GLU G 112 -36.32 19.80 1.41
C GLU G 112 -35.42 20.24 2.56
N ILE G 113 -34.52 19.36 3.02
CA ILE G 113 -33.65 19.73 4.14
C ILE G 113 -32.69 20.84 3.75
N CYS G 114 -32.09 20.74 2.55
CA CYS G 114 -31.23 21.81 2.06
C CYS G 114 -31.96 23.14 1.99
N ASN G 115 -33.19 23.14 1.46
CA ASN G 115 -33.95 24.38 1.38
C ASN G 115 -34.21 24.96 2.77
N TYR G 116 -34.51 24.10 3.74
CA TYR G 116 -34.81 24.56 5.08
C TYR G 116 -33.58 25.12 5.80
N THR G 117 -32.40 24.59 5.53
CA THR G 117 -31.21 24.98 6.27
C THR G 117 -30.33 25.99 5.53
N PHE G 118 -30.62 26.29 4.27
CA PHE G 118 -29.75 27.15 3.46
C PHE G 118 -29.56 28.51 4.13
N GLY G 119 -28.31 28.86 4.39
CA GLY G 119 -27.98 30.09 5.07
C GLY G 119 -28.39 30.20 6.52
N LYS G 120 -28.65 29.07 7.19
CA LYS G 120 -29.08 29.09 8.58
C LYS G 120 -28.28 28.10 9.42
N ASP G 121 -28.18 26.84 8.98
CA ASP G 121 -27.44 25.79 9.66
C ASP G 121 -26.40 25.24 8.70
N PRO G 122 -25.22 25.85 8.62
CA PRO G 122 -24.26 25.46 7.57
C PRO G 122 -23.79 24.02 7.66
N ARG G 123 -23.53 23.50 8.86
CA ARG G 123 -23.10 22.10 8.97
C ARG G 123 -24.19 21.15 8.46
N THR G 124 -25.43 21.35 8.91
CA THR G 124 -26.52 20.49 8.46
C THR G 124 -26.76 20.62 6.96
N TYR G 125 -26.73 21.84 6.44
CA TYR G 125 -26.87 22.05 5.01
C TYR G 125 -25.81 21.27 4.23
N ASP G 126 -24.56 21.36 4.66
CA ASP G 126 -23.47 20.69 3.95
C ASP G 126 -23.63 19.16 4.02
N LEU G 127 -24.12 18.64 5.13
CA LEU G 127 -24.39 17.22 5.23
C LEU G 127 -25.55 16.81 4.31
N ALA G 128 -26.66 17.56 4.37
CA ALA G 128 -27.77 17.31 3.45
C ALA G 128 -27.32 17.38 1.99
N LEU G 129 -26.49 18.37 1.66
CA LEU G 129 -25.98 18.49 0.30
C LEU G 129 -25.13 17.28 -0.09
N ALA G 130 -24.24 16.84 0.79
CA ALA G 130 -23.40 15.69 0.49
C ALA G 130 -24.26 14.46 0.18
N ILE G 131 -25.28 14.21 0.98
CA ILE G 131 -26.16 13.08 0.70
C ILE G 131 -26.94 13.32 -0.58
N LEU G 132 -27.39 14.55 -0.81
CA LEU G 132 -28.11 14.88 -2.03
C LEU G 132 -27.30 14.56 -3.28
N HIS G 133 -26.00 14.89 -3.28
CA HIS G 133 -25.13 14.49 -4.38
C HIS G 133 -25.29 13.01 -4.70
N GLU G 134 -25.21 12.16 -3.68
CA GLU G 134 -25.24 10.73 -3.90
C GLU G 134 -26.64 10.26 -4.32
N GLU G 135 -27.70 10.86 -3.80
CA GLU G 135 -29.04 10.48 -4.23
C GLU G 135 -29.31 10.87 -5.68
N ILE G 136 -28.85 12.05 -6.10
CA ILE G 136 -29.01 12.44 -7.49
C ILE G 136 -28.27 11.47 -8.41
N GLU G 137 -27.09 11.01 -7.99
CA GLU G 137 -26.37 10.00 -8.75
C GLU G 137 -27.13 8.66 -8.76
N HIS G 138 -27.66 8.24 -7.62
CA HIS G 138 -28.46 7.01 -7.58
C HIS G 138 -29.64 7.10 -8.51
N GLU G 139 -30.37 8.22 -8.48
CA GLU G 139 -31.50 8.41 -9.37
C GLU G 139 -31.06 8.34 -10.82
N ALA G 140 -29.92 8.94 -11.15
CA ALA G 140 -29.40 8.90 -12.51
C ALA G 140 -29.09 7.48 -12.97
N TRP G 141 -28.43 6.68 -12.12
CA TRP G 141 -28.16 5.28 -12.46
C TRP G 141 -29.43 4.54 -12.86
N PHE G 142 -30.47 4.64 -12.04
CA PHE G 142 -31.66 3.85 -12.30
C PHE G 142 -32.50 4.43 -13.43
N GLU G 143 -32.56 5.75 -13.59
CA GLU G 143 -33.26 6.33 -14.72
C GLU G 143 -32.60 5.95 -16.04
N GLU G 144 -31.28 5.87 -16.07
CA GLU G 144 -30.60 5.43 -17.27
C GLU G 144 -30.94 3.98 -17.59
N LEU G 145 -30.90 3.09 -16.59
CA LEU G 145 -31.19 1.69 -16.81
C LEU G 145 -32.63 1.47 -17.28
N LEU G 146 -33.56 2.24 -16.75
CA LEU G 146 -34.97 2.01 -16.99
C LEU G 146 -35.48 2.72 -18.23
N THR G 147 -35.24 4.01 -18.36
CA THR G 147 -35.80 4.82 -19.43
C THR G 147 -34.83 5.09 -20.58
N GLY G 148 -33.55 4.77 -20.41
CA GLY G 148 -32.57 5.11 -21.42
C GLY G 148 -32.16 6.56 -21.51
N LYS G 149 -32.46 7.37 -20.51
CA LYS G 149 -31.95 8.74 -20.49
C LYS G 149 -30.44 8.74 -20.43
N PRO G 150 -29.74 9.43 -21.33
CA PRO G 150 -28.28 9.46 -21.28
C PRO G 150 -27.78 10.05 -19.97
N SER G 151 -26.63 9.54 -19.53
CA SER G 151 -26.00 10.04 -18.32
C SER G 151 -24.52 9.78 -18.42
N GLY G 152 -23.75 10.56 -17.69
CA GLY G 152 -22.32 10.37 -17.68
C GLY G 152 -21.79 9.68 -16.46
N HIS G 153 -22.55 8.78 -15.86
CA HIS G 153 -22.09 8.12 -14.64
C HIS G 153 -21.63 6.69 -14.88
N PHE G 154 -20.71 6.25 -14.02
CA PHE G 154 -20.15 4.91 -14.01
C PHE G 154 -20.55 4.22 -12.73
N ARG G 155 -20.14 2.97 -12.61
CA ARG G 155 -20.11 2.33 -11.32
C ARG G 155 -19.07 3.02 -10.45
N ARG G 156 -19.25 2.92 -9.15
CA ARG G 156 -18.30 3.40 -8.18
C ARG G 156 -16.98 2.64 -8.34
N GLY G 157 -15.92 3.13 -7.70
CA GLY G 157 -14.72 2.32 -7.60
C GLY G 157 -15.04 1.05 -6.84
N LYS G 158 -15.11 1.15 -5.57
CA LYS G 158 -15.58 0.10 -4.71
C LYS G 158 -17.03 0.34 -4.32
N PRO G 159 -17.82 -0.71 -4.08
CA PRO G 159 -19.18 -0.50 -3.58
C PRO G 159 -19.18 0.19 -2.23
N GLY G 160 -20.11 1.13 -2.07
CA GLY G 160 -20.16 1.91 -0.85
C GLY G 160 -19.07 2.94 -0.72
N GLU G 161 -18.46 3.36 -1.81
CA GLU G 161 -17.40 4.34 -1.75
C GLU G 161 -17.86 5.64 -1.11
N SER G 162 -19.08 6.09 -1.43
CA SER G 162 -19.63 7.36 -0.95
C SER G 162 -18.65 8.51 -1.09
N PRO G 163 -18.27 8.91 -2.31
CA PRO G 163 -17.25 9.95 -2.44
C PRO G 163 -17.64 11.28 -1.83
N TYR G 164 -18.92 11.62 -1.77
CA TYR G 164 -19.33 12.92 -1.25
C TYR G 164 -19.53 12.91 0.26
N VAL G 165 -20.02 11.82 0.83
CA VAL G 165 -20.33 11.84 2.25
CA VAL G 165 -20.37 11.77 2.24
C VAL G 165 -19.21 11.27 3.11
N SER G 166 -18.15 10.71 2.51
CA SER G 166 -17.10 10.05 3.29
C SER G 166 -16.45 10.97 4.30
N LYS G 167 -16.32 12.27 4.01
CA LYS G 167 -15.79 13.21 5.00
C LYS G 167 -16.61 13.26 6.28
N PHE G 168 -17.88 12.86 6.25
CA PHE G 168 -18.69 12.76 7.45
C PHE G 168 -18.61 11.39 8.10
N LEU G 169 -17.93 10.43 7.52
CA LEU G 169 -17.95 9.05 8.02
C LEU G 169 -16.70 8.75 8.83
N LYS G 170 -16.87 7.95 9.86
CA LYS G 170 -15.77 7.52 10.71
C LYS G 170 -15.11 6.27 10.18
N ILE H 1 14.96 7.40 -43.60
CA ILE H 1 13.61 7.76 -43.20
C ILE H 1 13.37 9.26 -43.38
N ASP H 2 12.24 9.60 -44.00
CA ASP H 2 11.85 10.98 -44.23
C ASP H 2 11.15 11.48 -42.98
N VAL H 3 11.85 12.29 -42.19
CA VAL H 3 11.31 12.70 -40.90
C VAL H 3 10.08 13.58 -41.05
N GLU H 4 10.03 14.41 -42.09
CA GLU H 4 8.83 15.21 -42.32
C GLU H 4 7.61 14.34 -42.60
N LYS H 5 7.78 13.31 -43.42
CA LYS H 5 6.70 12.37 -43.65
C LYS H 5 6.29 11.66 -42.37
N LEU H 6 7.27 11.20 -41.59
CA LEU H 6 6.97 10.55 -40.33
C LEU H 6 6.24 11.50 -39.38
N LEU H 7 6.69 12.75 -39.27
CA LEU H 7 6.04 13.71 -38.40
C LEU H 7 4.59 13.92 -38.80
N GLU H 8 4.31 13.96 -40.10
CA GLU H 8 2.94 14.11 -40.56
C GLU H 8 2.08 12.93 -40.11
N LEU H 9 2.59 11.71 -40.25
CA LEU H 9 1.85 10.54 -39.78
C LEU H 9 1.59 10.62 -38.28
N LEU H 10 2.59 10.99 -37.48
CA LEU H 10 2.42 10.99 -36.04
C LEU H 10 1.44 12.08 -35.60
N ILE H 11 1.48 13.26 -36.22
CA ILE H 11 0.57 14.32 -35.86
C ILE H 11 -0.87 13.95 -36.21
N LYS H 12 -1.06 13.32 -37.37
CA LYS H 12 -2.39 12.86 -37.76
C LYS H 12 -2.88 11.75 -36.82
N ALA H 13 -1.98 10.86 -36.41
CA ALA H 13 -2.35 9.87 -35.41
C ALA H 13 -2.75 10.52 -34.09
N ALA H 14 -1.97 11.51 -33.64
CA ALA H 14 -2.27 12.21 -32.40
C ALA H 14 -3.62 12.91 -32.47
N ALA H 15 -3.93 13.52 -33.62
CA ALA H 15 -5.22 14.17 -33.79
C ALA H 15 -6.37 13.18 -33.71
N ALA H 16 -6.21 12.00 -34.30
CA ALA H 16 -7.23 10.95 -34.18
C ALA H 16 -7.44 10.54 -32.73
N GLU H 17 -6.35 10.37 -31.96
CA GLU H 17 -6.48 10.03 -30.55
C GLU H 17 -7.23 11.11 -29.77
N PHE H 18 -6.87 12.37 -30.00
CA PHE H 18 -7.45 13.47 -29.26
C PHE H 18 -8.95 13.60 -29.52
N THR H 19 -9.35 13.56 -30.79
CA THR H 19 -10.77 13.67 -31.12
C THR H 19 -11.54 12.44 -30.66
N THR H 20 -10.92 11.25 -30.68
CA THR H 20 -11.57 10.06 -30.15
C THR H 20 -11.94 10.24 -28.69
N TYR H 21 -11.04 10.85 -27.92
CA TYR H 21 -11.33 11.17 -26.55
C TYR H 21 -12.63 11.95 -26.41
N TYR H 22 -12.85 12.94 -27.26
CA TYR H 22 -14.10 13.68 -27.23
C TYR H 22 -15.28 12.82 -27.69
N TYR H 23 -15.18 12.21 -28.87
CA TYR H 23 -16.34 11.52 -29.44
C TYR H 23 -16.74 10.27 -28.64
N TYR H 24 -15.79 9.57 -28.03
CA TYR H 24 -16.17 8.42 -27.21
C TYR H 24 -16.88 8.85 -25.93
N THR H 25 -16.62 10.06 -25.45
CA THR H 25 -17.37 10.59 -24.32
C THR H 25 -18.86 10.63 -24.63
N ILE H 26 -19.20 11.15 -25.81
CA ILE H 26 -20.59 11.18 -26.25
C ILE H 26 -21.14 9.77 -26.41
N LEU H 27 -20.39 8.89 -27.08
CA LEU H 27 -20.88 7.54 -27.31
C LEU H 27 -21.11 6.80 -25.99
N ARG H 28 -20.22 6.98 -25.04
CA ARG H 28 -20.39 6.35 -23.73
C ARG H 28 -21.67 6.81 -23.06
N ASN H 29 -21.96 8.11 -23.11
CA ASN H 29 -23.15 8.65 -22.47
C ASN H 29 -24.44 8.14 -23.11
N HIS H 30 -24.40 7.66 -24.35
CA HIS H 30 -25.59 7.15 -25.01
C HIS H 30 -25.69 5.63 -24.97
N ALA H 31 -24.81 4.95 -24.26
CA ALA H 31 -24.89 3.50 -24.08
C ALA H 31 -25.78 3.20 -22.87
N THR H 32 -27.08 3.41 -23.07
CA THR H 32 -28.05 3.41 -21.99
C THR H 32 -28.85 2.12 -21.96
N GLY H 33 -29.69 1.97 -20.94
CA GLY H 33 -30.53 0.81 -20.81
C GLY H 33 -29.77 -0.41 -20.36
N LEU H 34 -30.48 -1.53 -20.33
CA LEU H 34 -29.87 -2.77 -19.84
C LEU H 34 -28.78 -3.26 -20.78
N GLU H 35 -29.00 -3.19 -22.09
CA GLU H 35 -27.95 -3.63 -23.00
C GLU H 35 -26.84 -2.61 -23.14
N GLY H 36 -27.12 -1.32 -22.97
CA GLY H 36 -26.06 -0.34 -22.90
C GLY H 36 -25.11 -0.57 -21.75
N GLU H 37 -25.63 -1.06 -20.63
CA GLU H 37 -24.79 -1.31 -19.46
C GLU H 37 -23.70 -2.33 -19.76
N ALA H 38 -23.95 -3.22 -20.72
CA ALA H 38 -22.94 -4.21 -21.10
C ALA H 38 -21.69 -3.57 -21.71
N ILE H 39 -21.81 -2.41 -22.34
CA ILE H 39 -20.69 -1.84 -23.10
C ILE H 39 -20.14 -0.54 -22.51
N LYS H 40 -20.82 0.08 -21.57
CA LYS H 40 -20.39 1.37 -21.07
C LYS H 40 -18.97 1.34 -20.53
N GLU H 41 -18.64 0.35 -19.71
CA GLU H 41 -17.29 0.25 -19.16
C GLU H 41 -16.25 -0.06 -20.23
N ILE H 42 -16.64 -0.77 -21.28
CA ILE H 42 -15.70 -1.07 -22.36
C ILE H 42 -15.39 0.19 -23.16
N ILE H 43 -16.39 1.01 -23.45
CA ILE H 43 -16.14 2.29 -24.10
C ILE H 43 -15.23 3.15 -23.24
N GLU H 44 -15.47 3.16 -21.94
CA GLU H 44 -14.68 4.00 -21.05
C GLU H 44 -13.23 3.54 -21.00
N ASP H 45 -12.99 2.23 -20.96
CA ASP H 45 -11.63 1.71 -21.07
C ASP H 45 -10.95 2.21 -22.34
N ALA H 46 -11.60 2.07 -23.49
CA ALA H 46 -11.00 2.50 -24.75
C ALA H 46 -10.76 4.00 -24.75
N ARG H 47 -11.73 4.77 -24.28
CA ARG H 47 -11.61 6.23 -24.28
C ARG H 47 -10.39 6.69 -23.48
N LEU H 48 -10.20 6.15 -22.28
CA LEU H 48 -9.08 6.58 -21.46
C LEU H 48 -7.75 6.13 -22.03
N GLU H 49 -7.70 4.95 -22.64
CA GLU H 49 -6.47 4.49 -23.26
C GLU H 49 -6.12 5.32 -24.50
N ASP H 50 -7.13 5.76 -25.25
CA ASP H 50 -6.85 6.62 -26.40
C ASP H 50 -6.38 7.99 -25.96
N ARG H 51 -6.88 8.50 -24.84
CA ARG H 51 -6.30 9.70 -24.24
C ARG H 51 -4.83 9.46 -23.89
N ASN H 52 -4.50 8.31 -23.31
CA ASN H 52 -3.10 7.97 -23.04
C ASN H 52 -2.26 7.92 -24.33
N HIS H 53 -2.86 7.48 -25.44
CA HIS H 53 -2.10 7.41 -26.68
C HIS H 53 -1.71 8.80 -27.16
N PHE H 54 -2.63 9.76 -27.08
CA PHE H 54 -2.30 11.16 -27.33
C PHE H 54 -1.16 11.63 -26.46
N GLU H 55 -1.22 11.34 -25.16
CA GLU H 55 -0.16 11.74 -24.24
C GLU H 55 1.18 11.10 -24.61
N ALA H 56 1.16 9.85 -25.08
CA ALA H 56 2.40 9.19 -25.45
C ALA H 56 2.96 9.73 -26.75
N LEU H 57 2.12 10.14 -27.69
CA LEU H 57 2.59 10.59 -28.99
C LEU H 57 3.24 11.97 -28.95
N VAL H 58 2.73 12.87 -28.11
CA VAL H 58 3.21 14.25 -28.14
C VAL H 58 4.70 14.37 -27.85
N PRO H 59 5.27 13.73 -26.82
CA PRO H 59 6.72 13.81 -26.62
C PRO H 59 7.53 13.34 -27.80
N ARG H 60 7.11 12.26 -28.48
CA ARG H 60 7.86 11.79 -29.63
C ARG H 60 7.80 12.81 -30.78
N ILE H 61 6.65 13.42 -31.00
CA ILE H 61 6.55 14.46 -32.03
C ILE H 61 7.54 15.59 -31.76
N TYR H 62 7.68 16.01 -30.51
CA TYR H 62 8.61 17.08 -30.20
C TYR H 62 10.06 16.61 -30.25
N GLU H 63 10.33 15.38 -29.79
CA GLU H 63 11.67 14.79 -29.93
C GLU H 63 12.14 14.83 -31.38
N LEU H 64 11.24 14.52 -32.32
CA LEU H 64 11.59 14.50 -33.73
C LEU H 64 11.60 15.88 -34.37
N GLY H 65 11.40 16.95 -33.59
CA GLY H 65 11.41 18.29 -34.11
C GLY H 65 10.12 18.78 -34.71
N GLY H 66 9.02 18.07 -34.49
CA GLY H 66 7.72 18.55 -34.91
C GLY H 66 7.04 19.35 -33.82
N GLU H 67 5.84 19.81 -34.14
CA GLU H 67 5.04 20.54 -33.16
C GLU H 67 3.56 20.33 -33.45
N LEU H 68 2.77 20.49 -32.41
CA LEU H 68 1.33 20.50 -32.58
C LEU H 68 0.89 21.75 -33.33
N PRO H 69 -0.19 21.67 -34.10
CA PRO H 69 -0.71 22.87 -34.77
C PRO H 69 -1.10 23.94 -33.75
N ARG H 70 -0.99 25.19 -34.18
CA ARG H 70 -1.24 26.32 -33.30
C ARG H 70 -2.69 26.34 -32.79
N ASP H 71 -3.64 26.05 -33.67
CA ASP H 71 -5.05 26.10 -33.34
C ASP H 71 -5.62 24.69 -33.19
N ILE H 72 -6.49 24.52 -32.20
CA ILE H 72 -7.09 23.22 -31.94
C ILE H 72 -7.98 22.77 -33.11
N ARG H 73 -8.58 23.70 -33.84
CA ARG H 73 -9.44 23.30 -34.95
C ARG H 73 -8.62 22.75 -36.11
N GLU H 74 -7.46 23.35 -36.39
CA GLU H 74 -6.56 22.76 -37.38
C GLU H 74 -6.10 21.38 -36.95
N PHE H 75 -5.80 21.20 -35.66
CA PHE H 75 -5.42 19.89 -35.17
C PHE H 75 -6.50 18.86 -35.44
N ALA H 76 -7.74 19.16 -35.06
CA ALA H 76 -8.84 18.22 -35.25
C ALA H 76 -9.02 17.86 -36.73
N ASP H 77 -8.86 18.82 -37.62
CA ASP H 77 -8.97 18.59 -39.05
C ASP H 77 -7.93 17.60 -39.58
N LEU H 78 -6.82 17.42 -38.88
CA LEU H 78 -5.77 16.52 -39.32
C LEU H 78 -6.02 15.05 -38.98
N ALA H 79 -7.06 14.72 -38.22
CA ALA H 79 -7.21 13.36 -37.70
C ALA H 79 -7.24 12.33 -38.84
N SER H 80 -6.43 11.29 -38.70
CA SER H 80 -6.34 10.28 -39.75
C SER H 80 -7.52 9.32 -39.76
N CYS H 81 -8.49 9.49 -38.88
CA CYS H 81 -9.74 8.75 -38.88
C CYS H 81 -10.90 9.71 -39.06
N ARG H 82 -12.01 9.19 -39.61
CA ARG H 82 -13.24 9.95 -39.60
C ARG H 82 -13.75 10.11 -38.17
N ASP H 83 -14.40 11.24 -37.91
CA ASP H 83 -14.98 11.50 -36.60
C ASP H 83 -16.01 10.42 -36.26
N ALA H 84 -15.92 9.89 -35.04
CA ALA H 84 -16.83 8.85 -34.55
C ALA H 84 -18.14 9.48 -34.05
N TYR H 85 -18.89 10.06 -34.97
CA TYR H 85 -20.15 10.73 -34.64
C TYR H 85 -21.15 9.76 -34.05
N LEU H 86 -21.94 10.26 -33.12
CA LEU H 86 -23.10 9.53 -32.66
C LEU H 86 -24.01 9.22 -33.85
N PRO H 87 -24.46 7.98 -34.01
CA PRO H 87 -25.34 7.65 -35.15
C PRO H 87 -26.66 8.40 -35.06
N GLU H 88 -27.25 8.64 -36.24
CA GLU H 88 -28.56 9.28 -36.29
C GLU H 88 -29.61 8.48 -35.54
N GLU H 89 -29.54 7.14 -35.60
CA GLU H 89 -30.35 6.25 -34.77
C GLU H 89 -29.44 5.61 -33.73
N PRO H 90 -29.26 6.20 -32.56
CA PRO H 90 -28.21 5.75 -31.63
C PRO H 90 -28.60 4.52 -30.80
N THR H 91 -28.97 3.45 -31.47
CA THR H 91 -29.10 2.16 -30.80
C THR H 91 -27.73 1.61 -30.41
N ILE H 92 -27.74 0.66 -29.48
CA ILE H 92 -26.50 0.03 -29.05
C ILE H 92 -25.78 -0.60 -30.23
N GLU H 93 -26.53 -1.26 -31.10
CA GLU H 93 -25.96 -1.88 -32.29
C GLU H 93 -25.28 -0.85 -33.20
N ASN H 94 -25.95 0.27 -33.46
CA ASN H 94 -25.34 1.30 -34.29
C ASN H 94 -24.15 1.96 -33.61
N ILE H 95 -24.18 2.11 -32.29
CA ILE H 95 -23.04 2.68 -31.60
C ILE H 95 -21.83 1.75 -31.72
N LEU H 96 -22.06 0.43 -31.58
CA LEU H 96 -20.96 -0.52 -31.72
C LEU H 96 -20.36 -0.47 -33.13
N LYS H 97 -21.19 -0.29 -34.16
CA LYS H 97 -20.66 -0.17 -35.51
C LYS H 97 -19.72 1.03 -35.63
N VAL H 98 -20.08 2.16 -35.03
CA VAL H 98 -19.20 3.33 -35.06
C VAL H 98 -17.89 3.03 -34.33
N LEU H 99 -17.98 2.41 -33.16
CA LEU H 99 -16.78 2.10 -32.39
C LEU H 99 -15.87 1.15 -33.16
N LEU H 100 -16.43 0.07 -33.70
CA LEU H 100 -15.61 -0.90 -34.43
C LEU H 100 -14.94 -0.25 -35.63
N GLU H 101 -15.66 0.57 -36.39
CA GLU H 101 -15.08 1.26 -37.53
C GLU H 101 -13.94 2.17 -37.10
N ALA H 102 -14.12 2.93 -36.02
CA ALA H 102 -13.05 3.80 -35.52
C ALA H 102 -11.83 3.00 -35.10
N GLU H 103 -12.02 1.87 -34.43
CA GLU H 103 -10.89 1.08 -33.96
C GLU H 103 -10.16 0.41 -35.12
N ARG H 104 -10.90 -0.04 -36.14
CA ARG H 104 -10.24 -0.62 -37.30
C ARG H 104 -9.39 0.41 -38.03
N CYS H 105 -9.87 1.64 -38.14
CA CYS H 105 -9.03 2.68 -38.73
C CYS H 105 -7.78 2.94 -37.89
N ALA H 106 -7.92 2.94 -36.55
CA ALA H 106 -6.75 3.14 -35.69
C ALA H 106 -5.72 2.03 -35.90
N VAL H 107 -6.17 0.77 -35.96
CA VAL H 107 -5.26 -0.34 -36.21
C VAL H 107 -4.51 -0.10 -37.52
N GLY H 108 -5.22 0.36 -38.55
CA GLY H 108 -4.56 0.69 -39.81
C GLY H 108 -3.52 1.79 -39.68
N VAL H 109 -3.82 2.83 -38.91
CA VAL H 109 -2.91 3.96 -38.75
C VAL H 109 -1.58 3.52 -38.15
N TYR H 110 -1.62 2.74 -37.08
CA TYR H 110 -0.38 2.37 -36.43
C TYR H 110 0.34 1.24 -37.15
N THR H 111 -0.38 0.40 -37.88
CA THR H 111 0.25 -0.54 -38.78
C THR H 111 1.06 0.18 -39.85
N GLU H 112 0.50 1.26 -40.41
CA GLU H 112 1.23 2.07 -41.38
C GLU H 112 2.50 2.67 -40.77
N ILE H 113 2.42 3.19 -39.54
CA ILE H 113 3.60 3.80 -38.93
C ILE H 113 4.66 2.75 -38.63
N CYS H 114 4.24 1.60 -38.09
CA CYS H 114 5.17 0.49 -37.84
C CYS H 114 5.86 0.06 -39.13
N ASN H 115 5.11 -0.09 -40.22
CA ASN H 115 5.72 -0.49 -41.48
C ASN H 115 6.73 0.53 -41.96
N TYR H 116 6.43 1.82 -41.78
CA TYR H 116 7.32 2.87 -42.24
C TYR H 116 8.61 2.95 -41.41
N THR H 117 8.54 2.64 -40.13
CA THR H 117 9.69 2.82 -39.25
C THR H 117 10.46 1.53 -38.97
N PHE H 118 9.96 0.37 -39.40
CA PHE H 118 10.56 -0.91 -39.06
C PHE H 118 12.02 -0.96 -39.54
N GLY H 119 12.93 -1.20 -38.59
CA GLY H 119 14.35 -1.21 -38.88
C GLY H 119 14.97 0.12 -39.26
N LYS H 120 14.34 1.24 -38.93
CA LYS H 120 14.86 2.56 -39.27
C LYS H 120 14.82 3.51 -38.09
N ASP H 121 13.68 3.62 -37.40
CA ASP H 121 13.51 4.48 -36.23
C ASP H 121 13.03 3.61 -35.09
N PRO H 122 13.94 2.99 -34.34
CA PRO H 122 13.51 1.99 -33.34
C PRO H 122 12.64 2.56 -32.23
N ARG H 123 12.93 3.76 -31.73
CA ARG H 123 12.08 4.33 -30.69
C ARG H 123 10.67 4.58 -31.20
N THR H 124 10.53 5.18 -32.38
CA THR H 124 9.20 5.44 -32.93
C THR H 124 8.47 4.14 -33.23
N TYR H 125 9.17 3.16 -33.80
CA TYR H 125 8.57 1.86 -34.07
C TYR H 125 8.02 1.25 -32.79
N ASP H 126 8.80 1.26 -31.72
CA ASP H 126 8.37 0.67 -30.46
C ASP H 126 7.17 1.39 -29.87
N LEU H 127 7.12 2.72 -30.02
CA LEU H 127 5.95 3.47 -29.58
C LEU H 127 4.73 3.13 -30.42
N ALA H 128 4.87 3.14 -31.75
CA ALA H 128 3.78 2.73 -32.62
C ALA H 128 3.31 1.33 -32.30
N LEU H 129 4.24 0.40 -32.06
CA LEU H 129 3.87 -0.96 -31.70
C LEU H 129 3.09 -1.01 -30.38
N ALA H 130 3.54 -0.27 -29.37
CA ALA H 130 2.84 -0.27 -28.08
C ALA H 130 1.39 0.20 -28.26
N ILE H 131 1.19 1.26 -29.02
CA ILE H 131 -0.18 1.73 -29.26
C ILE H 131 -0.94 0.70 -30.09
N LEU H 132 -0.28 0.10 -31.08
CA LEU H 132 -0.92 -0.92 -31.91
C LEU H 132 -1.45 -2.08 -31.07
N HIS H 133 -0.68 -2.55 -30.08
CA HIS H 133 -1.18 -3.55 -29.15
C HIS H 133 -2.54 -3.16 -28.59
N GLU H 134 -2.65 -1.94 -28.09
CA GLU H 134 -3.88 -1.52 -27.45
C GLU H 134 -5.02 -1.34 -28.45
N GLU H 135 -4.73 -0.87 -29.67
CA GLU H 135 -5.77 -0.74 -30.67
C GLU H 135 -6.30 -2.10 -31.12
N ILE H 136 -5.41 -3.08 -31.29
CA ILE H 136 -5.86 -4.42 -31.66
C ILE H 136 -6.75 -4.99 -30.55
N GLU H 137 -6.42 -4.72 -29.29
CA GLU H 137 -7.28 -5.15 -28.21
C GLU H 137 -8.62 -4.41 -28.23
N HIS H 138 -8.61 -3.10 -28.47
CA HIS H 138 -9.85 -2.33 -28.58
C HIS H 138 -10.73 -2.90 -29.69
N GLU H 139 -10.14 -3.15 -30.86
CA GLU H 139 -10.89 -3.72 -31.96
C GLU H 139 -11.48 -5.07 -31.58
N ALA H 140 -10.72 -5.89 -30.86
CA ALA H 140 -11.21 -7.19 -30.43
C ALA H 140 -12.41 -7.07 -29.49
N TRP H 141 -12.35 -6.16 -28.50
CA TRP H 141 -13.48 -5.94 -27.60
C TRP H 141 -14.75 -5.65 -28.38
N PHE H 142 -14.70 -4.71 -29.32
CA PHE H 142 -15.91 -4.30 -30.01
C PHE H 142 -16.36 -5.32 -31.04
N GLU H 143 -15.45 -6.00 -31.71
CA GLU H 143 -15.85 -7.05 -32.65
C GLU H 143 -16.52 -8.20 -31.92
N GLU H 144 -16.06 -8.54 -30.72
CA GLU H 144 -16.71 -9.56 -29.94
C GLU H 144 -18.13 -9.14 -29.55
N LEU H 145 -18.30 -7.91 -29.07
CA LEU H 145 -19.61 -7.44 -28.66
C LEU H 145 -20.58 -7.38 -29.83
N LEU H 146 -20.10 -7.02 -31.01
CA LEU H 146 -20.97 -6.77 -32.14
C LEU H 146 -21.25 -8.02 -32.96
N THR H 147 -20.22 -8.74 -33.36
CA THR H 147 -20.35 -9.87 -34.27
C THR H 147 -20.31 -11.23 -33.57
N GLY H 148 -19.96 -11.29 -32.30
CA GLY H 148 -19.80 -12.55 -31.61
C GLY H 148 -18.56 -13.34 -31.94
N LYS H 149 -17.56 -12.74 -32.57
CA LYS H 149 -16.28 -13.43 -32.79
C LYS H 149 -15.64 -13.76 -31.44
N PRO H 150 -15.27 -15.01 -31.20
CA PRO H 150 -14.63 -15.34 -29.92
C PRO H 150 -13.34 -14.57 -29.73
N SER H 151 -13.04 -14.28 -28.46
CA SER H 151 -11.81 -13.59 -28.13
C SER H 151 -11.46 -13.94 -26.70
N GLY H 152 -10.19 -13.82 -26.38
CA GLY H 152 -9.74 -14.10 -25.04
C GLY H 152 -9.46 -12.88 -24.21
N HIS H 153 -10.18 -11.79 -24.43
CA HIS H 153 -9.89 -10.55 -23.68
C HIS H 153 -10.92 -10.29 -22.60
N PHE H 154 -10.48 -9.57 -21.57
CA PHE H 154 -11.28 -9.16 -20.43
C PHE H 154 -11.34 -7.64 -20.42
N ARG H 155 -12.08 -7.12 -19.46
CA ARG H 155 -11.91 -5.73 -19.11
C ARG H 155 -10.54 -5.53 -18.50
N ARG H 156 -10.05 -4.30 -18.59
CA ARG H 156 -8.81 -3.90 -17.95
C ARG H 156 -8.94 -4.05 -16.43
N GLY H 157 -7.83 -3.98 -15.72
CA GLY H 157 -7.92 -3.84 -14.27
C GLY H 157 -8.65 -2.56 -13.93
N LYS H 158 -7.98 -1.49 -14.01
CA LYS H 158 -8.56 -0.17 -13.90
C LYS H 158 -8.76 0.42 -15.29
N PRO H 159 -9.76 1.29 -15.47
CA PRO H 159 -9.92 1.97 -16.76
C PRO H 159 -8.72 2.85 -17.05
N GLY H 160 -8.29 2.82 -18.31
CA GLY H 160 -7.12 3.57 -18.69
C GLY H 160 -5.81 2.99 -18.23
N GLU H 161 -5.79 1.70 -17.92
CA GLU H 161 -4.56 1.06 -17.45
C GLU H 161 -3.44 1.19 -18.47
N SER H 162 -3.74 1.03 -19.76
CA SER H 162 -2.75 1.05 -20.84
C SER H 162 -1.53 0.20 -20.52
N PRO H 163 -1.68 -1.12 -20.41
CA PRO H 163 -0.53 -1.95 -20.02
C PRO H 163 0.64 -1.88 -20.98
N TYR H 164 0.41 -1.65 -22.27
CA TYR H 164 1.50 -1.62 -23.23
C TYR H 164 2.16 -0.26 -23.38
N VAL H 165 1.41 0.82 -23.26
CA VAL H 165 1.98 2.13 -23.51
CA VAL H 165 1.92 2.16 -23.51
C VAL H 165 2.42 2.83 -22.23
N SER H 166 2.12 2.27 -21.06
CA SER H 166 2.43 2.96 -19.80
C SER H 166 3.91 3.30 -19.64
N LYS H 167 4.82 2.46 -20.15
CA LYS H 167 6.24 2.79 -20.11
C LYS H 167 6.57 4.10 -20.83
N PHE H 168 5.75 4.55 -21.76
CA PHE H 168 5.92 5.84 -22.39
C PHE H 168 5.21 6.97 -21.65
N LEU H 169 4.46 6.70 -20.60
CA LEU H 169 3.64 7.72 -19.96
C LEU H 169 4.31 8.24 -18.70
N LYS H 170 4.14 9.53 -18.44
CA LYS H 170 4.68 10.16 -17.25
C LYS H 170 3.71 10.06 -16.08
N ILE I 1 -9.77 -44.72 9.00
CA ILE I 1 -9.84 -44.19 7.65
C ILE I 1 -8.87 -44.94 6.73
N ASP I 2 -9.37 -45.34 5.57
CA ASP I 2 -8.59 -46.04 4.56
C ASP I 2 -7.86 -45.00 3.72
N VAL I 3 -6.56 -44.83 3.96
CA VAL I 3 -5.83 -43.74 3.32
C VAL I 3 -5.73 -43.95 1.82
N GLU I 4 -5.62 -45.20 1.36
CA GLU I 4 -5.61 -45.45 -0.08
C GLU I 4 -6.90 -45.01 -0.73
N LYS I 5 -8.04 -45.34 -0.12
CA LYS I 5 -9.32 -44.87 -0.64
C LYS I 5 -9.40 -43.35 -0.62
N LEU I 6 -8.95 -42.72 0.46
CA LEU I 6 -8.96 -41.26 0.52
C LEU I 6 -8.06 -40.66 -0.55
N LEU I 7 -6.86 -41.23 -0.74
CA LEU I 7 -5.95 -40.71 -1.76
C LEU I 7 -6.58 -40.80 -3.14
N GLU I 8 -7.30 -41.89 -3.43
CA GLU I 8 -7.96 -42.01 -4.71
C GLU I 8 -8.99 -40.90 -4.90
N LEU I 9 -9.80 -40.61 -3.88
CA LEU I 9 -10.76 -39.52 -3.98
C LEU I 9 -10.08 -38.18 -4.21
N LEU I 10 -8.99 -37.90 -3.49
CA LEU I 10 -8.34 -36.62 -3.63
C LEU I 10 -7.68 -36.45 -5.00
N ILE I 11 -7.08 -37.51 -5.52
CA ILE I 11 -6.44 -37.42 -6.83
C ILE I 11 -7.49 -37.22 -7.92
N LYS I 12 -8.61 -37.92 -7.82
CA LYS I 12 -9.71 -37.73 -8.77
C LYS I 12 -10.29 -36.32 -8.67
N ALA I 13 -10.40 -35.79 -7.45
CA ALA I 13 -10.83 -34.40 -7.29
C ALA I 13 -9.83 -33.45 -7.93
N ALA I 14 -8.53 -33.67 -7.71
CA ALA I 14 -7.50 -32.82 -8.28
C ALA I 14 -7.55 -32.84 -9.80
N ALA I 15 -7.76 -34.03 -10.38
CA ALA I 15 -7.87 -34.15 -11.82
C ALA I 15 -9.05 -33.36 -12.37
N ALA I 16 -10.20 -33.41 -11.68
CA ALA I 16 -11.35 -32.61 -12.09
C ALA I 16 -11.04 -31.12 -12.04
N GLU I 17 -10.35 -30.64 -11.00
CA GLU I 17 -9.97 -29.24 -10.93
C GLU I 17 -9.06 -28.84 -12.09
N PHE I 18 -8.06 -29.67 -12.37
CA PHE I 18 -7.08 -29.36 -13.40
C PHE I 18 -7.72 -29.28 -14.78
N THR I 19 -8.53 -30.26 -15.13
CA THR I 19 -9.19 -30.24 -16.44
C THR I 19 -10.22 -29.13 -16.53
N THR I 20 -10.88 -28.79 -15.42
CA THR I 20 -11.80 -27.66 -15.42
C THR I 20 -11.10 -26.38 -15.80
N TYR I 21 -9.89 -26.19 -15.29
CA TYR I 21 -9.08 -25.05 -15.68
C TYR I 21 -8.93 -24.95 -17.20
N TYR I 22 -8.68 -26.07 -17.86
CA TYR I 22 -8.61 -26.06 -19.32
C TYR I 22 -9.98 -25.80 -19.96
N TYR I 23 -10.98 -26.58 -19.61
CA TYR I 23 -12.27 -26.50 -20.30
C TYR I 23 -12.98 -25.17 -20.06
N TYR I 24 -12.84 -24.57 -18.88
CA TYR I 24 -13.47 -23.27 -18.65
C TYR I 24 -12.80 -22.17 -19.46
N THR I 25 -11.52 -22.33 -19.80
CA THR I 25 -10.86 -21.39 -20.69
C THR I 25 -11.59 -21.32 -22.03
N ILE I 26 -11.91 -22.48 -22.59
CA ILE I 26 -12.66 -22.53 -23.84
C ILE I 26 -14.05 -21.93 -23.66
N LEU I 27 -14.76 -22.32 -22.60
CA LEU I 27 -16.11 -21.82 -22.39
C LEU I 27 -16.12 -20.30 -22.22
N ARG I 28 -15.15 -19.76 -21.50
CA ARG I 28 -15.05 -18.32 -21.34
C ARG I 28 -14.88 -17.62 -22.68
N ASN I 29 -14.02 -18.15 -23.55
CA ASN I 29 -13.79 -17.54 -24.84
C ASN I 29 -15.01 -17.56 -25.73
N HIS I 30 -15.97 -18.44 -25.50
CA HIS I 30 -17.17 -18.50 -26.32
C HIS I 30 -18.36 -17.78 -25.69
N ALA I 31 -18.18 -17.10 -24.57
CA ALA I 31 -19.24 -16.30 -23.97
C ALA I 31 -19.23 -14.90 -24.59
N THR I 32 -19.70 -14.84 -25.83
CA THR I 32 -19.56 -13.66 -26.67
C THR I 32 -20.86 -12.89 -26.77
N GLY I 33 -20.81 -11.74 -27.42
CA GLY I 33 -21.98 -10.91 -27.61
C GLY I 33 -22.38 -10.18 -26.35
N LEU I 34 -23.51 -9.50 -26.45
CA LEU I 34 -23.98 -8.70 -25.32
C LEU I 34 -24.38 -9.57 -24.14
N GLU I 35 -25.07 -10.69 -24.38
CA GLU I 35 -25.44 -11.54 -23.27
C GLU I 35 -24.26 -12.37 -22.77
N GLY I 36 -23.30 -12.70 -23.64
CA GLY I 36 -22.08 -13.33 -23.16
C GLY I 36 -21.31 -12.46 -22.19
N GLU I 37 -21.33 -11.15 -22.40
CA GLU I 37 -20.61 -10.24 -21.53
C GLU I 37 -21.12 -10.32 -20.10
N ALA I 38 -22.37 -10.72 -19.90
CA ALA I 38 -22.91 -10.87 -18.55
C ALA I 38 -22.22 -11.99 -17.77
N ILE I 39 -21.68 -13.01 -18.43
CA ILE I 39 -21.17 -14.18 -17.72
C ILE I 39 -19.66 -14.37 -17.83
N LYS I 40 -18.98 -13.63 -18.72
CA LYS I 40 -17.57 -13.86 -18.95
C LYS I 40 -16.75 -13.73 -17.66
N GLU I 41 -16.98 -12.68 -16.90
CA GLU I 41 -16.24 -12.49 -15.65
C GLU I 41 -16.58 -13.54 -14.62
N ILE I 42 -17.81 -14.05 -14.64
CA ILE I 42 -18.19 -15.09 -13.68
C ILE I 42 -17.49 -16.41 -14.01
N ILE I 43 -17.41 -16.77 -15.29
CA ILE I 43 -16.65 -17.95 -15.68
C ILE I 43 -15.19 -17.79 -15.28
N GLU I 44 -14.63 -16.60 -15.48
CA GLU I 44 -13.22 -16.39 -15.15
C GLU I 44 -12.97 -16.50 -13.66
N ASP I 45 -13.86 -15.96 -12.82
CA ASP I 45 -13.77 -16.16 -11.39
C ASP I 45 -13.73 -17.65 -11.05
N ALA I 46 -14.68 -18.43 -11.57
CA ALA I 46 -14.73 -19.85 -11.26
C ALA I 46 -13.48 -20.58 -11.77
N ARG I 47 -13.04 -20.24 -12.97
CA ARG I 47 -11.87 -20.89 -13.55
C ARG I 47 -10.63 -20.70 -12.69
N LEU I 48 -10.37 -19.48 -12.25
CA LEU I 48 -9.18 -19.21 -11.45
C LEU I 48 -9.28 -19.86 -10.07
N GLU I 49 -10.47 -19.89 -9.48
CA GLU I 49 -10.62 -20.53 -8.19
C GLU I 49 -10.46 -22.04 -8.30
N ASP I 50 -10.90 -22.65 -9.40
CA ASP I 50 -10.69 -24.07 -9.59
C ASP I 50 -9.23 -24.41 -9.82
N ARG I 51 -8.48 -23.52 -10.47
CA ARG I 51 -7.03 -23.66 -10.51
C ARG I 51 -6.44 -23.61 -9.10
N ASN I 52 -6.92 -22.70 -8.26
CA ASN I 52 -6.48 -22.66 -6.86
C ASN I 52 -6.81 -23.96 -6.13
N HIS I 53 -7.94 -24.60 -6.45
CA HIS I 53 -8.30 -25.83 -5.77
C HIS I 53 -7.31 -26.94 -6.09
N PHE I 54 -6.91 -27.05 -7.35
CA PHE I 54 -5.83 -27.96 -7.73
C PHE I 54 -4.56 -27.68 -6.93
N GLU I 55 -4.16 -26.41 -6.83
CA GLU I 55 -2.98 -26.05 -6.07
C GLU I 55 -3.11 -26.41 -4.60
N ALA I 56 -4.31 -26.28 -4.03
CA ALA I 56 -4.50 -26.63 -2.64
C ALA I 56 -4.50 -28.13 -2.41
N LEU I 57 -4.99 -28.91 -3.37
CA LEU I 57 -5.10 -30.35 -3.17
C LEU I 57 -3.76 -31.07 -3.26
N VAL I 58 -2.85 -30.61 -4.12
CA VAL I 58 -1.61 -31.34 -4.35
C VAL I 58 -0.77 -31.50 -3.09
N PRO I 59 -0.53 -30.47 -2.27
CA PRO I 59 0.23 -30.69 -1.02
C PRO I 59 -0.40 -31.72 -0.11
N ARG I 60 -1.73 -31.74 0.02
CA ARG I 60 -2.36 -32.73 0.88
C ARG I 60 -2.17 -34.14 0.35
N ILE I 61 -2.27 -34.32 -0.98
CA ILE I 61 -2.02 -35.63 -1.57
C ILE I 61 -0.61 -36.13 -1.22
N TYR I 62 0.38 -35.25 -1.29
CA TYR I 62 1.74 -35.67 -0.96
C TYR I 62 1.92 -35.86 0.53
N GLU I 63 1.33 -35.00 1.36
CA GLU I 63 1.35 -35.21 2.82
C GLU I 63 0.84 -36.59 3.19
N LEU I 64 -0.21 -37.06 2.54
CA LEU I 64 -0.79 -38.36 2.83
C LEU I 64 -0.03 -39.50 2.17
N GLY I 65 1.08 -39.24 1.51
CA GLY I 65 1.86 -40.28 0.88
C GLY I 65 1.42 -40.68 -0.51
N GLY I 66 0.54 -39.93 -1.14
CA GLY I 66 0.17 -40.18 -2.51
C GLY I 66 1.05 -39.41 -3.48
N GLU I 67 0.76 -39.58 -4.76
CA GLU I 67 1.48 -38.86 -5.78
C GLU I 67 0.59 -38.65 -6.99
N LEU I 68 0.90 -37.62 -7.76
CA LEU I 68 0.24 -37.41 -9.03
C LEU I 68 0.66 -38.50 -10.02
N PRO I 69 -0.22 -38.87 -10.94
CA PRO I 69 0.16 -39.84 -11.98
C PRO I 69 1.32 -39.31 -12.82
N ARG I 70 2.13 -40.25 -13.31
CA ARG I 70 3.33 -39.91 -14.06
C ARG I 70 3.01 -39.13 -15.34
N ASP I 71 1.97 -39.52 -16.05
CA ASP I 71 1.60 -38.92 -17.32
C ASP I 71 0.36 -38.04 -17.14
N ILE I 72 0.37 -36.89 -17.82
CA ILE I 72 -0.76 -35.96 -17.73
C ILE I 72 -2.04 -36.56 -18.32
N ARG I 73 -1.93 -37.46 -19.29
CA ARG I 73 -3.13 -38.03 -19.88
C ARG I 73 -3.80 -39.01 -18.92
N GLU I 74 -3.01 -39.80 -18.18
CA GLU I 74 -3.59 -40.62 -17.13
C GLU I 74 -4.25 -39.77 -16.06
N PHE I 75 -3.63 -38.64 -15.69
CA PHE I 75 -4.24 -37.74 -14.72
C PHE I 75 -5.60 -37.28 -15.20
N ALA I 76 -5.68 -36.78 -16.43
CA ALA I 76 -6.95 -36.26 -16.95
C ALA I 76 -8.03 -37.34 -16.97
N ASP I 77 -7.65 -38.58 -17.29
CA ASP I 77 -8.60 -39.69 -17.30
C ASP I 77 -9.20 -39.99 -15.93
N LEU I 78 -8.54 -39.58 -14.86
CA LEU I 78 -9.02 -39.82 -13.50
C LEU I 78 -10.09 -38.83 -13.03
N ALA I 79 -10.39 -37.78 -13.78
CA ALA I 79 -11.24 -36.71 -13.26
C ALA I 79 -12.60 -37.25 -12.82
N SER I 80 -13.01 -36.88 -11.61
CA SER I 80 -14.26 -37.37 -11.06
C SER I 80 -15.49 -36.68 -11.65
N CYS I 81 -15.31 -35.75 -12.57
CA CYS I 81 -16.39 -35.13 -13.32
C CYS I 81 -16.22 -35.42 -14.80
N ARG I 82 -17.32 -35.39 -15.53
CA ARG I 82 -17.24 -35.41 -16.99
C ARG I 82 -16.62 -34.11 -17.49
N ASP I 83 -15.89 -34.21 -18.59
CA ASP I 83 -15.27 -33.04 -19.20
C ASP I 83 -16.35 -32.03 -19.59
N ALA I 84 -16.12 -30.76 -19.24
CA ALA I 84 -17.05 -29.68 -19.56
C ALA I 84 -16.83 -29.18 -20.99
N TYR I 85 -17.15 -30.05 -21.95
CA TYR I 85 -16.97 -29.74 -23.36
C TYR I 85 -17.85 -28.56 -23.78
N LEU I 86 -17.32 -27.77 -24.69
CA LEU I 86 -18.12 -26.78 -25.38
C LEU I 86 -19.31 -27.46 -26.04
N PRO I 87 -20.53 -26.96 -25.86
CA PRO I 87 -21.69 -27.58 -26.48
C PRO I 87 -21.62 -27.51 -28.00
N GLU I 88 -22.25 -28.49 -28.65
CA GLU I 88 -22.32 -28.49 -30.11
C GLU I 88 -22.99 -27.23 -30.64
N GLU I 89 -24.02 -26.73 -29.96
CA GLU I 89 -24.62 -25.43 -30.24
C GLU I 89 -24.24 -24.47 -29.11
N PRO I 90 -23.13 -23.75 -29.22
CA PRO I 90 -22.59 -23.01 -28.06
C PRO I 90 -23.27 -21.67 -27.82
N THR I 91 -24.58 -21.70 -27.63
CA THR I 91 -25.31 -20.53 -27.14
C THR I 91 -24.98 -20.29 -25.67
N ILE I 92 -25.25 -19.06 -25.21
CA ILE I 92 -25.01 -18.73 -23.81
C ILE I 92 -25.80 -19.67 -22.90
N GLU I 93 -27.04 -19.95 -23.26
CA GLU I 93 -27.88 -20.86 -22.48
C GLU I 93 -27.26 -22.25 -22.39
N ASN I 94 -26.79 -22.80 -23.51
CA ASN I 94 -26.16 -24.12 -23.48
C ASN I 94 -24.84 -24.10 -22.72
N ILE I 95 -24.09 -23.01 -22.81
CA ILE I 95 -22.85 -22.93 -22.05
C ILE I 95 -23.14 -22.93 -20.56
N LEU I 96 -24.17 -22.20 -20.13
CA LEU I 96 -24.52 -22.18 -18.72
C LEU I 96 -24.94 -23.57 -18.24
N LYS I 97 -25.64 -24.33 -19.06
CA LYS I 97 -26.00 -25.69 -18.68
C LYS I 97 -24.77 -26.55 -18.41
N VAL I 98 -23.74 -26.42 -19.25
CA VAL I 98 -22.49 -27.16 -19.03
C VAL I 98 -21.84 -26.72 -17.73
N LEU I 99 -21.77 -25.41 -17.49
CA LEU I 99 -21.15 -24.91 -16.28
C LEU I 99 -21.89 -25.39 -15.05
N LEU I 100 -23.21 -25.28 -15.03
CA LEU I 100 -23.99 -25.68 -13.87
C LEU I 100 -23.81 -27.17 -13.60
N GLU I 101 -23.85 -28.00 -14.64
CA GLU I 101 -23.64 -29.43 -14.47
C GLU I 101 -22.26 -29.72 -13.89
N ALA I 102 -21.22 -29.07 -14.39
CA ALA I 102 -19.88 -29.27 -13.85
C ALA I 102 -19.80 -28.87 -12.38
N GLU I 103 -20.41 -27.75 -12.02
CA GLU I 103 -20.32 -27.29 -10.63
C GLU I 103 -21.12 -28.19 -9.70
N ARG I 104 -22.26 -28.69 -10.14
CA ARG I 104 -23.03 -29.62 -9.31
C ARG I 104 -22.25 -30.90 -9.06
N CYS I 105 -21.54 -31.40 -10.06
CA CYS I 105 -20.69 -32.57 -9.83
C CYS I 105 -19.58 -32.25 -8.83
N ALA I 106 -18.97 -31.06 -8.93
CA ALA I 106 -17.92 -30.69 -7.99
C ALA I 106 -18.46 -30.64 -6.57
N VAL I 107 -19.63 -30.04 -6.36
CA VAL I 107 -20.24 -30.02 -5.04
C VAL I 107 -20.41 -31.44 -4.51
N GLY I 108 -20.86 -32.35 -5.36
CA GLY I 108 -20.96 -33.75 -4.97
C GLY I 108 -19.63 -34.37 -4.56
N VAL I 109 -18.57 -34.06 -5.31
CA VAL I 109 -17.25 -34.64 -5.04
C VAL I 109 -16.76 -34.25 -3.64
N TYR I 110 -16.84 -32.98 -3.30
CA TYR I 110 -16.30 -32.55 -2.02
C TYR I 110 -17.23 -32.89 -0.86
N THR I 111 -18.53 -32.96 -1.12
CA THR I 111 -19.44 -33.50 -0.12
C THR I 111 -19.09 -34.94 0.22
N GLU I 112 -18.77 -35.76 -0.79
CA GLU I 112 -18.32 -37.13 -0.54
C GLU I 112 -17.06 -37.16 0.31
N ILE I 113 -16.08 -36.31 0.01
CA ILE I 113 -14.83 -36.33 0.77
C ILE I 113 -15.07 -35.87 2.20
N CYS I 114 -15.84 -34.81 2.38
CA CYS I 114 -16.20 -34.34 3.73
C CYS I 114 -16.89 -35.45 4.53
N ASN I 115 -17.85 -36.15 3.91
CA ASN I 115 -18.53 -37.22 4.62
C ASN I 115 -17.57 -38.33 5.02
N TYR I 116 -16.62 -38.65 4.15
CA TYR I 116 -15.66 -39.71 4.43
C TYR I 116 -14.68 -39.34 5.54
N THR I 117 -14.31 -38.08 5.65
CA THR I 117 -13.28 -37.67 6.60
C THR I 117 -13.82 -37.07 7.89
N PHE I 118 -15.12 -36.83 7.99
CA PHE I 118 -15.71 -36.13 9.14
C PHE I 118 -15.38 -36.87 10.43
N GLY I 119 -14.73 -36.17 11.36
CA GLY I 119 -14.31 -36.77 12.60
C GLY I 119 -13.23 -37.82 12.52
N LYS I 120 -12.46 -37.86 11.43
CA LYS I 120 -11.40 -38.85 11.26
C LYS I 120 -10.09 -38.22 10.80
N ASP I 121 -10.13 -37.40 9.76
CA ASP I 121 -8.95 -36.71 9.22
C ASP I 121 -9.25 -35.21 9.22
N PRO I 122 -9.00 -34.53 10.33
CA PRO I 122 -9.45 -33.12 10.43
C PRO I 122 -8.81 -32.19 9.42
N ARG I 123 -7.53 -32.34 9.12
CA ARG I 123 -6.91 -31.47 8.11
C ARG I 123 -7.55 -31.67 6.74
N THR I 124 -7.72 -32.92 6.32
CA THR I 124 -8.33 -33.19 5.02
C THR I 124 -9.78 -32.71 4.98
N TYR I 125 -10.53 -32.96 6.06
CA TYR I 125 -11.90 -32.48 6.14
C TYR I 125 -11.97 -30.97 5.96
N ASP I 126 -11.11 -30.24 6.66
CA ASP I 126 -11.12 -28.78 6.59
C ASP I 126 -10.75 -28.29 5.19
N LEU I 127 -9.83 -28.97 4.52
CA LEU I 127 -9.51 -28.63 3.14
C LEU I 127 -10.68 -28.92 2.20
N ALA I 128 -11.27 -30.12 2.31
CA ALA I 128 -12.46 -30.43 1.53
C ALA I 128 -13.57 -29.43 1.78
N LEU I 129 -13.78 -29.04 3.04
CA LEU I 129 -14.80 -28.06 3.36
C LEU I 129 -14.50 -26.70 2.72
N ALA I 130 -13.25 -26.25 2.79
CA ALA I 130 -12.90 -24.97 2.19
C ALA I 130 -13.21 -24.97 0.69
N ILE I 131 -12.86 -26.03 -0.01
CA ILE I 131 -13.17 -26.10 -1.42
C ILE I 131 -14.68 -26.20 -1.63
N LEU I 132 -15.36 -26.96 -0.78
CA LEU I 132 -16.81 -27.08 -0.88
C LEU I 132 -17.51 -25.73 -0.78
N HIS I 133 -17.06 -24.85 0.13
CA HIS I 133 -17.59 -23.49 0.19
C HIS I 133 -17.56 -22.84 -1.18
N GLU I 134 -16.42 -22.91 -1.86
CA GLU I 134 -16.27 -22.22 -3.14
C GLU I 134 -17.09 -22.90 -4.23
N GLU I 135 -17.21 -24.23 -4.21
CA GLU I 135 -18.03 -24.89 -5.22
C GLU I 135 -19.51 -24.58 -5.04
N ILE I 136 -19.99 -24.52 -3.80
CA ILE I 136 -21.39 -24.15 -3.56
C ILE I 136 -21.64 -22.73 -4.06
N GLU I 137 -20.68 -21.83 -3.88
CA GLU I 137 -20.81 -20.49 -4.43
C GLU I 137 -20.80 -20.50 -5.95
N HIS I 138 -19.89 -21.28 -6.56
CA HIS I 138 -19.87 -21.40 -8.02
C HIS I 138 -21.21 -21.90 -8.54
N GLU I 139 -21.74 -22.96 -7.92
CA GLU I 139 -23.02 -23.48 -8.33
C GLU I 139 -24.12 -22.43 -8.21
N ALA I 140 -24.09 -21.63 -7.13
CA ALA I 140 -25.07 -20.58 -6.95
C ALA I 140 -25.00 -19.53 -8.06
N TRP I 141 -23.78 -19.08 -8.41
CA TRP I 141 -23.62 -18.11 -9.49
C TRP I 141 -24.31 -18.59 -10.77
N PHE I 142 -24.03 -19.82 -11.18
CA PHE I 142 -24.53 -20.30 -12.45
C PHE I 142 -26.02 -20.65 -12.38
N GLU I 143 -26.50 -21.18 -11.26
CA GLU I 143 -27.94 -21.44 -11.13
C GLU I 143 -28.74 -20.13 -11.17
N GLU I 144 -28.20 -19.07 -10.58
CA GLU I 144 -28.88 -17.79 -10.66
C GLU I 144 -28.94 -17.27 -12.10
N LEU I 145 -27.82 -17.35 -12.83
CA LEU I 145 -27.79 -16.88 -14.21
C LEU I 145 -28.73 -17.68 -15.10
N LEU I 146 -28.82 -18.98 -14.87
CA LEU I 146 -29.55 -19.86 -15.78
C LEU I 146 -31.02 -19.96 -15.44
N THR I 147 -31.36 -20.25 -14.19
CA THR I 147 -32.73 -20.53 -13.79
C THR I 147 -33.41 -19.34 -13.11
N GLY I 148 -32.68 -18.30 -12.75
CA GLY I 148 -33.26 -17.20 -12.01
C GLY I 148 -33.53 -17.46 -10.54
N LYS I 149 -32.97 -18.50 -9.95
CA LYS I 149 -33.09 -18.70 -8.51
C LYS I 149 -32.42 -17.56 -7.77
N PRO I 150 -33.11 -16.89 -6.84
CA PRO I 150 -32.48 -15.80 -6.11
C PRO I 150 -31.26 -16.28 -5.32
N SER I 151 -30.30 -15.38 -5.18
CA SER I 151 -29.10 -15.68 -4.42
C SER I 151 -28.52 -14.38 -3.92
N GLY I 152 -27.76 -14.47 -2.85
CA GLY I 152 -27.13 -13.28 -2.31
C GLY I 152 -25.66 -13.16 -2.63
N HIS I 153 -25.22 -13.65 -3.78
CA HIS I 153 -23.80 -13.59 -4.10
C HIS I 153 -23.47 -12.52 -5.11
N PHE I 154 -22.23 -12.04 -5.04
CA PHE I 154 -21.66 -11.03 -5.94
C PHE I 154 -20.52 -11.65 -6.70
N ARG I 155 -19.95 -10.87 -7.59
CA ARG I 155 -18.64 -11.19 -8.10
C ARG I 155 -17.63 -11.09 -6.96
N ARG I 156 -16.53 -11.81 -7.12
CA ARG I 156 -15.41 -11.73 -6.20
C ARG I 156 -14.83 -10.32 -6.22
N GLY I 157 -13.95 -10.00 -5.28
CA GLY I 157 -13.18 -8.79 -5.39
C GLY I 157 -12.32 -8.86 -6.63
N LYS I 158 -11.27 -9.55 -6.55
CA LYS I 158 -10.43 -9.88 -7.68
C LYS I 158 -10.74 -11.29 -8.17
N PRO I 159 -10.57 -11.57 -9.46
CA PRO I 159 -10.74 -12.95 -9.94
C PRO I 159 -9.72 -13.88 -9.30
N GLY I 160 -10.19 -15.07 -8.93
CA GLY I 160 -9.34 -16.01 -8.26
C GLY I 160 -9.03 -15.67 -6.82
N GLU I 161 -9.86 -14.85 -6.18
CA GLU I 161 -9.62 -14.47 -4.80
C GLU I 161 -9.57 -15.70 -3.88
N SER I 162 -10.45 -16.67 -4.09
CA SER I 162 -10.58 -17.86 -3.26
C SER I 162 -10.58 -17.52 -1.77
N PRO I 163 -11.59 -16.83 -1.27
CA PRO I 163 -11.56 -16.40 0.14
C PRO I 163 -11.52 -17.56 1.13
N TYR I 164 -12.07 -18.71 0.79
CA TYR I 164 -12.10 -19.84 1.72
C TYR I 164 -10.85 -20.70 1.66
N VAL I 165 -10.26 -20.89 0.48
CA VAL I 165 -9.14 -21.81 0.38
CA VAL I 165 -9.14 -21.81 0.30
C VAL I 165 -7.79 -21.11 0.45
N SER I 166 -7.76 -19.77 0.46
CA SER I 166 -6.49 -19.05 0.42
C SER I 166 -5.55 -19.42 1.58
N LYS I 167 -6.08 -19.73 2.76
CA LYS I 167 -5.24 -20.18 3.86
C LYS I 167 -4.45 -21.45 3.52
N PHE I 168 -4.90 -22.25 2.56
CA PHE I 168 -4.14 -23.40 2.10
C PHE I 168 -3.19 -23.07 0.96
N LEU I 169 -3.19 -21.85 0.44
CA LEU I 169 -2.42 -21.53 -0.75
C LEU I 169 -1.12 -20.82 -0.38
N LYS I 170 -0.08 -21.10 -1.15
CA LYS I 170 1.22 -20.47 -0.96
C LYS I 170 1.34 -19.18 -1.75
N ILE J 1 -18.16 -32.33 28.23
CA ILE J 1 -16.73 -32.05 28.22
C ILE J 1 -16.24 -31.61 29.60
N ASP J 2 -15.15 -32.20 30.05
CA ASP J 2 -14.55 -31.87 31.34
C ASP J 2 -13.63 -30.67 31.12
N VAL J 3 -14.07 -29.49 31.55
CA VAL J 3 -13.33 -28.27 31.25
C VAL J 3 -11.99 -28.25 31.96
N GLU J 4 -11.90 -28.81 33.17
CA GLU J 4 -10.62 -28.88 33.86
C GLU J 4 -9.62 -29.72 33.08
N LYS J 5 -10.06 -30.88 32.58
CA LYS J 5 -9.19 -31.70 31.74
C LYS J 5 -8.79 -30.95 30.47
N LEU J 6 -9.73 -30.28 29.82
CA LEU J 6 -9.41 -29.51 28.63
C LEU J 6 -8.43 -28.40 28.94
N LEU J 7 -8.63 -27.67 30.05
CA LEU J 7 -7.72 -26.60 30.42
C LEU J 7 -6.31 -27.12 30.63
N GLU J 8 -6.18 -28.29 31.24
CA GLU J 8 -4.87 -28.88 31.43
C GLU J 8 -4.19 -29.16 30.09
N LEU J 9 -4.91 -29.73 29.13
CA LEU J 9 -4.35 -29.97 27.81
C LEU J 9 -3.91 -28.66 27.15
N LEU J 10 -4.74 -27.61 27.22
CA LEU J 10 -4.40 -26.37 26.55
C LEU J 10 -3.21 -25.68 27.19
N ILE J 11 -3.11 -25.72 28.51
CA ILE J 11 -1.98 -25.08 29.18
C ILE J 11 -0.68 -25.82 28.86
N LYS J 12 -0.73 -27.16 28.83
CA LYS J 12 0.43 -27.95 28.45
C LYS J 12 0.83 -27.69 27.00
N ALA J 13 -0.16 -27.55 26.12
CA ALA J 13 0.12 -27.19 24.73
C ALA J 13 0.77 -25.80 24.66
N ALA J 14 0.24 -24.83 25.41
CA ALA J 14 0.81 -23.49 25.42
C ALA J 14 2.25 -23.49 25.92
N ALA J 15 2.53 -24.29 26.95
CA ALA J 15 3.88 -24.38 27.47
C ALA J 15 4.85 -24.96 26.43
N ALA J 16 4.41 -25.97 25.68
CA ALA J 16 5.24 -26.51 24.61
C ALA J 16 5.52 -25.45 23.54
N GLU J 17 4.52 -24.66 23.16
CA GLU J 17 4.74 -23.59 22.18
C GLU J 17 5.75 -22.57 22.70
N PHE J 18 5.60 -22.16 23.95
CA PHE J 18 6.45 -21.12 24.52
C PHE J 18 7.91 -21.57 24.59
N THR J 19 8.15 -22.77 25.11
CA THR J 19 9.52 -23.27 25.19
C THR J 19 10.11 -23.55 23.80
N THR J 20 9.28 -23.97 22.84
CA THR J 20 9.75 -24.16 21.48
C THR J 20 10.31 -22.86 20.92
N TYR J 21 9.64 -21.75 21.21
CA TYR J 21 10.13 -20.44 20.81
C TYR J 21 11.56 -20.22 21.30
N TYR J 22 11.85 -20.58 22.54
CA TYR J 22 13.21 -20.46 23.04
C TYR J 22 14.16 -21.45 22.37
N TYR J 23 13.83 -22.74 22.39
CA TYR J 23 14.76 -23.76 21.92
C TYR J 23 15.03 -23.67 20.41
N TYR J 24 14.05 -23.26 19.61
CA TYR J 24 14.29 -23.12 18.18
C TYR J 24 15.20 -21.94 17.89
N THR J 25 15.22 -20.93 18.76
CA THR J 25 16.18 -19.84 18.62
C THR J 25 17.61 -20.38 18.64
N ILE J 26 17.91 -21.24 19.61
CA ILE J 26 19.22 -21.86 19.68
C ILE J 26 19.49 -22.73 18.46
N LEU J 27 18.52 -23.57 18.08
CA LEU J 27 18.73 -24.46 16.94
C LEU J 27 18.98 -23.67 15.65
N ARG J 28 18.23 -22.58 15.45
CA ARG J 28 18.44 -21.74 14.29
C ARG J 28 19.85 -21.18 14.25
N ASN J 29 20.35 -20.71 15.38
CA ASN J 29 21.69 -20.13 15.43
C ASN J 29 22.78 -21.15 15.14
N HIS J 30 22.51 -22.44 15.30
CA HIS J 30 23.52 -23.46 15.02
C HIS J 30 23.35 -24.11 13.65
N ALA J 31 22.43 -23.63 12.83
CA ALA J 31 22.29 -24.13 11.46
C ALA J 31 23.24 -23.35 10.54
N THR J 32 24.52 -23.67 10.67
CA THR J 32 25.59 -22.89 10.07
C THR J 32 26.15 -23.59 8.82
N GLY J 33 27.05 -22.91 8.14
CA GLY J 33 27.68 -23.45 6.96
C GLY J 33 26.76 -23.45 5.77
N LEU J 34 27.26 -24.04 4.69
CA LEU J 34 26.51 -24.05 3.44
C LEU J 34 25.24 -24.90 3.56
N GLU J 35 25.32 -26.06 4.20
CA GLU J 35 24.11 -26.87 4.34
C GLU J 35 23.19 -26.33 5.43
N GLY J 36 23.73 -25.67 6.45
CA GLY J 36 22.88 -24.98 7.40
C GLY J 36 22.03 -23.90 6.77
N GLU J 37 22.57 -23.21 5.76
CA GLU J 37 21.84 -22.15 5.09
C GLU J 37 20.56 -22.67 4.46
N ALA J 38 20.53 -23.95 4.08
CA ALA J 38 19.33 -24.53 3.51
C ALA J 38 18.15 -24.56 4.48
N ILE J 39 18.41 -24.63 5.79
CA ILE J 39 17.33 -24.85 6.75
C ILE J 39 17.09 -23.66 7.68
N LYS J 40 17.97 -22.67 7.71
CA LYS J 40 17.84 -21.59 8.68
C LYS J 40 16.50 -20.87 8.56
N GLU J 41 16.10 -20.52 7.33
CA GLU J 41 14.83 -19.83 7.14
C GLU J 41 13.64 -20.72 7.48
N ILE J 42 13.77 -22.04 7.30
CA ILE J 42 12.68 -22.94 7.63
C ILE J 42 12.50 -23.04 9.14
N ILE J 43 13.60 -23.12 9.89
CA ILE J 43 13.51 -23.08 11.35
C ILE J 43 12.87 -21.78 11.81
N GLU J 44 13.27 -20.67 11.19
CA GLU J 44 12.73 -19.38 11.60
C GLU J 44 11.24 -19.27 11.33
N ASP J 45 10.77 -19.77 10.18
CA ASP J 45 9.33 -19.85 9.92
C ASP J 45 8.62 -20.62 11.03
N ALA J 46 9.10 -21.81 11.36
CA ALA J 46 8.46 -22.62 12.38
C ALA J 46 8.49 -21.93 13.75
N ARG J 47 9.63 -21.34 14.10
CA ARG J 47 9.77 -20.68 15.39
C ARG J 47 8.75 -19.55 15.56
N LEU J 48 8.61 -18.70 14.55
CA LEU J 48 7.68 -17.58 14.67
C LEU J 48 6.23 -18.05 14.68
N GLU J 49 5.91 -19.10 13.92
CA GLU J 49 4.54 -19.60 13.95
C GLU J 49 4.22 -20.27 15.29
N ASP J 50 5.21 -20.92 15.92
CA ASP J 50 4.96 -21.51 17.22
C ASP J 50 4.80 -20.43 18.30
N ARG J 51 5.50 -19.31 18.16
CA ARG J 51 5.21 -18.15 19.00
C ARG J 51 3.77 -17.68 18.80
N ASN J 52 3.31 -17.62 17.54
CA ASN J 52 1.91 -17.29 17.28
C ASN J 52 0.94 -18.28 17.92
N HIS J 53 1.31 -19.56 17.98
CA HIS J 53 0.42 -20.55 18.58
C HIS J 53 0.24 -20.28 20.05
N PHE J 54 1.32 -19.96 20.76
CA PHE J 54 1.22 -19.52 22.14
C PHE J 54 0.28 -18.32 22.28
N GLU J 55 0.44 -17.32 21.42
CA GLU J 55 -0.43 -16.14 21.46
C GLU J 55 -1.88 -16.51 21.21
N ALA J 56 -2.15 -17.46 20.33
CA ALA J 56 -3.51 -17.85 20.05
C ALA J 56 -4.12 -18.67 21.19
N LEU J 57 -3.32 -19.46 21.90
CA LEU J 57 -3.87 -20.32 22.94
C LEU J 57 -4.23 -19.57 24.20
N VAL J 58 -3.49 -18.53 24.56
CA VAL J 58 -3.70 -17.85 25.84
C VAL J 58 -5.11 -17.27 25.97
N PRO J 59 -5.66 -16.55 24.99
CA PRO J 59 -7.04 -16.07 25.13
C PRO J 59 -8.06 -17.17 25.35
N ARG J 60 -7.92 -18.32 24.67
CA ARG J 60 -8.86 -19.41 24.88
C ARG J 60 -8.75 -19.98 26.29
N ILE J 61 -7.54 -20.10 26.81
CA ILE J 61 -7.36 -20.57 28.19
C ILE J 61 -8.10 -19.66 29.16
N TYR J 62 -8.02 -18.35 28.97
CA TYR J 62 -8.71 -17.43 29.88
C TYR J 62 -10.22 -17.43 29.63
N GLU J 63 -10.65 -17.50 28.37
CA GLU J 63 -12.07 -17.65 28.07
C GLU J 63 -12.69 -18.83 28.82
N LEU J 64 -11.98 -19.94 28.88
CA LEU J 64 -12.48 -21.13 29.55
C LEU J 64 -12.31 -21.08 31.06
N GLY J 65 -11.83 -19.97 31.61
CA GLY J 65 -11.67 -19.84 33.04
C GLY J 65 -10.38 -20.38 33.61
N GLY J 66 -9.40 -20.71 32.77
CA GLY J 66 -8.10 -21.10 33.24
C GLY J 66 -7.17 -19.92 33.36
N GLU J 67 -5.95 -20.20 33.79
CA GLU J 67 -4.94 -19.17 33.89
C GLU J 67 -3.56 -19.78 33.69
N LEU J 68 -2.63 -18.95 33.26
CA LEU J 68 -1.24 -19.35 33.18
C LEU J 68 -0.68 -19.55 34.60
N PRO J 69 0.28 -20.46 34.75
CA PRO J 69 0.93 -20.61 36.07
C PRO J 69 1.62 -19.32 36.49
N ARG J 70 1.68 -19.11 37.81
CA ARG J 70 2.23 -17.89 38.37
C ARG J 70 3.70 -17.69 38.00
N ASP J 71 4.48 -18.77 38.04
CA ASP J 71 5.92 -18.72 37.78
C ASP J 71 6.23 -19.30 36.40
N ILE J 72 7.16 -18.67 35.70
CA ILE J 72 7.54 -19.13 34.37
C ILE J 72 8.20 -20.50 34.41
N ARG J 73 8.88 -20.85 35.52
CA ARG J 73 9.52 -22.16 35.59
C ARG J 73 8.50 -23.28 35.72
N GLU J 74 7.44 -23.06 36.50
CA GLU J 74 6.34 -24.01 36.53
C GLU J 74 5.68 -24.16 35.17
N PHE J 75 5.51 -23.05 34.45
CA PHE J 75 4.95 -23.12 33.11
C PHE J 75 5.79 -24.01 32.21
N ALA J 76 7.10 -23.77 32.18
CA ALA J 76 7.99 -24.55 31.31
C ALA J 76 7.93 -26.04 31.66
N ASP J 77 7.85 -26.37 32.94
CA ASP J 77 7.75 -27.76 33.38
C ASP J 77 6.50 -28.47 32.87
N LEU J 78 5.46 -27.73 32.51
CA LEU J 78 4.22 -28.32 32.04
C LEU J 78 4.24 -28.71 30.55
N ALA J 79 5.29 -28.38 29.80
CA ALA J 79 5.24 -28.55 28.35
C ALA J 79 4.96 -30.00 27.97
N SER J 80 4.00 -30.20 27.07
CA SER J 80 3.61 -31.54 26.67
C SER J 80 4.59 -32.19 25.70
N CYS J 81 5.67 -31.51 25.34
CA CYS J 81 6.76 -32.07 24.56
C CYS J 81 8.05 -32.03 25.36
N ARG J 82 8.96 -32.93 25.04
CA ARG J 82 10.32 -32.82 25.56
C ARG J 82 11.00 -31.58 24.99
N ASP J 83 11.86 -30.98 25.79
CA ASP J 83 12.62 -29.81 25.35
C ASP J 83 13.48 -30.17 24.14
N ALA J 84 13.42 -29.32 23.11
CA ALA J 84 14.19 -29.52 21.88
C ALA J 84 15.63 -29.02 22.06
N TYR J 85 16.37 -29.73 22.92
CA TYR J 85 17.75 -29.36 23.21
C TYR J 85 18.63 -29.46 21.98
N LEU J 86 19.59 -28.56 21.90
CA LEU J 86 20.66 -28.69 20.92
C LEU J 86 21.35 -30.04 21.10
N PRO J 87 21.56 -30.80 20.04
CA PRO J 87 22.23 -32.10 20.17
C PRO J 87 23.65 -31.95 20.66
N GLU J 88 24.15 -32.98 21.34
CA GLU J 88 25.53 -32.98 21.78
C GLU J 88 26.50 -32.87 20.61
N GLU J 89 26.18 -33.50 19.48
CA GLU J 89 26.92 -33.30 18.23
C GLU J 89 26.02 -32.51 17.27
N PRO J 90 26.09 -31.19 17.28
CA PRO J 90 25.08 -30.38 16.56
C PRO J 90 25.33 -30.25 15.06
N THR J 91 25.42 -31.39 14.37
CA THR J 91 25.40 -31.39 12.92
C THR J 91 24.01 -31.03 12.41
N ILE J 92 23.95 -30.64 11.13
CA ILE J 92 22.67 -30.31 10.52
C ILE J 92 21.72 -31.49 10.59
N GLU J 93 22.24 -32.68 10.34
CA GLU J 93 21.44 -33.90 10.40
C GLU J 93 20.86 -34.13 11.80
N ASN J 94 21.68 -33.98 12.84
CA ASN J 94 21.18 -34.15 14.19
C ASN J 94 20.21 -33.05 14.59
N ILE J 95 20.41 -31.83 14.11
CA ILE J 95 19.48 -30.76 14.40
C ILE J 95 18.12 -31.05 13.77
N LEU J 96 18.12 -31.55 12.54
CA LEU J 96 16.86 -31.90 11.88
C LEU J 96 16.12 -33.00 12.64
N LYS J 97 16.85 -33.97 13.18
CA LYS J 97 16.21 -35.02 13.98
C LYS J 97 15.48 -34.42 15.18
N VAL J 98 16.11 -33.47 15.87
CA VAL J 98 15.46 -32.81 17.00
C VAL J 98 14.21 -32.07 16.53
N LEU J 99 14.31 -31.32 15.44
CA LEU J 99 13.18 -30.58 14.94
C LEU J 99 12.03 -31.50 14.56
N LEU J 100 12.31 -32.56 13.80
CA LEU J 100 11.26 -33.48 13.39
C LEU J 100 10.58 -34.12 14.58
N GLU J 101 11.35 -34.56 15.56
CA GLU J 101 10.78 -35.14 16.77
C GLU J 101 9.87 -34.15 17.50
N ALA J 102 10.32 -32.90 17.63
CA ALA J 102 9.49 -31.90 18.29
C ALA J 102 8.18 -31.67 17.53
N GLU J 103 8.25 -31.59 16.19
CA GLU J 103 7.05 -31.32 15.42
C GLU J 103 6.09 -32.51 15.44
N ARG J 104 6.61 -33.74 15.43
CA ARG J 104 5.74 -34.90 15.53
C ARG J 104 5.01 -34.93 16.86
N CYS J 105 5.68 -34.57 17.95
CA CYS J 105 5.00 -34.47 19.22
C CYS J 105 3.91 -33.39 19.20
N ALA J 106 4.20 -32.25 18.57
CA ALA J 106 3.19 -31.20 18.47
C ALA J 106 1.96 -31.68 17.71
N VAL J 107 2.17 -32.36 16.58
CA VAL J 107 1.04 -32.90 15.82
C VAL J 107 0.21 -33.82 16.71
N GLY J 108 0.86 -34.65 17.52
CA GLY J 108 0.14 -35.49 18.46
C GLY J 108 -0.66 -34.70 19.47
N VAL J 109 -0.09 -33.62 20.00
CA VAL J 109 -0.77 -32.83 21.03
C VAL J 109 -2.08 -32.25 20.50
N TYR J 110 -2.05 -31.65 19.32
CA TYR J 110 -3.26 -31.02 18.83
C TYR J 110 -4.25 -32.02 18.25
N THR J 111 -3.77 -33.16 17.76
CA THR J 111 -4.67 -34.25 17.41
C THR J 111 -5.44 -34.72 18.64
N GLU J 112 -4.76 -34.84 19.79
CA GLU J 112 -5.45 -35.21 21.02
C GLU J 112 -6.51 -34.19 21.41
N ILE J 113 -6.20 -32.89 21.30
CA ILE J 113 -7.18 -31.87 21.68
C ILE J 113 -8.36 -31.87 20.72
N CYS J 114 -8.10 -31.98 19.42
CA CYS J 114 -9.18 -32.08 18.44
C CYS J 114 -10.08 -33.28 18.72
N ASN J 115 -9.49 -34.44 19.01
CA ASN J 115 -10.30 -35.62 19.31
C ASN J 115 -11.16 -35.40 20.55
N TYR J 116 -10.61 -34.74 21.55
CA TYR J 116 -11.35 -34.50 22.79
C TYR J 116 -12.49 -33.51 22.61
N THR J 117 -12.34 -32.52 21.74
CA THR J 117 -13.34 -31.48 21.62
C THR J 117 -14.29 -31.65 20.44
N PHE J 118 -14.06 -32.63 19.57
CA PHE J 118 -14.84 -32.79 18.35
C PHE J 118 -16.33 -32.95 18.67
N GLY J 119 -17.15 -32.06 18.14
CA GLY J 119 -18.57 -32.07 18.41
C GLY J 119 -18.98 -31.71 19.82
N LYS J 120 -18.13 -31.04 20.59
CA LYS J 120 -18.44 -30.67 21.96
C LYS J 120 -18.10 -29.21 22.25
N ASP J 121 -16.88 -28.77 21.91
CA ASP J 121 -16.43 -27.39 22.10
C ASP J 121 -15.99 -26.85 20.76
N PRO J 122 -16.91 -26.30 19.96
CA PRO J 122 -16.56 -25.95 18.58
C PRO J 122 -15.47 -24.88 18.47
N ARG J 123 -15.49 -23.86 19.33
CA ARG J 123 -14.44 -22.84 19.26
C ARG J 123 -13.07 -23.44 19.54
N THR J 124 -12.95 -24.23 20.62
CA THR J 124 -11.67 -24.85 20.95
C THR J 124 -11.23 -25.82 19.87
N TYR J 125 -12.15 -26.63 19.35
CA TYR J 125 -11.83 -27.54 18.26
C TYR J 125 -11.26 -26.78 17.06
N ASP J 126 -11.90 -25.69 16.67
CA ASP J 126 -11.44 -24.93 15.52
C ASP J 126 -10.08 -24.31 15.76
N LEU J 127 -9.81 -23.86 16.98
CA LEU J 127 -8.49 -23.36 17.32
C LEU J 127 -7.44 -24.47 17.28
N ALA J 128 -7.73 -25.61 17.91
CA ALA J 128 -6.84 -26.76 17.84
C ALA J 128 -6.59 -27.17 16.40
N LEU J 129 -7.63 -27.19 15.58
CA LEU J 129 -7.48 -27.54 14.17
C LEU J 129 -6.58 -26.56 13.44
N ALA J 130 -6.78 -25.25 13.66
CA ALA J 130 -5.94 -24.25 13.00
C ALA J 130 -4.47 -24.47 13.34
N ILE J 131 -4.16 -24.70 14.60
CA ILE J 131 -2.77 -24.96 14.97
C ILE J 131 -2.30 -26.28 14.37
N LEU J 132 -3.16 -27.30 14.36
CA LEU J 132 -2.81 -28.58 13.78
C LEU J 132 -2.41 -28.45 12.32
N HIS J 133 -3.14 -27.65 11.54
CA HIS J 133 -2.72 -27.36 10.16
C HIS J 133 -1.27 -26.95 10.10
N GLU J 134 -0.88 -25.99 10.93
CA GLU J 134 0.48 -25.47 10.87
C GLU J 134 1.51 -26.48 11.38
N GLU J 135 1.15 -27.29 12.38
CA GLU J 135 2.10 -28.31 12.85
C GLU J 135 2.31 -29.40 11.80
N ILE J 136 1.25 -29.82 11.11
CA ILE J 136 1.41 -30.80 10.05
C ILE J 136 2.30 -30.26 8.94
N GLU J 137 2.17 -28.97 8.63
CA GLU J 137 3.07 -28.36 7.66
C GLU J 137 4.50 -28.29 8.17
N HIS J 138 4.70 -27.91 9.44
CA HIS J 138 6.03 -27.91 10.04
C HIS J 138 6.66 -29.29 9.95
N GLU J 139 5.91 -30.32 10.34
CA GLU J 139 6.42 -31.68 10.27
C GLU J 139 6.80 -32.04 8.83
N ALA J 140 5.99 -31.64 7.86
CA ALA J 140 6.27 -31.92 6.46
C ALA J 140 7.58 -31.25 6.02
N TRP J 141 7.79 -29.98 6.36
CA TRP J 141 9.03 -29.28 6.02
C TRP J 141 10.25 -30.08 6.48
N PHE J 142 10.25 -30.49 7.75
CA PHE J 142 11.44 -31.12 8.30
C PHE J 142 11.58 -32.57 7.83
N GLU J 143 10.48 -33.29 7.64
CA GLU J 143 10.58 -34.65 7.11
C GLU J 143 11.12 -34.64 5.69
N GLU J 144 10.74 -33.65 4.89
CA GLU J 144 11.28 -33.54 3.55
C GLU J 144 12.79 -33.26 3.59
N LEU J 145 13.22 -32.33 4.43
CA LEU J 145 14.65 -32.00 4.52
C LEU J 145 15.47 -33.19 5.00
N LEU J 146 14.93 -33.97 5.91
CA LEU J 146 15.71 -35.01 6.57
C LEU J 146 15.66 -36.34 5.81
N THR J 147 14.47 -36.82 5.48
CA THR J 147 14.30 -38.14 4.88
C THR J 147 14.09 -38.12 3.37
N GLY J 148 13.88 -36.95 2.78
CA GLY J 148 13.59 -36.88 1.37
C GLY J 148 12.18 -37.29 0.96
N LYS J 149 11.24 -37.39 1.88
CA LYS J 149 9.86 -37.66 1.51
C LYS J 149 9.31 -36.51 0.67
N PRO J 150 8.76 -36.77 -0.49
CA PRO J 150 8.21 -35.68 -1.31
C PRO J 150 7.11 -34.94 -0.59
N SER J 151 7.02 -33.64 -0.88
CA SER J 151 5.98 -32.82 -0.29
C SER J 151 5.73 -31.65 -1.23
N GLY J 152 4.54 -31.09 -1.13
CA GLY J 152 4.22 -29.95 -1.96
C GLY J 152 4.25 -28.62 -1.23
N HIS J 153 5.12 -28.47 -0.23
CA HIS J 153 5.14 -27.23 0.53
C HIS J 153 6.33 -26.35 0.15
N PHE J 154 6.13 -25.04 0.35
CA PHE J 154 7.13 -24.00 0.11
C PHE J 154 7.44 -23.33 1.43
N ARG J 155 8.37 -22.40 1.36
CA ARG J 155 8.51 -21.45 2.44
C ARG J 155 7.26 -20.57 2.48
N ARG J 156 7.00 -20.02 3.66
CA ARG J 156 5.94 -19.06 3.85
C ARG J 156 6.20 -17.82 3.00
N GLY J 157 5.21 -16.94 2.86
CA GLY J 157 5.48 -15.64 2.30
C GLY J 157 6.47 -14.90 3.19
N LYS J 158 5.99 -14.38 4.24
CA LYS J 158 6.80 -13.81 5.29
C LYS J 158 6.96 -14.81 6.43
N PRO J 159 8.07 -14.77 7.16
CA PRO J 159 8.21 -15.63 8.34
C PRO J 159 7.16 -15.28 9.39
N GLY J 160 6.59 -16.32 9.99
CA GLY J 160 5.53 -16.11 10.95
C GLY J 160 4.20 -15.73 10.37
N GLU J 161 3.99 -16.02 9.09
CA GLU J 161 2.73 -15.66 8.44
C GLU J 161 1.53 -16.30 9.16
N SER J 162 1.65 -17.55 9.57
CA SER J 162 0.57 -18.32 10.20
C SER J 162 -0.74 -18.19 9.44
N PRO J 163 -0.83 -18.71 8.21
CA PRO J 163 -2.05 -18.51 7.42
C PRO J 163 -3.29 -19.11 8.06
N TYR J 164 -3.16 -20.19 8.83
CA TYR J 164 -4.33 -20.83 9.41
C TYR J 164 -4.75 -20.23 10.75
N VAL J 165 -3.80 -19.80 11.57
CA VAL J 165 -4.17 -19.33 12.90
CA VAL J 165 -4.09 -19.33 12.91
C VAL J 165 -4.32 -17.82 12.98
N SER J 166 -4.00 -17.09 11.91
CA SER J 166 -4.03 -15.62 11.97
C SER J 166 -5.40 -15.07 12.36
N LYS J 167 -6.49 -15.72 11.95
CA LYS J 167 -7.82 -15.27 12.37
C LYS J 167 -7.99 -15.27 13.89
N PHE J 168 -7.21 -16.04 14.62
CA PHE J 168 -7.21 -16.00 16.08
C PHE J 168 -6.25 -14.98 16.66
N LEU J 169 -5.44 -14.31 15.84
CA LEU J 169 -4.38 -13.45 16.36
C LEU J 169 -4.81 -11.99 16.30
N LYS J 170 -4.37 -11.24 17.30
CA LYS J 170 -4.65 -9.80 17.36
C LYS J 170 -3.59 -8.99 16.63
N ILE K 1 2.42 -13.86 -44.50
CA ILE K 1 2.43 -14.82 -43.40
C ILE K 1 1.25 -15.79 -43.52
N ASP K 2 1.54 -17.07 -43.39
CA ASP K 2 0.52 -18.13 -43.45
C ASP K 2 -0.09 -18.26 -42.05
N VAL K 3 -1.29 -17.74 -41.87
CA VAL K 3 -1.89 -17.67 -40.55
C VAL K 3 -2.19 -19.07 -40.02
N GLU K 4 -2.57 -20.02 -40.88
CA GLU K 4 -2.80 -21.38 -40.42
C GLU K 4 -1.51 -22.00 -39.87
N LYS K 5 -0.40 -21.81 -40.57
CA LYS K 5 0.88 -22.28 -40.07
C LYS K 5 1.24 -21.61 -38.75
N LEU K 6 1.04 -20.30 -38.65
CA LEU K 6 1.31 -19.60 -37.41
C LEU K 6 0.42 -20.11 -36.28
N LEU K 7 -0.87 -20.30 -36.54
CA LEU K 7 -1.78 -20.81 -35.52
C LEU K 7 -1.34 -22.16 -35.02
N GLU K 8 -0.86 -23.03 -35.91
CA GLU K 8 -0.38 -24.34 -35.49
C GLU K 8 0.82 -24.20 -34.54
N LEU K 9 1.77 -23.32 -34.86
CA LEU K 9 2.90 -23.09 -33.97
C LEU K 9 2.44 -22.58 -32.61
N LEU K 10 1.51 -21.62 -32.58
CA LEU K 10 1.10 -21.05 -31.31
C LEU K 10 0.33 -22.05 -30.46
N ILE K 11 -0.51 -22.88 -31.08
CA ILE K 11 -1.26 -23.87 -30.31
C ILE K 11 -0.32 -24.92 -29.74
N LYS K 12 0.67 -25.35 -30.52
CA LYS K 12 1.66 -26.29 -30.02
C LYS K 12 2.49 -25.69 -28.90
N ALA K 13 2.84 -24.41 -29.02
CA ALA K 13 3.52 -23.72 -27.93
C ALA K 13 2.65 -23.67 -26.69
N ALA K 14 1.37 -23.34 -26.84
CA ALA K 14 0.46 -23.27 -25.71
C ALA K 14 0.32 -24.63 -25.03
N ALA K 15 0.27 -25.71 -25.82
CA ALA K 15 0.19 -27.04 -25.25
C ALA K 15 1.43 -27.39 -24.44
N ALA K 16 2.61 -27.01 -24.93
CA ALA K 16 3.84 -27.22 -24.17
C ALA K 16 3.81 -26.46 -22.85
N GLU K 17 3.33 -25.21 -22.85
CA GLU K 17 3.23 -24.45 -21.61
C GLU K 17 2.29 -25.12 -20.62
N PHE K 18 1.13 -25.56 -21.10
CA PHE K 18 0.11 -26.13 -20.23
C PHE K 18 0.60 -27.42 -19.59
N THR K 19 1.17 -28.33 -20.37
CA THR K 19 1.67 -29.58 -19.82
C THR K 19 2.88 -29.35 -18.91
N THR K 20 3.71 -28.35 -19.20
CA THR K 20 4.82 -28.01 -18.33
C THR K 20 4.31 -27.65 -16.94
N TYR K 21 3.22 -26.89 -16.88
CA TYR K 21 2.59 -26.58 -15.62
C TYR K 21 2.30 -27.84 -14.79
N TYR K 22 1.78 -28.88 -15.44
CA TYR K 22 1.55 -30.13 -14.73
C TYR K 22 2.86 -30.82 -14.35
N TYR K 23 3.75 -31.05 -15.33
CA TYR K 23 4.94 -31.85 -15.06
C TYR K 23 5.91 -31.18 -14.09
N TYR K 24 6.01 -29.86 -14.09
CA TYR K 24 6.88 -29.19 -13.14
C TYR K 24 6.34 -29.28 -11.72
N THR K 25 5.03 -29.41 -11.56
CA THR K 25 4.46 -29.66 -10.25
C THR K 25 5.04 -30.93 -9.64
N ILE K 26 5.07 -32.00 -10.43
CA ILE K 26 5.65 -33.25 -9.97
C ILE K 26 7.14 -33.08 -9.68
N LEU K 27 7.88 -32.46 -10.60
CA LEU K 27 9.32 -32.30 -10.41
C LEU K 27 9.62 -31.48 -9.16
N ARG K 28 8.85 -30.42 -8.91
CA ARG K 28 9.04 -29.61 -7.72
C ARG K 28 8.86 -30.45 -6.46
N ASN K 29 7.82 -31.29 -6.42
CA ASN K 29 7.55 -32.10 -5.25
C ASN K 29 8.65 -33.12 -4.98
N HIS K 30 9.46 -33.49 -5.98
CA HIS K 30 10.53 -34.45 -5.77
C HIS K 30 11.90 -33.80 -5.57
N ALA K 31 11.96 -32.47 -5.48
CA ALA K 31 13.21 -31.79 -5.18
C ALA K 31 13.39 -31.71 -3.66
N THR K 32 13.72 -32.85 -3.07
CA THR K 32 13.70 -33.03 -1.63
C THR K 32 15.11 -33.01 -1.05
N GLY K 33 15.19 -33.06 0.26
CA GLY K 33 16.46 -33.07 0.94
C GLY K 33 17.13 -31.71 0.96
N LEU K 34 18.36 -31.70 1.47
CA LEU K 34 19.08 -30.44 1.60
C LEU K 34 19.44 -29.87 0.23
N GLU K 35 19.88 -30.71 -0.71
CA GLU K 35 20.21 -30.18 -2.03
C GLU K 35 18.96 -29.89 -2.86
N GLY K 36 17.88 -30.63 -2.63
CA GLY K 36 16.62 -30.28 -3.27
C GLY K 36 16.13 -28.90 -2.88
N GLU K 37 16.37 -28.49 -1.63
CA GLU K 37 15.93 -27.20 -1.16
C GLU K 37 16.56 -26.07 -1.97
N ALA K 38 17.73 -26.30 -2.54
CA ALA K 38 18.38 -25.29 -3.37
C ALA K 38 17.58 -24.96 -4.63
N ILE K 39 16.81 -25.90 -5.17
CA ILE K 39 16.17 -25.72 -6.46
C ILE K 39 14.66 -25.63 -6.41
N LYS K 40 14.03 -25.95 -5.28
CA LYS K 40 12.57 -26.00 -5.22
C LYS K 40 11.94 -24.66 -5.61
N GLU K 41 12.44 -23.56 -5.07
CA GLU K 41 11.89 -22.25 -5.41
C GLU K 41 12.15 -21.88 -6.86
N ILE K 42 13.25 -22.34 -7.44
CA ILE K 42 13.54 -22.04 -8.82
C ILE K 42 12.58 -22.78 -9.75
N ILE K 43 12.30 -24.06 -9.46
CA ILE K 43 11.29 -24.79 -10.23
C ILE K 43 9.94 -24.09 -10.11
N GLU K 44 9.59 -23.64 -8.92
CA GLU K 44 8.29 -23.01 -8.73
C GLU K 44 8.19 -21.70 -9.50
N ASP K 45 9.25 -20.88 -9.51
CA ASP K 45 9.28 -19.70 -10.37
C ASP K 45 9.01 -20.06 -11.82
N ALA K 46 9.73 -21.04 -12.36
CA ALA K 46 9.55 -21.41 -13.75
C ALA K 46 8.15 -21.95 -14.02
N ARG K 47 7.64 -22.78 -13.11
CA ARG K 47 6.31 -23.37 -13.28
C ARG K 47 5.23 -22.30 -13.37
N LEU K 48 5.25 -21.32 -12.48
CA LEU K 48 4.23 -20.28 -12.50
C LEU K 48 4.36 -19.38 -13.71
N GLU K 49 5.59 -19.09 -14.15
CA GLU K 49 5.75 -18.27 -15.34
C GLU K 49 5.31 -19.02 -16.59
N ASP K 50 5.50 -20.34 -16.65
CA ASP K 50 5.02 -21.10 -17.80
C ASP K 50 3.51 -21.18 -17.82
N ARG K 51 2.88 -21.22 -16.65
CA ARG K 51 1.43 -21.06 -16.59
C ARG K 51 1.01 -19.69 -17.15
N ASN K 52 1.73 -18.63 -16.79
CA ASN K 52 1.46 -17.31 -17.37
C ASN K 52 1.64 -17.31 -18.89
N HIS K 53 2.58 -18.08 -19.41
CA HIS K 53 2.79 -18.11 -20.85
C HIS K 53 1.59 -18.69 -21.57
N PHE K 54 1.03 -19.78 -21.03
CA PHE K 54 -0.23 -20.32 -21.53
C PHE K 54 -1.33 -19.25 -21.52
N GLU K 55 -1.47 -18.54 -20.41
CA GLU K 55 -2.48 -17.49 -20.32
C GLU K 55 -2.25 -16.40 -21.35
N ALA K 56 -0.99 -16.05 -21.62
CA ALA K 56 -0.71 -15.02 -22.60
C ALA K 56 -0.97 -15.49 -24.04
N LEU K 57 -0.73 -16.77 -24.32
CA LEU K 57 -0.87 -17.26 -25.69
C LEU K 57 -2.32 -17.42 -26.12
N VAL K 58 -3.22 -17.79 -25.22
CA VAL K 58 -4.60 -18.09 -25.61
C VAL K 58 -5.31 -16.91 -26.26
N PRO K 59 -5.25 -15.69 -25.71
CA PRO K 59 -5.90 -14.56 -26.40
C PRO K 59 -5.38 -14.33 -27.80
N ARG K 60 -4.07 -14.47 -28.02
CA ARG K 60 -3.54 -14.27 -29.37
C ARG K 60 -4.04 -15.34 -30.32
N ILE K 61 -4.12 -16.59 -29.87
CA ILE K 61 -4.67 -17.65 -30.72
C ILE K 61 -6.09 -17.32 -31.16
N TYR K 62 -6.91 -16.79 -30.24
CA TYR K 62 -8.29 -16.46 -30.63
C TYR K 62 -8.33 -15.19 -31.48
N GLU K 63 -7.50 -14.18 -31.17
CA GLU K 63 -7.40 -13.00 -32.04
C GLU K 63 -7.12 -13.39 -33.48
N LEU K 64 -6.24 -14.36 -33.70
CA LEU K 64 -5.88 -14.80 -35.03
C LEU K 64 -6.90 -15.74 -35.65
N GLY K 65 -8.01 -16.00 -34.98
CA GLY K 65 -9.04 -16.88 -35.51
C GLY K 65 -8.84 -18.35 -35.26
N GLY K 66 -7.90 -18.73 -34.41
CA GLY K 66 -7.74 -20.11 -34.02
C GLY K 66 -8.56 -20.45 -32.79
N GLU K 67 -8.47 -21.70 -32.37
CA GLU K 67 -9.15 -22.14 -31.18
C GLU K 67 -8.37 -23.27 -30.53
N LEU K 68 -8.57 -23.42 -29.24
CA LEU K 68 -8.03 -24.57 -28.53
C LEU K 68 -8.74 -25.85 -28.98
N PRO K 69 -8.05 -26.98 -28.96
CA PRO K 69 -8.71 -28.26 -29.27
C PRO K 69 -9.84 -28.54 -28.30
N ARG K 70 -10.86 -29.24 -28.80
CA ARG K 70 -12.06 -29.53 -28.01
C ARG K 70 -11.75 -30.35 -26.77
N ASP K 71 -10.88 -31.34 -26.89
CA ASP K 71 -10.54 -32.26 -25.81
C ASP K 71 -9.16 -31.94 -25.26
N ILE K 72 -9.02 -32.01 -23.94
CA ILE K 72 -7.75 -31.72 -23.29
C ILE K 72 -6.67 -32.74 -23.68
N ARG K 73 -7.05 -33.97 -23.99
CA ARG K 73 -6.05 -34.97 -24.36
C ARG K 73 -5.47 -34.69 -25.73
N GLU K 74 -6.30 -34.24 -26.68
CA GLU K 74 -5.77 -33.79 -27.96
C GLU K 74 -4.85 -32.59 -27.80
N PHE K 75 -5.21 -31.66 -26.91
CA PHE K 75 -4.34 -30.52 -26.64
C PHE K 75 -2.98 -30.97 -26.16
N ALA K 76 -2.94 -31.85 -25.16
CA ALA K 76 -1.67 -32.31 -24.60
C ALA K 76 -0.82 -33.00 -25.66
N ASP K 77 -1.44 -33.77 -26.55
CA ASP K 77 -0.72 -34.45 -27.63
C ASP K 77 -0.04 -33.48 -28.59
N LEU K 78 -0.48 -32.24 -28.67
CA LEU K 78 0.09 -31.26 -29.57
C LEU K 78 1.36 -30.59 -29.04
N ALA K 79 1.77 -30.83 -27.79
CA ALA K 79 2.84 -30.05 -27.20
C ALA K 79 4.13 -30.15 -28.03
N SER K 80 4.73 -29.01 -28.32
CA SER K 80 5.93 -28.98 -29.15
C SER K 80 7.18 -29.41 -28.40
N CYS K 81 7.08 -29.77 -27.13
CA CYS K 81 8.16 -30.33 -26.35
C CYS K 81 7.78 -31.74 -25.89
N ARG K 82 8.79 -32.57 -25.65
CA ARG K 82 8.54 -33.84 -24.98
C ARG K 82 8.11 -33.58 -23.53
N ASP K 83 7.26 -34.46 -23.03
CA ASP K 83 6.80 -34.36 -21.65
C ASP K 83 7.99 -34.44 -20.69
N ALA K 84 8.04 -33.53 -19.72
CA ALA K 84 9.11 -33.49 -18.72
C ALA K 84 8.83 -34.48 -17.60
N TYR K 85 8.88 -35.77 -17.95
CA TYR K 85 8.62 -36.84 -16.99
C TYR K 85 9.63 -36.84 -15.86
N LEU K 86 9.15 -37.19 -14.68
CA LEU K 86 10.04 -37.49 -13.57
C LEU K 86 11.01 -38.59 -13.99
N PRO K 87 12.31 -38.43 -13.77
CA PRO K 87 13.27 -39.48 -14.14
C PRO K 87 13.04 -40.76 -13.37
N GLU K 88 13.41 -41.87 -13.99
CA GLU K 88 13.31 -43.17 -13.31
C GLU K 88 14.14 -43.19 -12.03
N GLU K 89 15.31 -42.55 -12.04
CA GLU K 89 16.10 -42.33 -10.83
C GLU K 89 16.03 -40.85 -10.47
N PRO K 90 15.06 -40.42 -9.68
CA PRO K 90 14.81 -38.98 -9.50
C PRO K 90 15.74 -38.28 -8.52
N THR K 91 17.04 -38.38 -8.77
CA THR K 91 18.01 -37.56 -8.07
C THR K 91 17.90 -36.10 -8.51
N ILE K 92 18.45 -35.20 -7.68
CA ILE K 92 18.43 -33.78 -8.01
C ILE K 92 19.12 -33.54 -9.36
N GLU K 93 20.24 -34.22 -9.57
CA GLU K 93 20.97 -34.09 -10.82
C GLU K 93 20.14 -34.52 -12.02
N ASN K 94 19.45 -35.66 -11.92
CA ASN K 94 18.61 -36.11 -13.02
C ASN K 94 17.39 -35.20 -13.22
N ILE K 95 16.85 -34.64 -12.14
CA ILE K 95 15.74 -33.73 -12.27
C ILE K 95 16.18 -32.46 -13.01
N LEU K 96 17.37 -31.96 -12.69
CA LEU K 96 17.88 -30.78 -13.37
C LEU K 96 18.08 -31.04 -14.87
N LYS K 97 18.53 -32.24 -15.23
CA LYS K 97 18.68 -32.58 -16.63
C LYS K 97 17.34 -32.50 -17.37
N VAL K 98 16.27 -32.99 -16.76
CA VAL K 98 14.95 -32.91 -17.36
C VAL K 98 14.54 -31.45 -17.53
N LEU K 99 14.74 -30.65 -16.47
CA LEU K 99 14.36 -29.24 -16.53
C LEU K 99 15.13 -28.50 -17.63
N LEU K 100 16.45 -28.68 -17.67
CA LEU K 100 17.26 -27.99 -18.67
C LEU K 100 16.83 -28.38 -20.08
N GLU K 101 16.61 -29.67 -20.32
CA GLU K 101 16.16 -30.12 -21.63
C GLU K 101 14.82 -29.50 -22.01
N ALA K 102 13.87 -29.45 -21.08
CA ALA K 102 12.59 -28.83 -21.36
C ALA K 102 12.74 -27.35 -21.69
N GLU K 103 13.58 -26.63 -20.95
CA GLU K 103 13.74 -25.20 -21.19
C GLU K 103 14.45 -24.92 -22.51
N ARG K 104 15.43 -25.76 -22.87
CA ARG K 104 16.09 -25.58 -24.14
C ARG K 104 15.13 -25.79 -25.30
N CYS K 105 14.24 -26.76 -25.19
CA CYS K 105 13.22 -26.92 -26.23
C CYS K 105 12.29 -25.71 -26.29
N ALA K 106 11.91 -25.16 -25.13
CA ALA K 106 11.06 -23.97 -25.13
C ALA K 106 11.75 -22.79 -25.83
N VAL K 107 13.03 -22.57 -25.52
CA VAL K 107 13.78 -21.51 -26.19
C VAL K 107 13.74 -21.70 -27.70
N GLY K 108 13.91 -22.95 -28.15
CA GLY K 108 13.79 -23.24 -29.57
C GLY K 108 12.44 -22.92 -30.16
N VAL K 109 11.37 -23.24 -29.42
CA VAL K 109 10.01 -23.02 -29.91
C VAL K 109 9.75 -21.55 -30.17
N TYR K 110 10.10 -20.68 -29.22
CA TYR K 110 9.80 -19.27 -29.39
C TYR K 110 10.77 -18.58 -30.34
N THR K 111 12.00 -19.08 -30.43
CA THR K 111 12.91 -18.61 -31.46
C THR K 111 12.33 -18.89 -32.85
N GLU K 112 11.75 -20.08 -33.05
CA GLU K 112 11.10 -20.39 -34.32
C GLU K 112 9.94 -19.43 -34.61
N ILE K 113 9.11 -19.13 -33.62
CA ILE K 113 7.97 -18.25 -33.85
C ILE K 113 8.45 -16.83 -34.14
N CYS K 114 9.43 -16.33 -33.38
CA CYS K 114 10.00 -15.02 -33.65
C CYS K 114 10.57 -14.94 -35.07
N ASN K 115 11.30 -15.97 -35.50
CA ASN K 115 11.86 -15.95 -36.84
C ASN K 115 10.76 -15.91 -37.90
N TYR K 116 9.68 -16.65 -37.67
CA TYR K 116 8.59 -16.71 -38.63
C TYR K 116 7.81 -15.39 -38.70
N THR K 117 7.69 -14.66 -37.61
CA THR K 117 6.86 -13.46 -37.59
C THR K 117 7.64 -12.16 -37.72
N PHE K 118 8.97 -12.21 -37.70
CA PHE K 118 9.79 -10.99 -37.69
C PHE K 118 9.48 -10.12 -38.91
N GLY K 119 9.07 -8.89 -38.67
CA GLY K 119 8.69 -7.98 -39.73
C GLY K 119 7.43 -8.33 -40.49
N LYS K 120 6.55 -9.16 -39.93
CA LYS K 120 5.33 -9.56 -40.61
C LYS K 120 4.11 -9.44 -39.70
N ASP K 121 4.18 -10.00 -38.48
CA ASP K 121 3.11 -9.95 -37.49
C ASP K 121 3.68 -9.34 -36.23
N PRO K 122 3.67 -8.00 -36.11
CA PRO K 122 4.37 -7.37 -34.98
C PRO K 122 3.80 -7.73 -33.61
N ARG K 123 2.49 -7.82 -33.47
CA ARG K 123 1.93 -8.20 -32.16
C ARG K 123 2.38 -9.61 -31.77
N THR K 124 2.26 -10.57 -32.68
CA THR K 124 2.67 -11.95 -32.37
C THR K 124 4.17 -12.02 -32.10
N TYR K 125 4.98 -11.34 -32.90
CA TYR K 125 6.42 -11.30 -32.67
C TYR K 125 6.73 -10.80 -31.28
N ASP K 126 6.10 -9.69 -30.86
CA ASP K 126 6.37 -9.12 -29.55
C ASP K 126 5.95 -10.05 -28.43
N LEU K 127 4.85 -10.78 -28.61
CA LEU K 127 4.44 -11.77 -27.63
C LEU K 127 5.43 -12.93 -27.57
N ALA K 128 5.80 -13.47 -28.74
CA ALA K 128 6.82 -14.52 -28.78
C ALA K 128 8.12 -14.06 -28.13
N LEU K 129 8.53 -12.82 -28.42
CA LEU K 129 9.75 -12.27 -27.82
C LEU K 129 9.63 -12.18 -26.30
N ALA K 130 8.51 -11.69 -25.79
CA ALA K 130 8.32 -11.58 -24.35
C ALA K 130 8.46 -12.94 -23.68
N ILE K 131 7.84 -13.97 -24.24
CA ILE K 131 7.98 -15.31 -23.68
C ILE K 131 9.41 -15.80 -23.83
N LEU K 132 10.03 -15.53 -24.97
CA LEU K 132 11.42 -15.93 -25.19
C LEU K 132 12.36 -15.37 -24.13
N HIS K 133 12.18 -14.10 -23.74
CA HIS K 133 12.95 -13.52 -22.63
C HIS K 133 12.89 -14.44 -21.42
N GLU K 134 11.69 -14.85 -21.03
CA GLU K 134 11.52 -15.64 -19.81
C GLU K 134 12.07 -17.05 -19.98
N GLU K 135 11.96 -17.64 -21.17
CA GLU K 135 12.53 -18.97 -21.38
C GLU K 135 14.05 -18.95 -21.34
N ILE K 136 14.67 -17.92 -21.93
CA ILE K 136 16.13 -17.80 -21.87
C ILE K 136 16.58 -17.66 -20.42
N GLU K 137 15.83 -16.91 -19.61
CA GLU K 137 16.15 -16.82 -18.19
C GLU K 137 15.95 -18.16 -17.48
N HIS K 138 14.87 -18.88 -17.77
CA HIS K 138 14.66 -20.21 -17.19
C HIS K 138 15.81 -21.13 -17.54
N GLU K 139 16.21 -21.16 -18.81
CA GLU K 139 17.33 -21.98 -19.23
C GLU K 139 18.60 -21.60 -18.48
N ALA K 140 18.83 -20.30 -18.29
CA ALA K 140 20.01 -19.84 -17.56
C ALA K 140 20.00 -20.33 -16.11
N TRP K 141 18.86 -20.22 -15.42
CA TRP K 141 18.76 -20.71 -14.04
C TRP K 141 19.20 -22.16 -13.94
N PHE K 142 18.65 -23.03 -14.80
CA PHE K 142 18.93 -24.45 -14.67
C PHE K 142 20.32 -24.81 -15.18
N GLU K 143 20.82 -24.16 -16.21
CA GLU K 143 22.18 -24.42 -16.66
C GLU K 143 23.20 -24.02 -15.59
N GLU K 144 22.95 -22.93 -14.87
CA GLU K 144 23.83 -22.56 -13.79
C GLU K 144 23.81 -23.60 -12.67
N LEU K 145 22.63 -24.06 -12.28
CA LEU K 145 22.54 -25.05 -11.21
C LEU K 145 23.20 -26.36 -11.59
N LEU K 146 23.09 -26.76 -12.85
CA LEU K 146 23.53 -28.07 -13.28
C LEU K 146 24.99 -28.10 -13.69
N THR K 147 25.41 -27.19 -14.57
CA THR K 147 26.75 -27.21 -15.14
C THR K 147 27.70 -26.21 -14.51
N GLY K 148 27.21 -25.30 -13.68
CA GLY K 148 28.06 -24.26 -13.13
C GLY K 148 28.44 -23.13 -14.07
N LYS K 149 27.76 -22.99 -15.20
CA LYS K 149 28.01 -21.84 -16.08
C LYS K 149 27.64 -20.56 -15.34
N PRO K 150 28.54 -19.57 -15.27
CA PRO K 150 28.20 -18.32 -14.59
C PRO K 150 27.02 -17.63 -15.24
N SER K 151 26.25 -16.93 -14.41
CA SER K 151 25.11 -16.19 -14.91
C SER K 151 24.84 -15.06 -13.93
N GLY K 152 24.20 -14.02 -14.42
CA GLY K 152 23.86 -12.90 -13.57
C GLY K 152 22.41 -12.86 -13.15
N HIS K 153 21.76 -14.01 -13.00
CA HIS K 153 20.35 -14.00 -12.64
C HIS K 153 20.12 -14.35 -11.18
N PHE K 154 19.00 -13.85 -10.66
CA PHE K 154 18.53 -14.07 -9.30
C PHE K 154 17.22 -14.81 -9.35
N ARG K 155 16.70 -15.13 -8.19
CA ARG K 155 15.30 -15.49 -8.09
C ARG K 155 14.46 -14.27 -8.42
N ARG K 156 13.24 -14.52 -8.85
CA ARG K 156 12.25 -13.48 -9.08
C ARG K 156 11.94 -12.77 -7.78
N GLY K 157 11.27 -11.63 -7.85
CA GLY K 157 10.71 -11.05 -6.64
C GLY K 157 9.72 -12.01 -6.03
N LYS K 158 8.58 -12.06 -6.56
CA LYS K 158 7.57 -13.05 -6.23
C LYS K 158 7.56 -14.15 -7.26
N PRO K 159 7.21 -15.38 -6.88
CA PRO K 159 7.07 -16.45 -7.88
C PRO K 159 5.98 -16.12 -8.88
N GLY K 160 6.25 -16.41 -10.15
CA GLY K 160 5.32 -16.09 -11.21
C GLY K 160 5.24 -14.62 -11.55
N GLU K 161 6.27 -13.85 -11.22
CA GLU K 161 6.26 -12.43 -11.51
C GLU K 161 6.08 -12.16 -13.00
N SER K 162 6.75 -12.94 -13.86
CA SER K 162 6.74 -12.76 -15.31
C SER K 162 6.97 -11.30 -15.71
N PRO K 163 8.15 -10.74 -15.44
CA PRO K 163 8.35 -9.31 -15.73
C PRO K 163 8.20 -8.96 -17.21
N TYR K 164 8.50 -9.87 -18.13
CA TYR K 164 8.42 -9.55 -19.54
C TYR K 164 7.04 -9.77 -20.14
N VAL K 165 6.30 -10.78 -19.68
CA VAL K 165 5.03 -11.08 -20.31
CA VAL K 165 5.02 -11.15 -20.27
C VAL K 165 3.85 -10.46 -19.59
N SER K 166 4.06 -9.84 -18.42
CA SER K 166 2.94 -9.32 -17.63
C SER K 166 2.08 -8.31 -18.39
N LYS K 167 2.69 -7.51 -19.27
CA LYS K 167 1.89 -6.58 -20.09
C LYS K 167 0.85 -7.30 -20.96
N PHE K 168 1.04 -8.58 -21.25
CA PHE K 168 0.04 -9.37 -21.95
C PHE K 168 -0.95 -10.05 -21.03
N LEU K 169 -0.80 -9.95 -19.72
CA LEU K 169 -1.62 -10.71 -18.79
C LEU K 169 -2.72 -9.84 -18.20
N LYS K 170 -3.87 -10.44 -17.98
CA LYS K 170 -5.01 -9.76 -17.38
C LYS K 170 -4.96 -9.86 -15.86
N ILE L 1 39.92 18.06 15.96
CA ILE L 1 39.90 17.11 14.87
C ILE L 1 40.54 17.70 13.61
N ASP L 2 41.43 16.95 12.99
CA ASP L 2 42.11 17.37 11.77
C ASP L 2 41.20 16.99 10.59
N VAL L 3 40.53 17.99 10.01
CA VAL L 3 39.53 17.71 8.99
C VAL L 3 40.17 17.14 7.74
N GLU L 4 41.38 17.57 7.39
CA GLU L 4 42.05 16.99 6.23
C GLU L 4 42.32 15.51 6.43
N LYS L 5 42.79 15.13 7.61
CA LYS L 5 42.99 13.72 7.91
C LYS L 5 41.67 12.95 7.87
N LEU L 6 40.62 13.52 8.45
CA LEU L 6 39.31 12.87 8.40
C LEU L 6 38.82 12.73 6.96
N LEU L 7 38.96 13.77 6.15
CA LEU L 7 38.53 13.70 4.76
C LEU L 7 39.26 12.60 4.01
N GLU L 8 40.55 12.43 4.28
CA GLU L 8 41.31 11.37 3.64
C GLU L 8 40.74 10.00 4.01
N LEU L 9 40.44 9.78 5.29
CA LEU L 9 39.84 8.52 5.70
C LEU L 9 38.50 8.28 5.02
N LEU L 10 37.65 9.31 4.95
CA LEU L 10 36.33 9.12 4.37
C LEU L 10 36.40 8.85 2.86
N ILE L 11 37.29 9.53 2.16
CA ILE L 11 37.42 9.31 0.73
C ILE L 11 37.95 7.91 0.45
N LYS L 12 38.92 7.45 1.23
CA LYS L 12 39.43 6.09 1.09
C LYS L 12 38.35 5.06 1.41
N ALA L 13 37.54 5.33 2.44
CA ALA L 13 36.41 4.45 2.72
C ALA L 13 35.42 4.43 1.56
N ALA L 14 35.11 5.59 1.00
CA ALA L 14 34.18 5.66 -0.13
C ALA L 14 34.72 4.90 -1.33
N ALA L 15 36.01 4.99 -1.59
CA ALA L 15 36.62 4.26 -2.69
C ALA L 15 36.52 2.76 -2.49
N ALA L 16 36.73 2.28 -1.26
CA ALA L 16 36.55 0.86 -0.97
C ALA L 16 35.11 0.42 -1.21
N GLU L 17 34.13 1.22 -0.81
CA GLU L 17 32.72 0.88 -1.07
C GLU L 17 32.44 0.79 -2.55
N PHE L 18 32.91 1.77 -3.32
CA PHE L 18 32.62 1.84 -4.74
C PHE L 18 33.22 0.66 -5.49
N THR L 19 34.48 0.34 -5.24
CA THR L 19 35.11 -0.80 -5.91
C THR L 19 34.51 -2.12 -5.45
N THR L 20 34.09 -2.22 -4.19
CA THR L 20 33.41 -3.42 -3.72
C THR L 20 32.16 -3.69 -4.53
N TYR L 21 31.41 -2.64 -4.84
CA TYR L 21 30.25 -2.75 -5.70
C TYR L 21 30.60 -3.44 -7.02
N TYR L 22 31.72 -3.07 -7.64
CA TYR L 22 32.14 -3.74 -8.86
C TYR L 22 32.59 -5.18 -8.59
N TYR L 23 33.52 -5.38 -7.66
CA TYR L 23 34.11 -6.71 -7.48
C TYR L 23 33.10 -7.74 -6.95
N TYR L 24 32.14 -7.33 -6.12
CA TYR L 24 31.14 -8.28 -5.65
C TYR L 24 30.19 -8.70 -6.77
N THR L 25 30.01 -7.85 -7.79
CA THR L 25 29.25 -8.25 -8.96
C THR L 25 29.86 -9.48 -9.61
N ILE L 26 31.17 -9.45 -9.81
CA ILE L 26 31.88 -10.60 -10.37
C ILE L 26 31.77 -11.81 -9.45
N LEU L 27 32.02 -11.62 -8.16
CA LEU L 27 31.97 -12.74 -7.23
C LEU L 27 30.58 -13.37 -7.19
N ARG L 28 29.53 -12.55 -7.21
CA ARG L 28 28.18 -13.08 -7.23
C ARG L 28 27.93 -13.94 -8.46
N ASN L 29 28.39 -13.49 -9.63
CA ASN L 29 28.17 -14.24 -10.85
C ASN L 29 28.91 -15.57 -10.85
N HIS L 30 29.94 -15.75 -10.05
CA HIS L 30 30.66 -17.01 -10.00
C HIS L 30 30.24 -17.91 -8.84
N ALA L 31 29.22 -17.54 -8.09
CA ALA L 31 28.68 -18.39 -7.04
C ALA L 31 27.64 -19.35 -7.64
N THR L 32 28.14 -20.33 -8.36
CA THR L 32 27.33 -21.18 -9.22
C THR L 32 27.12 -22.55 -8.57
N GLY L 33 26.30 -23.37 -9.21
CA GLY L 33 26.03 -24.70 -8.74
C GLY L 33 25.12 -24.72 -7.53
N LEU L 34 24.94 -25.92 -6.99
CA LEU L 34 24.03 -26.08 -5.87
C LEU L 34 24.56 -25.39 -4.62
N GLU L 35 25.86 -25.49 -4.34
CA GLU L 35 26.38 -24.81 -3.16
C GLU L 35 26.56 -23.31 -3.39
N GLY L 36 26.80 -22.88 -4.62
CA GLY L 36 26.78 -21.47 -4.91
C GLY L 36 25.44 -20.83 -4.65
N GLU L 37 24.35 -21.55 -4.89
CA GLU L 37 23.02 -21.02 -4.66
C GLU L 37 22.81 -20.63 -3.20
N ALA L 38 23.52 -21.27 -2.29
CA ALA L 38 23.41 -20.93 -0.88
C ALA L 38 23.90 -19.53 -0.58
N ILE L 39 24.83 -18.98 -1.35
CA ILE L 39 25.47 -17.71 -1.00
C ILE L 39 25.15 -16.58 -1.96
N LYS L 40 24.55 -16.85 -3.12
CA LYS L 40 24.35 -15.82 -4.12
C LYS L 40 23.54 -14.64 -3.57
N GLU L 41 22.43 -14.92 -2.88
CA GLU L 41 21.61 -13.85 -2.33
C GLU L 41 22.32 -13.11 -1.21
N ILE L 42 23.21 -13.77 -0.48
CA ILE L 42 23.94 -13.10 0.58
C ILE L 42 24.97 -12.14 0.00
N ILE L 43 25.67 -12.55 -1.06
CA ILE L 43 26.58 -11.63 -1.74
C ILE L 43 25.81 -10.44 -2.28
N GLU L 44 24.63 -10.68 -2.85
CA GLU L 44 23.86 -9.58 -3.43
C GLU L 44 23.40 -8.60 -2.35
N ASP L 45 22.94 -9.10 -1.20
CA ASP L 45 22.64 -8.22 -0.07
C ASP L 45 23.83 -7.33 0.28
N ALA L 46 25.00 -7.93 0.46
CA ALA L 46 26.18 -7.15 0.83
C ALA L 46 26.55 -6.14 -0.26
N ARG L 47 26.50 -6.57 -1.52
CA ARG L 47 26.87 -5.69 -2.63
C ARG L 47 25.99 -4.44 -2.67
N LEU L 48 24.67 -4.61 -2.54
CA LEU L 48 23.77 -3.46 -2.62
C LEU L 48 23.93 -2.55 -1.39
N GLU L 49 24.18 -3.13 -0.22
CA GLU L 49 24.38 -2.29 0.96
C GLU L 49 25.70 -1.53 0.87
N ASP L 50 26.73 -2.12 0.28
CA ASP L 50 27.99 -1.39 0.10
C ASP L 50 27.85 -0.27 -0.92
N ARG L 51 27.02 -0.47 -1.95
CA ARG L 51 26.66 0.64 -2.81
C ARG L 51 25.97 1.76 -2.02
N ASN L 52 25.05 1.40 -1.13
CA ASN L 52 24.42 2.39 -0.25
C ASN L 52 25.44 3.11 0.62
N HIS L 53 26.49 2.42 1.05
CA HIS L 53 27.49 3.07 1.90
C HIS L 53 28.24 4.15 1.14
N PHE L 54 28.60 3.87 -0.12
CA PHE L 54 29.15 4.91 -0.99
C PHE L 54 28.20 6.10 -1.10
N GLU L 55 26.92 5.85 -1.33
CA GLU L 55 25.94 6.93 -1.44
C GLU L 55 25.84 7.72 -0.14
N ALA L 56 25.96 7.06 1.00
CA ALA L 56 25.88 7.77 2.27
C ALA L 56 27.13 8.58 2.55
N LEU L 57 28.30 8.12 2.12
CA LEU L 57 29.55 8.81 2.43
C LEU L 57 29.75 10.08 1.62
N VAL L 58 29.29 10.11 0.38
CA VAL L 58 29.59 11.24 -0.50
C VAL L 58 29.04 12.56 0.04
N PRO L 59 27.78 12.66 0.50
CA PRO L 59 27.33 13.93 1.07
C PRO L 59 28.15 14.40 2.25
N ARG L 60 28.58 13.50 3.13
CA ARG L 60 29.39 13.92 4.27
C ARG L 60 30.75 14.45 3.80
N ILE L 61 31.36 13.81 2.81
CA ILE L 61 32.62 14.31 2.27
C ILE L 61 32.47 15.74 1.77
N TYR L 62 31.37 16.04 1.07
CA TYR L 62 31.18 17.40 0.56
C TYR L 62 30.80 18.36 1.69
N GLU L 63 29.98 17.93 2.65
CA GLU L 63 29.70 18.76 3.82
C GLU L 63 30.97 19.22 4.51
N LEU L 64 31.95 18.33 4.63
CA LEU L 64 33.20 18.66 5.29
C LEU L 64 34.17 19.42 4.40
N GLY L 65 33.77 19.79 3.18
CA GLY L 65 34.61 20.53 2.29
C GLY L 65 35.57 19.72 1.45
N GLY L 66 35.40 18.40 1.41
CA GLY L 66 36.20 17.58 0.53
C GLY L 66 35.52 17.38 -0.81
N GLU L 67 36.19 16.63 -1.67
CA GLU L 67 35.62 16.31 -2.98
C GLU L 67 36.14 14.96 -3.44
N LEU L 68 35.37 14.33 -4.31
CA LEU L 68 35.82 13.12 -4.96
C LEU L 68 36.97 13.45 -5.93
N PRO L 69 37.88 12.52 -6.14
CA PRO L 69 38.94 12.73 -7.14
C PRO L 69 38.35 12.94 -8.53
N ARG L 70 39.06 13.71 -9.33
CA ARG L 70 38.58 14.07 -10.67
C ARG L 70 38.41 12.85 -11.56
N ASP L 71 39.34 11.91 -11.51
CA ASP L 71 39.35 10.73 -12.36
C ASP L 71 38.94 9.50 -11.55
N ILE L 72 38.14 8.63 -12.16
CA ILE L 72 37.67 7.42 -11.50
C ILE L 72 38.84 6.47 -11.19
N ARG L 73 39.90 6.48 -11.99
CA ARG L 73 41.02 5.58 -11.72
C ARG L 73 41.80 6.01 -10.48
N GLU L 74 41.98 7.33 -10.30
CA GLU L 74 42.57 7.81 -9.05
C GLU L 74 41.70 7.45 -7.86
N PHE L 75 40.38 7.56 -8.00
CA PHE L 75 39.48 7.18 -6.92
C PHE L 75 39.69 5.72 -6.54
N ALA L 76 39.68 4.82 -7.52
CA ALA L 76 39.82 3.40 -7.23
C ALA L 76 41.15 3.10 -6.54
N ASP L 77 42.22 3.79 -6.94
CA ASP L 77 43.52 3.60 -6.32
C ASP L 77 43.55 3.98 -4.84
N LEU L 78 42.61 4.81 -4.39
CA LEU L 78 42.57 5.24 -3.00
C LEU L 78 41.91 4.22 -2.06
N ALA L 79 41.32 3.14 -2.56
CA ALA L 79 40.51 2.28 -1.70
C ALA L 79 41.31 1.74 -0.51
N SER L 80 40.73 1.87 0.67
CA SER L 80 41.42 1.45 1.88
C SER L 80 41.42 -0.07 2.08
N CYS L 81 40.83 -0.82 1.16
CA CYS L 81 40.89 -2.27 1.15
C CYS L 81 41.57 -2.75 -0.13
N ARG L 82 42.16 -3.93 -0.08
CA ARG L 82 42.61 -4.58 -1.29
C ARG L 82 41.42 -4.97 -2.16
N ASP L 83 41.61 -4.93 -3.47
CA ASP L 83 40.56 -5.33 -4.39
C ASP L 83 40.16 -6.79 -4.15
N ALA L 84 38.85 -7.03 -4.08
CA ALA L 84 38.31 -8.37 -3.87
C ALA L 84 38.26 -9.15 -5.19
N TYR L 85 39.44 -9.45 -5.71
CA TYR L 85 39.57 -10.17 -6.98
C TYR L 85 38.96 -11.56 -6.88
N LEU L 86 38.38 -11.99 -7.98
CA LEU L 86 38.00 -13.38 -8.13
C LEU L 86 39.21 -14.27 -7.93
N PRO L 87 39.13 -15.31 -7.11
CA PRO L 87 40.29 -16.19 -6.89
C PRO L 87 40.69 -16.91 -8.17
N GLU L 88 41.97 -17.24 -8.25
CA GLU L 88 42.46 -18.01 -9.40
C GLU L 88 41.76 -19.35 -9.52
N GLU L 89 41.45 -20.00 -8.39
CA GLU L 89 40.59 -21.18 -8.35
C GLU L 89 39.26 -20.79 -7.73
N PRO L 90 38.28 -20.37 -8.52
CA PRO L 90 37.07 -19.75 -7.94
C PRO L 90 36.04 -20.75 -7.43
N THR L 91 36.45 -21.61 -6.52
CA THR L 91 35.52 -22.44 -5.77
C THR L 91 34.71 -21.59 -4.79
N ILE L 92 33.58 -22.13 -4.33
CA ILE L 92 32.76 -21.42 -3.36
C ILE L 92 33.55 -21.11 -2.11
N GLU L 93 34.36 -22.07 -1.66
CA GLU L 93 35.18 -21.88 -0.49
C GLU L 93 36.18 -20.73 -0.67
N ASN L 94 36.86 -20.68 -1.82
CA ASN L 94 37.80 -19.59 -2.06
C ASN L 94 37.09 -18.26 -2.24
N ILE L 95 35.89 -18.26 -2.81
CA ILE L 95 35.15 -17.01 -2.94
C ILE L 95 34.77 -16.48 -1.56
N LEU L 96 34.34 -17.37 -0.67
CA LEU L 96 34.00 -16.94 0.69
C LEU L 96 35.20 -16.36 1.41
N LYS L 97 36.40 -16.93 1.21
CA LYS L 97 37.59 -16.36 1.82
C LYS L 97 37.83 -14.94 1.37
N VAL L 98 37.64 -14.65 0.08
CA VAL L 98 37.80 -13.29 -0.42
C VAL L 98 36.76 -12.37 0.22
N LEU L 99 35.51 -12.81 0.28
CA LEU L 99 34.46 -11.99 0.87
C LEU L 99 34.75 -11.70 2.33
N LEU L 100 35.09 -12.73 3.11
CA LEU L 100 35.35 -12.53 4.53
C LEU L 100 36.51 -11.57 4.74
N GLU L 101 37.59 -11.73 3.99
CA GLU L 101 38.72 -10.82 4.09
C GLU L 101 38.33 -9.38 3.77
N ALA L 102 37.55 -9.17 2.71
CA ALA L 102 37.10 -7.83 2.38
C ALA L 102 36.24 -7.23 3.48
N GLU L 103 35.34 -8.01 4.07
CA GLU L 103 34.47 -7.49 5.11
C GLU L 103 35.23 -7.19 6.39
N ARG L 104 36.22 -8.02 6.73
CA ARG L 104 37.03 -7.74 7.91
C ARG L 104 37.81 -6.45 7.74
N CYS L 105 38.33 -6.18 6.55
CA CYS L 105 38.99 -4.91 6.32
C CYS L 105 38.01 -3.74 6.45
N ALA L 106 36.79 -3.90 5.94
CA ALA L 106 35.79 -2.85 6.06
C ALA L 106 35.48 -2.55 7.53
N VAL L 107 35.29 -3.59 8.33
CA VAL L 107 35.06 -3.40 9.76
C VAL L 107 36.19 -2.60 10.38
N GLY L 108 37.43 -2.92 10.01
CA GLY L 108 38.57 -2.14 10.49
C GLY L 108 38.52 -0.69 10.07
N VAL L 109 38.14 -0.42 8.83
CA VAL L 109 38.10 0.95 8.31
C VAL L 109 37.15 1.82 9.12
N TYR L 110 35.93 1.34 9.37
CA TYR L 110 34.97 2.17 10.06
C TYR L 110 35.22 2.21 11.56
N THR L 111 35.80 1.16 12.13
CA THR L 111 36.28 1.24 13.50
C THR L 111 37.31 2.34 13.66
N GLU L 112 38.24 2.46 12.71
CA GLU L 112 39.22 3.54 12.74
C GLU L 112 38.55 4.91 12.70
N ILE L 113 37.56 5.09 11.82
CA ILE L 113 36.90 6.39 11.70
C ILE L 113 36.11 6.71 12.97
N CYS L 114 35.38 5.73 13.51
CA CYS L 114 34.66 5.91 14.76
C CYS L 114 35.62 6.32 15.89
N ASN L 115 36.76 5.63 16.01
CA ASN L 115 37.72 5.98 17.05
C ASN L 115 38.23 7.41 16.88
N TYR L 116 38.47 7.82 15.64
CA TYR L 116 39.00 9.15 15.39
C TYR L 116 37.97 10.25 15.67
N THR L 117 36.69 9.99 15.46
CA THR L 117 35.68 11.02 15.60
C THR L 117 34.92 10.98 16.92
N PHE L 118 35.12 9.96 17.74
CA PHE L 118 34.34 9.78 18.97
C PHE L 118 34.46 11.01 19.87
N GLY L 119 33.33 11.61 20.20
CA GLY L 119 33.31 12.82 21.00
C GLY L 119 33.89 14.06 20.37
N LYS L 120 34.00 14.11 19.04
CA LYS L 120 34.57 15.26 18.35
C LYS L 120 33.72 15.70 17.17
N ASP L 121 33.35 14.77 16.29
CA ASP L 121 32.51 15.04 15.12
C ASP L 121 31.28 14.13 15.21
N PRO L 122 30.23 14.54 15.91
CA PRO L 122 29.12 13.62 16.16
C PRO L 122 28.40 13.15 14.91
N ARG L 123 28.19 14.02 13.91
CA ARG L 123 27.54 13.57 12.69
C ARG L 123 28.37 12.51 11.97
N THR L 124 29.66 12.76 11.80
CA THR L 124 30.53 11.79 11.13
C THR L 124 30.62 10.48 11.92
N TYR L 125 30.75 10.59 13.25
CA TYR L 125 30.77 9.39 14.08
C TYR L 125 29.52 8.55 13.87
N ASP L 126 28.35 9.19 13.88
CA ASP L 126 27.10 8.47 13.74
C ASP L 126 26.99 7.82 12.36
N LEU L 127 27.49 8.49 11.32
CA LEU L 127 27.52 7.88 9.99
C LEU L 127 28.48 6.69 9.94
N ALA L 128 29.69 6.86 10.45
CA ALA L 128 30.64 5.76 10.54
C ALA L 128 30.05 4.60 11.33
N LEU L 129 29.39 4.88 12.45
CA LEU L 129 28.75 3.83 13.24
C LEU L 129 27.67 3.10 12.46
N ALA L 130 26.81 3.85 11.76
CA ALA L 130 25.75 3.22 10.98
C ALA L 130 26.34 2.24 9.95
N ILE L 131 27.39 2.66 9.24
CA ILE L 131 28.01 1.76 8.28
C ILE L 131 28.67 0.59 9.01
N LEU L 132 29.30 0.86 10.15
CA LEU L 132 29.95 -0.19 10.92
C LEU L 132 28.95 -1.28 11.32
N HIS L 133 27.74 -0.91 11.74
CA HIS L 133 26.70 -1.90 12.00
C HIS L 133 26.56 -2.86 10.83
N GLU L 134 26.43 -2.33 9.62
CA GLU L 134 26.19 -3.17 8.46
C GLU L 134 27.43 -4.00 8.09
N GLU L 135 28.63 -3.46 8.27
CA GLU L 135 29.82 -4.25 7.98
C GLU L 135 30.00 -5.39 8.97
N ILE L 136 29.71 -5.16 10.25
CA ILE L 136 29.79 -6.24 11.24
C ILE L 136 28.79 -7.33 10.89
N GLU L 137 27.61 -6.96 10.41
CA GLU L 137 26.64 -7.95 9.96
C GLU L 137 27.14 -8.69 8.71
N HIS L 138 27.71 -7.96 7.74
CA HIS L 138 28.27 -8.61 6.57
C HIS L 138 29.35 -9.61 6.95
N GLU L 139 30.26 -9.21 7.83
CA GLU L 139 31.30 -10.11 8.30
C GLU L 139 30.69 -11.35 8.96
N ALA L 140 29.65 -11.16 9.76
CA ALA L 140 29.00 -12.28 10.42
C ALA L 140 28.39 -13.26 9.41
N TRP L 141 27.70 -12.75 8.39
CA TRP L 141 27.13 -13.63 7.35
C TRP L 141 28.20 -14.53 6.75
N PHE L 142 29.33 -13.95 6.34
CA PHE L 142 30.33 -14.73 5.64
C PHE L 142 31.13 -15.63 6.58
N GLU L 143 31.40 -15.19 7.81
CA GLU L 143 32.07 -16.05 8.76
C GLU L 143 31.22 -17.27 9.12
N GLU L 144 29.90 -17.08 9.22
CA GLU L 144 29.03 -18.22 9.45
C GLU L 144 29.07 -19.21 8.29
N LEU L 145 28.98 -18.71 7.06
CA LEU L 145 28.99 -19.58 5.89
C LEU L 145 30.31 -20.34 5.76
N LEU L 146 31.42 -19.69 6.11
CA LEU L 146 32.73 -20.26 5.85
C LEU L 146 33.22 -21.13 7.00
N THR L 147 33.19 -20.63 8.21
CA THR L 147 33.77 -21.32 9.36
C THR L 147 32.75 -22.03 10.24
N GLY L 148 31.46 -21.79 10.03
CA GLY L 148 30.45 -22.37 10.89
C GLY L 148 30.29 -21.72 12.26
N LYS L 149 30.84 -20.53 12.47
CA LYS L 149 30.60 -19.81 13.72
C LYS L 149 29.12 -19.48 13.85
N PRO L 150 28.47 -19.84 14.96
CA PRO L 150 27.05 -19.53 15.11
C PRO L 150 26.80 -18.03 15.07
N SER L 151 25.64 -17.66 14.56
CA SER L 151 25.25 -16.27 14.49
C SER L 151 23.74 -16.21 14.47
N GLY L 152 23.21 -15.08 14.90
CA GLY L 152 21.77 -14.90 14.89
C GLY L 152 21.26 -14.04 13.77
N HIS L 153 21.91 -14.06 12.60
CA HIS L 153 21.48 -13.18 11.51
C HIS L 153 20.74 -13.95 10.43
N PHE L 154 19.87 -13.23 9.73
CA PHE L 154 19.08 -13.73 8.61
C PHE L 154 19.48 -12.96 7.37
N ARG L 155 18.87 -13.35 6.26
CA ARG L 155 18.87 -12.48 5.10
C ARG L 155 18.07 -11.24 5.42
N ARG L 156 18.37 -10.17 4.70
CA ARG L 156 17.62 -8.93 4.77
C ARG L 156 16.19 -9.17 4.33
N GLY L 157 15.30 -8.21 4.56
CA GLY L 157 14.00 -8.27 3.94
C GLY L 157 14.17 -8.21 2.44
N LYS L 158 14.39 -7.08 1.93
CA LYS L 158 14.76 -6.87 0.55
C LYS L 158 16.26 -6.68 0.43
N PRO L 159 16.87 -7.06 -0.69
CA PRO L 159 18.29 -6.79 -0.89
C PRO L 159 18.56 -5.28 -0.91
N GLY L 160 19.65 -4.89 -0.26
CA GLY L 160 19.97 -3.49 -0.15
C GLY L 160 19.12 -2.72 0.81
N GLU L 161 18.47 -3.39 1.75
CA GLU L 161 17.61 -2.71 2.70
C GLU L 161 18.37 -1.65 3.50
N SER L 162 19.61 -1.95 3.90
CA SER L 162 20.43 -1.07 4.74
C SER L 162 19.65 -0.50 5.92
N PRO L 163 19.22 -1.33 6.87
CA PRO L 163 18.39 -0.80 7.96
C PRO L 163 19.08 0.26 8.81
N TYR L 164 20.40 0.22 8.95
CA TYR L 164 21.10 1.19 9.79
C TYR L 164 21.45 2.48 9.06
N VAL L 165 21.80 2.41 7.78
CA VAL L 165 22.26 3.60 7.10
CA VAL L 165 22.28 3.56 7.04
C VAL L 165 21.16 4.31 6.33
N SER L 166 19.96 3.72 6.23
CA SER L 166 18.90 4.30 5.40
C SER L 166 18.54 5.72 5.81
N LYS L 167 18.61 6.07 7.09
CA LYS L 167 18.35 7.44 7.52
C LYS L 167 19.31 8.45 6.87
N PHE L 168 20.48 8.01 6.41
CA PHE L 168 21.39 8.87 5.67
C PHE L 168 21.14 8.86 4.17
N LEU L 169 20.23 8.03 3.66
CA LEU L 169 20.06 7.85 2.23
C LEU L 169 18.87 8.66 1.72
N LYS L 170 19.01 9.19 0.52
CA LYS L 170 17.95 9.95 -0.14
C LYS L 170 17.02 9.04 -0.92
FE FE M . -9.28 24.83 14.66
FE FE N . -10.56 22.98 17.66
FE FE O . -9.22 6.04 31.27
O O P . -6.15 4.67 19.44
FE FE Q . -7.17 3.36 20.70
O O R . -6.08 4.08 22.34
O O S . -8.38 3.90 24.04
O O T . -5.73 3.10 25.20
FE FE U . -7.00 4.58 25.82
O O V . -6.28 5.80 24.39
FE FE W . -7.45 5.48 22.64
O O X . -8.55 6.08 26.27
FE FE Y . -9.72 4.58 27.88
O O Z . -10.30 4.88 29.56
FE FE AA . -23.44 -11.17 15.60
FE FE BA . -22.33 -9.77 18.91
FE FE CA . -12.24 5.81 30.26
O O DA . -8.27 2.87 18.98
O O EA . -10.87 3.84 25.81
FE FE FA . -9.97 5.46 24.70
O O GA . -8.72 4.63 21.33
FE FE HA . -9.56 3.12 22.30
O O IA . -10.77 4.71 23.02
O O JA . -8.87 6.68 23.54
FE FE KA . 12.87 -4.36 27.08
FE FE LA . 10.20 -2.57 29.01
FE FE MA . -10.66 3.21 31.23
O O NA . -10.44 1.92 23.75
FE FE OA . -9.35 2.30 25.40
O O PA . -7.85 1.26 24.60
FE FE QA . -6.70 2.52 23.44
O O RA . -5.80 1.92 19.99
O O SA . -7.97 1.94 22.05
O O TA . -8.01 2.97 26.99
FE FE UA . 15.20 22.19 13.95
FE FE VA . 16.46 23.78 10.78
FE FE WA . 13.58 28.48 -10.26
O O XA . 9.03 18.04 -5.63
FE FE YA . 9.93 18.38 -7.49
O O ZA . 9.91 22.86 -6.95
FE FE AB . 10.55 23.44 -8.77
O O BB . 11.58 21.33 -8.69
O O CB . 8.97 22.49 -9.66
FE FE DB . 10.81 20.98 -6.56
O O EB . 9.17 20.34 -7.49
O O FB . 12.38 24.22 -7.83
FE FE GB . 13.44 24.77 -10.04
O O HB . 14.24 26.27 -10.62
FE FE IB . 22.67 4.53 -19.60
FE FE JB . 22.21 8.26 -19.79
FE FE KB . 16.36 26.95 -10.30
O O LB . 10.73 16.46 -7.24
FE FE MB . 13.48 22.32 -7.80
O O NB . 12.51 22.04 -6.08
O O OB . 13.96 20.36 -7.78
FE FE PB . 12.40 19.25 -8.69
O O QB . 11.74 19.22 -6.84
O O RB . 14.20 22.41 -9.84
FE FE SB . -10.44 24.20 -15.00
FE FE TB . -7.28 26.21 -14.62
FE FE UB . 14.39 26.98 -12.92
O O VB . 10.60 18.79 -9.44
FE FE WB . 9.61 20.50 -9.44
O O XB . 10.64 20.75 -11.22
O O YB . 11.38 23.58 -10.85
FE FE ZB . 12.39 21.64 -10.84
O O AC . 8.26 17.37 -8.27
O O BC . 13.20 19.84 -10.53
FE FE CC . -29.28 7.74 0.86
FE FE DC . -30.09 6.35 -2.54
FE FE EC . -26.47 -8.34 -18.18
FE FE FC . -17.22 -5.01 -13.07
FE FE GC . -20.11 -5.13 -13.01
O O HC . -18.70 -6.48 -12.75
O O IC . -20.05 -5.83 -15.13
FE FE JC . -21.53 -7.60 -14.82
O O KC . -23.09 -6.13 -15.17
O O LC . -17.21 -4.60 -11.02
O O MC . -21.32 -6.86 -12.97
FE FE NC . -23.25 -6.81 -17.56
O O OC . -24.63 -7.23 -18.62
O O PC . -19.83 -8.63 -14.55
FE FE QC . -5.48 4.90 -29.45
FE FE RC . -8.56 2.73 -29.59
FE FE SC . -26.09 -5.59 -19.76
FE FE TC . -18.50 -4.23 -15.56
O O UC . -18.81 -3.76 -13.66
O O VC . -21.80 -4.10 -13.67
FE FE WC . -21.80 -4.41 -15.64
O O XC . -15.88 -3.41 -13.21
O O YC . -20.24 -3.16 -15.81
O O ZC . -21.54 -4.98 -17.74
FE FE AD . -12.97 -26.33 -7.61
FE FE BD . -15.95 -24.76 -9.30
FE FE CD . -24.59 -8.34 -20.66
O O DD . -15.52 -6.15 -12.65
FE FE ED . -18.32 -7.24 -14.57
O O FD . -17.19 -5.68 -15.06
O O GD . -21.19 -8.09 -16.95
O O HD . -18.65 -4.77 -17.58
FE FE ID . -19.85 -6.41 -17.40
O O JD . -18.31 -7.49 -16.68
FE FE KD . 2.97 -24.70 17.27
FE FE LD . 5.56 -26.32 15.10
FE FE MD . 22.31 -24.54 1.33
FE FE ND . 14.53 -16.79 -0.16
O O OD . 16.23 -17.03 1.06
FE FE PD . 15.60 -18.82 1.59
O O QD . 16.88 -19.50 -0.12
FE FE RD . 18.85 -19.61 1.11
O O SD . 17.54 -18.89 2.45
O O TD . 13.49 -15.96 1.47
FE FE UD . 19.62 -22.59 -0.15
O O VD . 20.82 -23.93 -0.16
O O WD . 18.20 -21.62 1.65
O O XD . 19.09 -17.75 0.41
FE FE YD . 7.05 -20.79 -20.94
FE FE ZD . 10.07 -22.10 -19.12
FE FE AE . 20.25 -26.31 -0.35
O O BE . 14.15 -18.83 0.21
FE FE CE . 15.08 -19.31 -1.47
O O DE . 14.82 -21.23 -0.74
O O EE . 12.70 -16.62 -1.16
O O FE . 15.48 -20.87 1.98
FE FE GE . 16.40 -21.70 0.40
O O HE . 17.48 -22.28 -1.41
FE FE IE . 30.12 -1.04 3.18
FE FE JE . 30.30 -4.79 3.46
FE FE KE . 22.43 -24.39 -1.76
O O LE . 14.82 -14.81 -0.74
O O ME . 15.74 -17.44 -1.74
FE FE NE . 17.35 -17.30 -0.58
O O OE . 18.25 -18.22 -2.28
FE FE PE . 18.05 -20.21 -2.03
O O QE . 16.25 -20.18 -2.98
O O RE . 19.86 -20.19 -0.77
#